data_6R23
# 
_entry.id   6R23 
# 
_audit_conform.dict_name       mmcif_pdbx.dic 
_audit_conform.dict_version    5.392 
_audit_conform.dict_location   http://mmcif.pdb.org/dictionaries/ascii/mmcif_pdbx.dic 
# 
loop_
_database_2.database_id 
_database_2.database_code 
_database_2.pdbx_database_accession 
_database_2.pdbx_DOI 
PDB   6R23         pdb_00006r23 10.2210/pdb6r23/pdb 
WWPDB D_1200012600 ?            ?                   
EMDB  EMD-4708     ?            ?                   
# 
loop_
_pdbx_audit_revision_history.ordinal 
_pdbx_audit_revision_history.data_content_type 
_pdbx_audit_revision_history.major_revision 
_pdbx_audit_revision_history.minor_revision 
_pdbx_audit_revision_history.revision_date 
1 'Structure model' 1 0 2019-05-08 
2 'Structure model' 1 1 2019-05-22 
3 'Structure model' 1 2 2019-11-06 
4 'Structure model' 1 3 2024-05-15 
# 
_pdbx_audit_revision_details.ordinal             1 
_pdbx_audit_revision_details.revision_ordinal    1 
_pdbx_audit_revision_details.data_content_type   'Structure model' 
_pdbx_audit_revision_details.provider            repository 
_pdbx_audit_revision_details.type                'Initial release' 
_pdbx_audit_revision_details.description         ? 
_pdbx_audit_revision_details.details             ? 
# 
loop_
_pdbx_audit_revision_group.ordinal 
_pdbx_audit_revision_group.revision_ordinal 
_pdbx_audit_revision_group.data_content_type 
_pdbx_audit_revision_group.group 
1 2 'Structure model' 'Data collection'        
2 2 'Structure model' 'Database references'    
3 3 'Structure model' 'Data collection'        
4 3 'Structure model' 'Refinement description' 
5 4 'Structure model' 'Data collection'        
6 4 'Structure model' 'Database references'    
# 
loop_
_pdbx_audit_revision_category.ordinal 
_pdbx_audit_revision_category.revision_ordinal 
_pdbx_audit_revision_category.data_content_type 
_pdbx_audit_revision_category.category 
1 2 'Structure model' citation           
2 2 'Structure model' em_admin           
3 2 'Structure model' pdbx_database_proc 
4 3 'Structure model' em_3d_fitting      
5 4 'Structure model' chem_comp_atom     
6 4 'Structure model' chem_comp_bond     
7 4 'Structure model' database_2         
# 
loop_
_pdbx_audit_revision_item.ordinal 
_pdbx_audit_revision_item.revision_ordinal 
_pdbx_audit_revision_item.data_content_type 
_pdbx_audit_revision_item.item 
1 2 'Structure model' '_citation.journal_volume'            
2 2 'Structure model' '_citation.page_first'                
3 2 'Structure model' '_citation.page_last'                 
4 2 'Structure model' '_em_admin.last_update'               
5 3 'Structure model' '_em_3d_fitting.target_criteria'      
6 4 'Structure model' '_database_2.pdbx_DOI'                
7 4 'Structure model' '_database_2.pdbx_database_accession' 
# 
_pdbx_database_status.status_code                     REL 
_pdbx_database_status.status_code_sf                  ? 
_pdbx_database_status.status_code_mr                  ? 
_pdbx_database_status.entry_id                        6R23 
_pdbx_database_status.recvd_initial_deposition_date   2019-03-15 
_pdbx_database_status.SG_entry                        N 
_pdbx_database_status.deposit_site                    PDBE 
_pdbx_database_status.process_site                    PDBE 
_pdbx_database_status.status_code_cs                  ? 
_pdbx_database_status.methods_development_category    ? 
_pdbx_database_status.pdb_format_compatible           Y 
_pdbx_database_status.status_code_nmr_data            ? 
# 
_pdbx_database_related.db_name        EMDB 
_pdbx_database_related.details        'The structure of a Ty3 retrotransposon capsid C-terminal domain dimer' 
_pdbx_database_related.db_id          EMD-4708 
_pdbx_database_related.content_type   'associated EM volume' 
# 
loop_
_audit_author.name 
_audit_author.pdbx_ordinal 
_audit_author.identifier_ORCID 
'Dodonova, S.O.' 1 0000-0002-5002-8138 
'Prinz, S.'      2 ?                   
'Bilanchone, V.' 3 ?                   
'Sandmeyer, S.'  4 ?                   
'Briggs, J.A.G.' 5 0000-0003-3990-6910 
# 
_citation.abstract                  ? 
_citation.abstract_id_CAS           ? 
_citation.book_id_ISBN              ? 
_citation.book_publisher            ? 
_citation.book_publisher_city       ? 
_citation.book_title                ? 
_citation.coordinate_linkage        ? 
_citation.country                   US 
_citation.database_id_Medline       ? 
_citation.details                   ? 
_citation.id                        primary 
_citation.journal_abbrev            Proc.Natl.Acad.Sci.USA 
_citation.journal_id_ASTM           PNASA6 
_citation.journal_id_CSD            0040 
_citation.journal_id_ISSN           1091-6490 
_citation.journal_full              ? 
_citation.journal_issue             ? 
_citation.journal_volume            116 
_citation.language                  ? 
_citation.page_first                10048 
_citation.page_last                 10057 
_citation.title                     'Structure of the Ty3/Gypsy retrotransposon capsid and the evolution of retroviruses.' 
_citation.year                      2019 
_citation.database_id_CSD           ? 
_citation.pdbx_database_id_DOI      10.1073/pnas.1900931116 
_citation.pdbx_database_id_PubMed   31036670 
_citation.unpublished_flag          ? 
# 
loop_
_citation_author.citation_id 
_citation_author.name 
_citation_author.ordinal 
_citation_author.identifier_ORCID 
primary 'Dodonova, S.O.' 1 0000-0002-5002-8138 
primary 'Prinz, S.'      2 ?                   
primary 'Bilanchone, V.' 3 0000-0001-9169-3698 
primary 'Sandmeyer, S.'  4 ?                   
primary 'Briggs, J.A.G.' 5 0000-0003-3990-6910 
# 
_entity.id                         1 
_entity.type                       polymer 
_entity.src_method                 man 
_entity.pdbx_description           'Transposon Ty3-I Gag-Pol polyprotein' 
_entity.formula_weight             36382.371 
_entity.pdbx_number_of_molecules   2 
_entity.pdbx_ec                    3.4.23.-,2.7.7.49,2.7.7.7,3.1.26.4 
_entity.pdbx_mutation              D336I 
_entity.pdbx_fragment              ? 
_entity.details                    'D336I mutation in the active center of the Ty3 protease' 
# 
_entity_name_com.entity_id   1 
_entity_name_com.name        'Gag3-Pol3,Transposon Ty3-2 TYA-TYB polyprotein' 
# 
_entity_poly.entity_id                      1 
_entity_poly.type                           'polypeptide(L)' 
_entity_poly.nstd_linkage                   no 
_entity_poly.nstd_monomer                   no 
_entity_poly.pdbx_seq_one_letter_code       
;MSFMDQIPGGGNYPKLPVECLPNFPIQPSLTFRGRNDSHKLKNFISEIMLNMSMISWPNDASRIVYCRRHLLNPAAQWAN
DFVQEQGILEITFDTFIQGLYQHFYKPPDINKIFNAITQLSEAKLGIERLNQRFRKIWDRMPPDFMTEKAAIMTYTRLLT
KETYNIVRMHKPETLKDAMEEAYQTTALTERFFPGFELDADGDTIIGATTHLQEEYDSDYDSEDNLTQNRYVHTVRTRRS
YNKPMSNHRNRRNNNASREECIKNRLCFYCKKEGHRLNECRARKAVLTDLELESKDQQTLFIKTLPIVH
;
_entity_poly.pdbx_seq_one_letter_code_can   
;MSFMDQIPGGGNYPKLPVECLPNFPIQPSLTFRGRNDSHKLKNFISEIMLNMSMISWPNDASRIVYCRRHLLNPAAQWAN
DFVQEQGILEITFDTFIQGLYQHFYKPPDINKIFNAITQLSEAKLGIERLNQRFRKIWDRMPPDFMTEKAAIMTYTRLLT
KETYNIVRMHKPETLKDAMEEAYQTTALTERFFPGFELDADGDTIIGATTHLQEEYDSDYDSEDNLTQNRYVHTVRTRRS
YNKPMSNHRNRRNNNASREECIKNRLCFYCKKEGHRLNECRARKAVLTDLELESKDQQTLFIKTLPIVH
;
_entity_poly.pdbx_strand_id                 A,B 
_entity_poly.pdbx_target_identifier         ? 
# 
loop_
_entity_poly_seq.entity_id 
_entity_poly_seq.num 
_entity_poly_seq.mon_id 
_entity_poly_seq.hetero 
1 1   MET n 
1 2   SER n 
1 3   PHE n 
1 4   MET n 
1 5   ASP n 
1 6   GLN n 
1 7   ILE n 
1 8   PRO n 
1 9   GLY n 
1 10  GLY n 
1 11  GLY n 
1 12  ASN n 
1 13  TYR n 
1 14  PRO n 
1 15  LYS n 
1 16  LEU n 
1 17  PRO n 
1 18  VAL n 
1 19  GLU n 
1 20  CYS n 
1 21  LEU n 
1 22  PRO n 
1 23  ASN n 
1 24  PHE n 
1 25  PRO n 
1 26  ILE n 
1 27  GLN n 
1 28  PRO n 
1 29  SER n 
1 30  LEU n 
1 31  THR n 
1 32  PHE n 
1 33  ARG n 
1 34  GLY n 
1 35  ARG n 
1 36  ASN n 
1 37  ASP n 
1 38  SER n 
1 39  HIS n 
1 40  LYS n 
1 41  LEU n 
1 42  LYS n 
1 43  ASN n 
1 44  PHE n 
1 45  ILE n 
1 46  SER n 
1 47  GLU n 
1 48  ILE n 
1 49  MET n 
1 50  LEU n 
1 51  ASN n 
1 52  MET n 
1 53  SER n 
1 54  MET n 
1 55  ILE n 
1 56  SER n 
1 57  TRP n 
1 58  PRO n 
1 59  ASN n 
1 60  ASP n 
1 61  ALA n 
1 62  SER n 
1 63  ARG n 
1 64  ILE n 
1 65  VAL n 
1 66  TYR n 
1 67  CYS n 
1 68  ARG n 
1 69  ARG n 
1 70  HIS n 
1 71  LEU n 
1 72  LEU n 
1 73  ASN n 
1 74  PRO n 
1 75  ALA n 
1 76  ALA n 
1 77  GLN n 
1 78  TRP n 
1 79  ALA n 
1 80  ASN n 
1 81  ASP n 
1 82  PHE n 
1 83  VAL n 
1 84  GLN n 
1 85  GLU n 
1 86  GLN n 
1 87  GLY n 
1 88  ILE n 
1 89  LEU n 
1 90  GLU n 
1 91  ILE n 
1 92  THR n 
1 93  PHE n 
1 94  ASP n 
1 95  THR n 
1 96  PHE n 
1 97  ILE n 
1 98  GLN n 
1 99  GLY n 
1 100 LEU n 
1 101 TYR n 
1 102 GLN n 
1 103 HIS n 
1 104 PHE n 
1 105 TYR n 
1 106 LYS n 
1 107 PRO n 
1 108 PRO n 
1 109 ASP n 
1 110 ILE n 
1 111 ASN n 
1 112 LYS n 
1 113 ILE n 
1 114 PHE n 
1 115 ASN n 
1 116 ALA n 
1 117 ILE n 
1 118 THR n 
1 119 GLN n 
1 120 LEU n 
1 121 SER n 
1 122 GLU n 
1 123 ALA n 
1 124 LYS n 
1 125 LEU n 
1 126 GLY n 
1 127 ILE n 
1 128 GLU n 
1 129 ARG n 
1 130 LEU n 
1 131 ASN n 
1 132 GLN n 
1 133 ARG n 
1 134 PHE n 
1 135 ARG n 
1 136 LYS n 
1 137 ILE n 
1 138 TRP n 
1 139 ASP n 
1 140 ARG n 
1 141 MET n 
1 142 PRO n 
1 143 PRO n 
1 144 ASP n 
1 145 PHE n 
1 146 MET n 
1 147 THR n 
1 148 GLU n 
1 149 LYS n 
1 150 ALA n 
1 151 ALA n 
1 152 ILE n 
1 153 MET n 
1 154 THR n 
1 155 TYR n 
1 156 THR n 
1 157 ARG n 
1 158 LEU n 
1 159 LEU n 
1 160 THR n 
1 161 LYS n 
1 162 GLU n 
1 163 THR n 
1 164 TYR n 
1 165 ASN n 
1 166 ILE n 
1 167 VAL n 
1 168 ARG n 
1 169 MET n 
1 170 HIS n 
1 171 LYS n 
1 172 PRO n 
1 173 GLU n 
1 174 THR n 
1 175 LEU n 
1 176 LYS n 
1 177 ASP n 
1 178 ALA n 
1 179 MET n 
1 180 GLU n 
1 181 GLU n 
1 182 ALA n 
1 183 TYR n 
1 184 GLN n 
1 185 THR n 
1 186 THR n 
1 187 ALA n 
1 188 LEU n 
1 189 THR n 
1 190 GLU n 
1 191 ARG n 
1 192 PHE n 
1 193 PHE n 
1 194 PRO n 
1 195 GLY n 
1 196 PHE n 
1 197 GLU n 
1 198 LEU n 
1 199 ASP n 
1 200 ALA n 
1 201 ASP n 
1 202 GLY n 
1 203 ASP n 
1 204 THR n 
1 205 ILE n 
1 206 ILE n 
1 207 GLY n 
1 208 ALA n 
1 209 THR n 
1 210 THR n 
1 211 HIS n 
1 212 LEU n 
1 213 GLN n 
1 214 GLU n 
1 215 GLU n 
1 216 TYR n 
1 217 ASP n 
1 218 SER n 
1 219 ASP n 
1 220 TYR n 
1 221 ASP n 
1 222 SER n 
1 223 GLU n 
1 224 ASP n 
1 225 ASN n 
1 226 LEU n 
1 227 THR n 
1 228 GLN n 
1 229 ASN n 
1 230 ARG n 
1 231 TYR n 
1 232 VAL n 
1 233 HIS n 
1 234 THR n 
1 235 VAL n 
1 236 ARG n 
1 237 THR n 
1 238 ARG n 
1 239 ARG n 
1 240 SER n 
1 241 TYR n 
1 242 ASN n 
1 243 LYS n 
1 244 PRO n 
1 245 MET n 
1 246 SER n 
1 247 ASN n 
1 248 HIS n 
1 249 ARG n 
1 250 ASN n 
1 251 ARG n 
1 252 ARG n 
1 253 ASN n 
1 254 ASN n 
1 255 ASN n 
1 256 ALA n 
1 257 SER n 
1 258 ARG n 
1 259 GLU n 
1 260 GLU n 
1 261 CYS n 
1 262 ILE n 
1 263 LYS n 
1 264 ASN n 
1 265 ARG n 
1 266 LEU n 
1 267 CYS n 
1 268 PHE n 
1 269 TYR n 
1 270 CYS n 
1 271 LYS n 
1 272 LYS n 
1 273 GLU n 
1 274 GLY n 
1 275 HIS n 
1 276 ARG n 
1 277 LEU n 
1 278 ASN n 
1 279 GLU n 
1 280 CYS n 
1 281 ARG n 
1 282 ALA n 
1 283 ARG n 
1 284 LYS n 
1 285 ALA n 
1 286 VAL n 
1 287 LEU n 
1 288 THR n 
1 289 ASP n 
1 290 LEU n 
1 291 GLU n 
1 292 LEU n 
1 293 GLU n 
1 294 SER n 
1 295 LYS n 
1 296 ASP n 
1 297 GLN n 
1 298 GLN n 
1 299 THR n 
1 300 LEU n 
1 301 PHE n 
1 302 ILE n 
1 303 LYS n 
1 304 THR n 
1 305 LEU n 
1 306 PRO n 
1 307 ILE n 
1 308 VAL n 
1 309 HIS n 
# 
_entity_src_gen.entity_id                          1 
_entity_src_gen.pdbx_src_id                        1 
_entity_src_gen.pdbx_alt_source_flag               sample 
_entity_src_gen.pdbx_seq_type                      'Biological sequence' 
_entity_src_gen.pdbx_beg_seq_num                   1 
_entity_src_gen.pdbx_end_seq_num                   309 
_entity_src_gen.gene_src_common_name               
;Baker's yeast
;
_entity_src_gen.gene_src_genus                     ? 
_entity_src_gen.pdbx_gene_src_gene                 'TY3B-I, YILWTy3-1 POL, YIL082W-A' 
_entity_src_gen.gene_src_species                   ? 
_entity_src_gen.gene_src_strain                    'ATCC 204508 / S288c' 
_entity_src_gen.gene_src_tissue                    ? 
_entity_src_gen.gene_src_tissue_fraction           ? 
_entity_src_gen.gene_src_details                   ? 
_entity_src_gen.pdbx_gene_src_fragment             ? 
_entity_src_gen.pdbx_gene_src_scientific_name      'Saccharomyces cerevisiae (strain ATCC 204508 / S288c)' 
_entity_src_gen.pdbx_gene_src_ncbi_taxonomy_id     559292 
_entity_src_gen.pdbx_gene_src_variant              ? 
_entity_src_gen.pdbx_gene_src_cell_line            ? 
_entity_src_gen.pdbx_gene_src_atcc                 ? 
_entity_src_gen.pdbx_gene_src_organ                ? 
_entity_src_gen.pdbx_gene_src_organelle            ? 
_entity_src_gen.pdbx_gene_src_cell                 ? 
_entity_src_gen.pdbx_gene_src_cellular_location    ? 
_entity_src_gen.host_org_common_name               ? 
_entity_src_gen.pdbx_host_org_scientific_name      'Saccharomyces cerevisiae' 
_entity_src_gen.pdbx_host_org_ncbi_taxonomy_id     4932 
_entity_src_gen.host_org_genus                     ? 
_entity_src_gen.pdbx_host_org_gene                 ? 
_entity_src_gen.pdbx_host_org_organ                ? 
_entity_src_gen.host_org_species                   ? 
_entity_src_gen.pdbx_host_org_tissue               ? 
_entity_src_gen.pdbx_host_org_tissue_fraction      ? 
_entity_src_gen.pdbx_host_org_strain               'strain yVB1680 strain - BY4741 killer minus, Ty3 null' 
_entity_src_gen.pdbx_host_org_variant              ? 
_entity_src_gen.pdbx_host_org_cell_line            ? 
_entity_src_gen.pdbx_host_org_atcc                 ? 
_entity_src_gen.pdbx_host_org_culture_collection   ? 
_entity_src_gen.pdbx_host_org_cell                 ? 
_entity_src_gen.pdbx_host_org_organelle            ? 
_entity_src_gen.pdbx_host_org_cellular_location    ? 
_entity_src_gen.pdbx_host_org_vector_type          plasmid 
_entity_src_gen.pdbx_host_org_vector               ? 
_entity_src_gen.host_org_details                   ? 
_entity_src_gen.expression_system_id               ? 
_entity_src_gen.plasmid_name                       pJK776 
_entity_src_gen.plasmid_details                    ? 
_entity_src_gen.pdbx_description                   ? 
# 
loop_
_chem_comp.id 
_chem_comp.type 
_chem_comp.mon_nstd_flag 
_chem_comp.name 
_chem_comp.pdbx_synonyms 
_chem_comp.formula 
_chem_comp.formula_weight 
ALA 'L-peptide linking' y ALANINE         ? 'C3 H7 N O2'     89.093  
ARG 'L-peptide linking' y ARGININE        ? 'C6 H15 N4 O2 1' 175.209 
ASN 'L-peptide linking' y ASPARAGINE      ? 'C4 H8 N2 O3'    132.118 
ASP 'L-peptide linking' y 'ASPARTIC ACID' ? 'C4 H7 N O4'     133.103 
CYS 'L-peptide linking' y CYSTEINE        ? 'C3 H7 N O2 S'   121.158 
GLN 'L-peptide linking' y GLUTAMINE       ? 'C5 H10 N2 O3'   146.144 
GLU 'L-peptide linking' y 'GLUTAMIC ACID' ? 'C5 H9 N O4'     147.129 
GLY 'peptide linking'   y GLYCINE         ? 'C2 H5 N O2'     75.067  
HIS 'L-peptide linking' y HISTIDINE       ? 'C6 H10 N3 O2 1' 156.162 
ILE 'L-peptide linking' y ISOLEUCINE      ? 'C6 H13 N O2'    131.173 
LEU 'L-peptide linking' y LEUCINE         ? 'C6 H13 N O2'    131.173 
LYS 'L-peptide linking' y LYSINE          ? 'C6 H15 N2 O2 1' 147.195 
MET 'L-peptide linking' y METHIONINE      ? 'C5 H11 N O2 S'  149.211 
PHE 'L-peptide linking' y PHENYLALANINE   ? 'C9 H11 N O2'    165.189 
PRO 'L-peptide linking' y PROLINE         ? 'C5 H9 N O2'     115.130 
SER 'L-peptide linking' y SERINE          ? 'C3 H7 N O3'     105.093 
THR 'L-peptide linking' y THREONINE       ? 'C4 H9 N O3'     119.119 
TRP 'L-peptide linking' y TRYPTOPHAN      ? 'C11 H12 N2 O2'  204.225 
TYR 'L-peptide linking' y TYROSINE        ? 'C9 H11 N O3'    181.189 
VAL 'L-peptide linking' y VALINE          ? 'C5 H11 N O2'    117.146 
# 
loop_
_pdbx_poly_seq_scheme.asym_id 
_pdbx_poly_seq_scheme.entity_id 
_pdbx_poly_seq_scheme.seq_id 
_pdbx_poly_seq_scheme.mon_id 
_pdbx_poly_seq_scheme.ndb_seq_num 
_pdbx_poly_seq_scheme.pdb_seq_num 
_pdbx_poly_seq_scheme.auth_seq_num 
_pdbx_poly_seq_scheme.pdb_mon_id 
_pdbx_poly_seq_scheme.auth_mon_id 
_pdbx_poly_seq_scheme.pdb_strand_id 
_pdbx_poly_seq_scheme.pdb_ins_code 
_pdbx_poly_seq_scheme.hetero 
A 1 1   MET 1   1   ?   ?   ?   A . n 
A 1 2   SER 2   2   ?   ?   ?   A . n 
A 1 3   PHE 3   3   ?   ?   ?   A . n 
A 1 4   MET 4   4   ?   ?   ?   A . n 
A 1 5   ASP 5   5   ?   ?   ?   A . n 
A 1 6   GLN 6   6   ?   ?   ?   A . n 
A 1 7   ILE 7   7   ?   ?   ?   A . n 
A 1 8   PRO 8   8   ?   ?   ?   A . n 
A 1 9   GLY 9   9   ?   ?   ?   A . n 
A 1 10  GLY 10  10  ?   ?   ?   A . n 
A 1 11  GLY 11  11  ?   ?   ?   A . n 
A 1 12  ASN 12  12  ?   ?   ?   A . n 
A 1 13  TYR 13  13  ?   ?   ?   A . n 
A 1 14  PRO 14  14  ?   ?   ?   A . n 
A 1 15  LYS 15  15  ?   ?   ?   A . n 
A 1 16  LEU 16  16  ?   ?   ?   A . n 
A 1 17  PRO 17  17  ?   ?   ?   A . n 
A 1 18  VAL 18  18  ?   ?   ?   A . n 
A 1 19  GLU 19  19  ?   ?   ?   A . n 
A 1 20  CYS 20  20  ?   ?   ?   A . n 
A 1 21  LEU 21  21  ?   ?   ?   A . n 
A 1 22  PRO 22  22  ?   ?   ?   A . n 
A 1 23  ASN 23  23  ?   ?   ?   A . n 
A 1 24  PHE 24  24  ?   ?   ?   A . n 
A 1 25  PRO 25  25  ?   ?   ?   A . n 
A 1 26  ILE 26  26  ?   ?   ?   A . n 
A 1 27  GLN 27  27  ?   ?   ?   A . n 
A 1 28  PRO 28  28  ?   ?   ?   A . n 
A 1 29  SER 29  29  ?   ?   ?   A . n 
A 1 30  LEU 30  30  ?   ?   ?   A . n 
A 1 31  THR 31  31  ?   ?   ?   A . n 
A 1 32  PHE 32  32  ?   ?   ?   A . n 
A 1 33  ARG 33  33  ?   ?   ?   A . n 
A 1 34  GLY 34  34  ?   ?   ?   A . n 
A 1 35  ARG 35  35  ?   ?   ?   A . n 
A 1 36  ASN 36  36  ?   ?   ?   A . n 
A 1 37  ASP 37  37  ?   ?   ?   A . n 
A 1 38  SER 38  38  ?   ?   ?   A . n 
A 1 39  HIS 39  39  ?   ?   ?   A . n 
A 1 40  LYS 40  40  ?   ?   ?   A . n 
A 1 41  LEU 41  41  ?   ?   ?   A . n 
A 1 42  LYS 42  42  ?   ?   ?   A . n 
A 1 43  ASN 43  43  ?   ?   ?   A . n 
A 1 44  PHE 44  44  ?   ?   ?   A . n 
A 1 45  ILE 45  45  ?   ?   ?   A . n 
A 1 46  SER 46  46  ?   ?   ?   A . n 
A 1 47  GLU 47  47  ?   ?   ?   A . n 
A 1 48  ILE 48  48  ?   ?   ?   A . n 
A 1 49  MET 49  49  ?   ?   ?   A . n 
A 1 50  LEU 50  50  ?   ?   ?   A . n 
A 1 51  ASN 51  51  ?   ?   ?   A . n 
A 1 52  MET 52  52  ?   ?   ?   A . n 
A 1 53  SER 53  53  ?   ?   ?   A . n 
A 1 54  MET 54  54  ?   ?   ?   A . n 
A 1 55  ILE 55  55  ?   ?   ?   A . n 
A 1 56  SER 56  56  ?   ?   ?   A . n 
A 1 57  TRP 57  57  ?   ?   ?   A . n 
A 1 58  PRO 58  58  ?   ?   ?   A . n 
A 1 59  ASN 59  59  ?   ?   ?   A . n 
A 1 60  ASP 60  60  ?   ?   ?   A . n 
A 1 61  ALA 61  61  ?   ?   ?   A . n 
A 1 62  SER 62  62  ?   ?   ?   A . n 
A 1 63  ARG 63  63  ?   ?   ?   A . n 
A 1 64  ILE 64  64  ?   ?   ?   A . n 
A 1 65  VAL 65  65  ?   ?   ?   A . n 
A 1 66  TYR 66  66  ?   ?   ?   A . n 
A 1 67  CYS 67  67  ?   ?   ?   A . n 
A 1 68  ARG 68  68  ?   ?   ?   A . n 
A 1 69  ARG 69  69  ?   ?   ?   A . n 
A 1 70  HIS 70  70  ?   ?   ?   A . n 
A 1 71  LEU 71  71  ?   ?   ?   A . n 
A 1 72  LEU 72  72  ?   ?   ?   A . n 
A 1 73  ASN 73  73  ?   ?   ?   A . n 
A 1 74  PRO 74  74  ?   ?   ?   A . n 
A 1 75  ALA 75  75  ?   ?   ?   A . n 
A 1 76  ALA 76  76  ?   ?   ?   A . n 
A 1 77  GLN 77  77  ?   ?   ?   A . n 
A 1 78  TRP 78  78  ?   ?   ?   A . n 
A 1 79  ALA 79  79  ?   ?   ?   A . n 
A 1 80  ASN 80  80  ?   ?   ?   A . n 
A 1 81  ASP 81  81  ?   ?   ?   A . n 
A 1 82  PHE 82  82  ?   ?   ?   A . n 
A 1 83  VAL 83  83  ?   ?   ?   A . n 
A 1 84  GLN 84  84  ?   ?   ?   A . n 
A 1 85  GLU 85  85  ?   ?   ?   A . n 
A 1 86  GLN 86  86  ?   ?   ?   A . n 
A 1 87  GLY 87  87  ?   ?   ?   A . n 
A 1 88  ILE 88  88  ?   ?   ?   A . n 
A 1 89  LEU 89  89  ?   ?   ?   A . n 
A 1 90  GLU 90  90  ?   ?   ?   A . n 
A 1 91  ILE 91  91  ?   ?   ?   A . n 
A 1 92  THR 92  92  ?   ?   ?   A . n 
A 1 93  PHE 93  93  ?   ?   ?   A . n 
A 1 94  ASP 94  94  ?   ?   ?   A . n 
A 1 95  THR 95  95  ?   ?   ?   A . n 
A 1 96  PHE 96  96  ?   ?   ?   A . n 
A 1 97  ILE 97  97  ?   ?   ?   A . n 
A 1 98  GLN 98  98  ?   ?   ?   A . n 
A 1 99  GLY 99  99  ?   ?   ?   A . n 
A 1 100 LEU 100 100 ?   ?   ?   A . n 
A 1 101 TYR 101 101 ?   ?   ?   A . n 
A 1 102 GLN 102 102 ?   ?   ?   A . n 
A 1 103 HIS 103 103 ?   ?   ?   A . n 
A 1 104 PHE 104 104 ?   ?   ?   A . n 
A 1 105 TYR 105 105 105 TYR TYR A . n 
A 1 106 LYS 106 106 106 LYS LYS A . n 
A 1 107 PRO 107 107 107 PRO PRO A . n 
A 1 108 PRO 108 108 108 PRO PRO A . n 
A 1 109 ASP 109 109 109 ASP ASP A . n 
A 1 110 ILE 110 110 110 ILE ILE A . n 
A 1 111 ASN 111 111 111 ASN ASN A . n 
A 1 112 LYS 112 112 112 LYS LYS A . n 
A 1 113 ILE 113 113 113 ILE ILE A . n 
A 1 114 PHE 114 114 114 PHE PHE A . n 
A 1 115 ASN 115 115 115 ASN ASN A . n 
A 1 116 ALA 116 116 116 ALA ALA A . n 
A 1 117 ILE 117 117 117 ILE ILE A . n 
A 1 118 THR 118 118 118 THR THR A . n 
A 1 119 GLN 119 119 119 GLN GLN A . n 
A 1 120 LEU 120 120 120 LEU LEU A . n 
A 1 121 SER 121 121 121 SER SER A . n 
A 1 122 GLU 122 122 122 GLU GLU A . n 
A 1 123 ALA 123 123 123 ALA ALA A . n 
A 1 124 LYS 124 124 124 LYS LYS A . n 
A 1 125 LEU 125 125 125 LEU LEU A . n 
A 1 126 GLY 126 126 126 GLY GLY A . n 
A 1 127 ILE 127 127 127 ILE ILE A . n 
A 1 128 GLU 128 128 128 GLU GLU A . n 
A 1 129 ARG 129 129 129 ARG ARG A . n 
A 1 130 LEU 130 130 130 LEU LEU A . n 
A 1 131 ASN 131 131 131 ASN ASN A . n 
A 1 132 GLN 132 132 132 GLN GLN A . n 
A 1 133 ARG 133 133 133 ARG ARG A . n 
A 1 134 PHE 134 134 134 PHE PHE A . n 
A 1 135 ARG 135 135 135 ARG ARG A . n 
A 1 136 LYS 136 136 136 LYS LYS A . n 
A 1 137 ILE 137 137 137 ILE ILE A . n 
A 1 138 TRP 138 138 138 TRP TRP A . n 
A 1 139 ASP 139 139 139 ASP ASP A . n 
A 1 140 ARG 140 140 140 ARG ARG A . n 
A 1 141 MET 141 141 141 MET MET A . n 
A 1 142 PRO 142 142 142 PRO PRO A . n 
A 1 143 PRO 143 143 143 PRO PRO A . n 
A 1 144 ASP 144 144 144 ASP ASP A . n 
A 1 145 PHE 145 145 145 PHE PHE A . n 
A 1 146 MET 146 146 146 MET MET A . n 
A 1 147 THR 147 147 147 THR THR A . n 
A 1 148 GLU 148 148 148 GLU GLU A . n 
A 1 149 LYS 149 149 149 LYS LYS A . n 
A 1 150 ALA 150 150 150 ALA ALA A . n 
A 1 151 ALA 151 151 151 ALA ALA A . n 
A 1 152 ILE 152 152 152 ILE ILE A . n 
A 1 153 MET 153 153 153 MET MET A . n 
A 1 154 THR 154 154 154 THR THR A . n 
A 1 155 TYR 155 155 155 TYR TYR A . n 
A 1 156 THR 156 156 156 THR THR A . n 
A 1 157 ARG 157 157 157 ARG ARG A . n 
A 1 158 LEU 158 158 158 LEU LEU A . n 
A 1 159 LEU 159 159 159 LEU LEU A . n 
A 1 160 THR 160 160 160 THR THR A . n 
A 1 161 LYS 161 161 161 LYS LYS A . n 
A 1 162 GLU 162 162 162 GLU GLU A . n 
A 1 163 THR 163 163 163 THR THR A . n 
A 1 164 TYR 164 164 164 TYR TYR A . n 
A 1 165 ASN 165 165 165 ASN ASN A . n 
A 1 166 ILE 166 166 166 ILE ILE A . n 
A 1 167 VAL 167 167 167 VAL VAL A . n 
A 1 168 ARG 168 168 168 ARG ARG A . n 
A 1 169 MET 169 169 169 MET MET A . n 
A 1 170 HIS 170 170 170 HIS HIS A . n 
A 1 171 LYS 171 171 171 LYS LYS A . n 
A 1 172 PRO 172 172 172 PRO PRO A . n 
A 1 173 GLU 173 173 173 GLU GLU A . n 
A 1 174 THR 174 174 174 THR THR A . n 
A 1 175 LEU 175 175 175 LEU LEU A . n 
A 1 176 LYS 176 176 176 LYS LYS A . n 
A 1 177 ASP 177 177 177 ASP ASP A . n 
A 1 178 ALA 178 178 178 ALA ALA A . n 
A 1 179 MET 179 179 179 MET MET A . n 
A 1 180 GLU 180 180 180 GLU GLU A . n 
A 1 181 GLU 181 181 181 GLU GLU A . n 
A 1 182 ALA 182 182 182 ALA ALA A . n 
A 1 183 TYR 183 183 183 TYR TYR A . n 
A 1 184 GLN 184 184 184 GLN GLN A . n 
A 1 185 THR 185 185 185 THR THR A . n 
A 1 186 THR 186 186 186 THR THR A . n 
A 1 187 ALA 187 187 187 ALA ALA A . n 
A 1 188 LEU 188 188 188 LEU LEU A . n 
A 1 189 THR 189 189 189 THR THR A . n 
A 1 190 GLU 190 190 190 GLU GLU A . n 
A 1 191 ARG 191 191 191 ARG ARG A . n 
A 1 192 PHE 192 192 192 PHE PHE A . n 
A 1 193 PHE 193 193 193 PHE PHE A . n 
A 1 194 PRO 194 194 194 PRO PRO A . n 
A 1 195 GLY 195 195 195 GLY GLY A . n 
A 1 196 PHE 196 196 ?   ?   ?   A . n 
A 1 197 GLU 197 197 ?   ?   ?   A . n 
A 1 198 LEU 198 198 ?   ?   ?   A . n 
A 1 199 ASP 199 199 ?   ?   ?   A . n 
A 1 200 ALA 200 200 ?   ?   ?   A . n 
A 1 201 ASP 201 201 ?   ?   ?   A . n 
A 1 202 GLY 202 202 ?   ?   ?   A . n 
A 1 203 ASP 203 203 ?   ?   ?   A . n 
A 1 204 THR 204 204 ?   ?   ?   A . n 
A 1 205 ILE 205 205 ?   ?   ?   A . n 
A 1 206 ILE 206 206 ?   ?   ?   A . n 
A 1 207 GLY 207 207 ?   ?   ?   A . n 
A 1 208 ALA 208 208 ?   ?   ?   A . n 
A 1 209 THR 209 209 ?   ?   ?   A . n 
A 1 210 THR 210 210 ?   ?   ?   A . n 
A 1 211 HIS 211 211 ?   ?   ?   A . n 
A 1 212 LEU 212 212 ?   ?   ?   A . n 
A 1 213 GLN 213 213 ?   ?   ?   A . n 
A 1 214 GLU 214 214 ?   ?   ?   A . n 
A 1 215 GLU 215 215 ?   ?   ?   A . n 
A 1 216 TYR 216 216 ?   ?   ?   A . n 
A 1 217 ASP 217 217 ?   ?   ?   A . n 
A 1 218 SER 218 218 ?   ?   ?   A . n 
A 1 219 ASP 219 219 ?   ?   ?   A . n 
A 1 220 TYR 220 220 ?   ?   ?   A . n 
A 1 221 ASP 221 221 ?   ?   ?   A . n 
A 1 222 SER 222 222 ?   ?   ?   A . n 
A 1 223 GLU 223 223 ?   ?   ?   A . n 
A 1 224 ASP 224 224 ?   ?   ?   A . n 
A 1 225 ASN 225 225 ?   ?   ?   A . n 
A 1 226 LEU 226 226 ?   ?   ?   A . n 
A 1 227 THR 227 227 ?   ?   ?   A . n 
A 1 228 GLN 228 228 ?   ?   ?   A . n 
A 1 229 ASN 229 229 ?   ?   ?   A . n 
A 1 230 ARG 230 230 ?   ?   ?   A . n 
A 1 231 TYR 231 231 ?   ?   ?   A . n 
A 1 232 VAL 232 232 ?   ?   ?   A . n 
A 1 233 HIS 233 233 ?   ?   ?   A . n 
A 1 234 THR 234 234 ?   ?   ?   A . n 
A 1 235 VAL 235 235 ?   ?   ?   A . n 
A 1 236 ARG 236 236 ?   ?   ?   A . n 
A 1 237 THR 237 237 ?   ?   ?   A . n 
A 1 238 ARG 238 238 ?   ?   ?   A . n 
A 1 239 ARG 239 239 ?   ?   ?   A . n 
A 1 240 SER 240 240 ?   ?   ?   A . n 
A 1 241 TYR 241 241 ?   ?   ?   A . n 
A 1 242 ASN 242 242 ?   ?   ?   A . n 
A 1 243 LYS 243 243 ?   ?   ?   A . n 
A 1 244 PRO 244 244 ?   ?   ?   A . n 
A 1 245 MET 245 245 ?   ?   ?   A . n 
A 1 246 SER 246 246 ?   ?   ?   A . n 
A 1 247 ASN 247 247 ?   ?   ?   A . n 
A 1 248 HIS 248 248 ?   ?   ?   A . n 
A 1 249 ARG 249 249 ?   ?   ?   A . n 
A 1 250 ASN 250 250 ?   ?   ?   A . n 
A 1 251 ARG 251 251 ?   ?   ?   A . n 
A 1 252 ARG 252 252 ?   ?   ?   A . n 
A 1 253 ASN 253 253 ?   ?   ?   A . n 
A 1 254 ASN 254 254 ?   ?   ?   A . n 
A 1 255 ASN 255 255 ?   ?   ?   A . n 
A 1 256 ALA 256 256 ?   ?   ?   A . n 
A 1 257 SER 257 257 ?   ?   ?   A . n 
A 1 258 ARG 258 258 ?   ?   ?   A . n 
A 1 259 GLU 259 259 ?   ?   ?   A . n 
A 1 260 GLU 260 260 ?   ?   ?   A . n 
A 1 261 CYS 261 261 ?   ?   ?   A . n 
A 1 262 ILE 262 262 ?   ?   ?   A . n 
A 1 263 LYS 263 263 ?   ?   ?   A . n 
A 1 264 ASN 264 264 ?   ?   ?   A . n 
A 1 265 ARG 265 265 ?   ?   ?   A . n 
A 1 266 LEU 266 266 ?   ?   ?   A . n 
A 1 267 CYS 267 267 ?   ?   ?   A . n 
A 1 268 PHE 268 268 ?   ?   ?   A . n 
A 1 269 TYR 269 269 ?   ?   ?   A . n 
A 1 270 CYS 270 270 ?   ?   ?   A . n 
A 1 271 LYS 271 271 ?   ?   ?   A . n 
A 1 272 LYS 272 272 ?   ?   ?   A . n 
A 1 273 GLU 273 273 ?   ?   ?   A . n 
A 1 274 GLY 274 274 ?   ?   ?   A . n 
A 1 275 HIS 275 275 ?   ?   ?   A . n 
A 1 276 ARG 276 276 ?   ?   ?   A . n 
A 1 277 LEU 277 277 ?   ?   ?   A . n 
A 1 278 ASN 278 278 ?   ?   ?   A . n 
A 1 279 GLU 279 279 ?   ?   ?   A . n 
A 1 280 CYS 280 280 ?   ?   ?   A . n 
A 1 281 ARG 281 281 ?   ?   ?   A . n 
A 1 282 ALA 282 282 ?   ?   ?   A . n 
A 1 283 ARG 283 283 ?   ?   ?   A . n 
A 1 284 LYS 284 284 ?   ?   ?   A . n 
A 1 285 ALA 285 285 ?   ?   ?   A . n 
A 1 286 VAL 286 286 ?   ?   ?   A . n 
A 1 287 LEU 287 287 ?   ?   ?   A . n 
A 1 288 THR 288 288 ?   ?   ?   A . n 
A 1 289 ASP 289 289 ?   ?   ?   A . n 
A 1 290 LEU 290 290 ?   ?   ?   A . n 
A 1 291 GLU 291 291 ?   ?   ?   A . n 
A 1 292 LEU 292 292 ?   ?   ?   A . n 
A 1 293 GLU 293 293 ?   ?   ?   A . n 
A 1 294 SER 294 294 ?   ?   ?   A . n 
A 1 295 LYS 295 295 ?   ?   ?   A . n 
A 1 296 ASP 296 296 ?   ?   ?   A . n 
A 1 297 GLN 297 297 ?   ?   ?   A . n 
A 1 298 GLN 298 298 ?   ?   ?   A . n 
A 1 299 THR 299 299 ?   ?   ?   A . n 
A 1 300 LEU 300 300 ?   ?   ?   A . n 
A 1 301 PHE 301 301 ?   ?   ?   A . n 
A 1 302 ILE 302 302 ?   ?   ?   A . n 
A 1 303 LYS 303 303 ?   ?   ?   A . n 
A 1 304 THR 304 304 ?   ?   ?   A . n 
A 1 305 LEU 305 305 ?   ?   ?   A . n 
A 1 306 PRO 306 306 ?   ?   ?   A . n 
A 1 307 ILE 307 307 ?   ?   ?   A . n 
A 1 308 VAL 308 308 ?   ?   ?   A . n 
A 1 309 HIS 309 309 ?   ?   ?   A . n 
B 1 1   MET 1   1   ?   ?   ?   B . n 
B 1 2   SER 2   2   ?   ?   ?   B . n 
B 1 3   PHE 3   3   ?   ?   ?   B . n 
B 1 4   MET 4   4   ?   ?   ?   B . n 
B 1 5   ASP 5   5   ?   ?   ?   B . n 
B 1 6   GLN 6   6   ?   ?   ?   B . n 
B 1 7   ILE 7   7   ?   ?   ?   B . n 
B 1 8   PRO 8   8   ?   ?   ?   B . n 
B 1 9   GLY 9   9   ?   ?   ?   B . n 
B 1 10  GLY 10  10  ?   ?   ?   B . n 
B 1 11  GLY 11  11  ?   ?   ?   B . n 
B 1 12  ASN 12  12  ?   ?   ?   B . n 
B 1 13  TYR 13  13  ?   ?   ?   B . n 
B 1 14  PRO 14  14  ?   ?   ?   B . n 
B 1 15  LYS 15  15  ?   ?   ?   B . n 
B 1 16  LEU 16  16  ?   ?   ?   B . n 
B 1 17  PRO 17  17  ?   ?   ?   B . n 
B 1 18  VAL 18  18  ?   ?   ?   B . n 
B 1 19  GLU 19  19  ?   ?   ?   B . n 
B 1 20  CYS 20  20  ?   ?   ?   B . n 
B 1 21  LEU 21  21  ?   ?   ?   B . n 
B 1 22  PRO 22  22  ?   ?   ?   B . n 
B 1 23  ASN 23  23  ?   ?   ?   B . n 
B 1 24  PHE 24  24  ?   ?   ?   B . n 
B 1 25  PRO 25  25  ?   ?   ?   B . n 
B 1 26  ILE 26  26  ?   ?   ?   B . n 
B 1 27  GLN 27  27  ?   ?   ?   B . n 
B 1 28  PRO 28  28  ?   ?   ?   B . n 
B 1 29  SER 29  29  ?   ?   ?   B . n 
B 1 30  LEU 30  30  ?   ?   ?   B . n 
B 1 31  THR 31  31  ?   ?   ?   B . n 
B 1 32  PHE 32  32  ?   ?   ?   B . n 
B 1 33  ARG 33  33  ?   ?   ?   B . n 
B 1 34  GLY 34  34  ?   ?   ?   B . n 
B 1 35  ARG 35  35  ?   ?   ?   B . n 
B 1 36  ASN 36  36  ?   ?   ?   B . n 
B 1 37  ASP 37  37  ?   ?   ?   B . n 
B 1 38  SER 38  38  ?   ?   ?   B . n 
B 1 39  HIS 39  39  ?   ?   ?   B . n 
B 1 40  LYS 40  40  ?   ?   ?   B . n 
B 1 41  LEU 41  41  ?   ?   ?   B . n 
B 1 42  LYS 42  42  ?   ?   ?   B . n 
B 1 43  ASN 43  43  ?   ?   ?   B . n 
B 1 44  PHE 44  44  ?   ?   ?   B . n 
B 1 45  ILE 45  45  ?   ?   ?   B . n 
B 1 46  SER 46  46  ?   ?   ?   B . n 
B 1 47  GLU 47  47  ?   ?   ?   B . n 
B 1 48  ILE 48  48  ?   ?   ?   B . n 
B 1 49  MET 49  49  ?   ?   ?   B . n 
B 1 50  LEU 50  50  ?   ?   ?   B . n 
B 1 51  ASN 51  51  ?   ?   ?   B . n 
B 1 52  MET 52  52  ?   ?   ?   B . n 
B 1 53  SER 53  53  ?   ?   ?   B . n 
B 1 54  MET 54  54  ?   ?   ?   B . n 
B 1 55  ILE 55  55  ?   ?   ?   B . n 
B 1 56  SER 56  56  ?   ?   ?   B . n 
B 1 57  TRP 57  57  ?   ?   ?   B . n 
B 1 58  PRO 58  58  ?   ?   ?   B . n 
B 1 59  ASN 59  59  ?   ?   ?   B . n 
B 1 60  ASP 60  60  ?   ?   ?   B . n 
B 1 61  ALA 61  61  ?   ?   ?   B . n 
B 1 62  SER 62  62  ?   ?   ?   B . n 
B 1 63  ARG 63  63  ?   ?   ?   B . n 
B 1 64  ILE 64  64  ?   ?   ?   B . n 
B 1 65  VAL 65  65  ?   ?   ?   B . n 
B 1 66  TYR 66  66  ?   ?   ?   B . n 
B 1 67  CYS 67  67  ?   ?   ?   B . n 
B 1 68  ARG 68  68  ?   ?   ?   B . n 
B 1 69  ARG 69  69  ?   ?   ?   B . n 
B 1 70  HIS 70  70  ?   ?   ?   B . n 
B 1 71  LEU 71  71  ?   ?   ?   B . n 
B 1 72  LEU 72  72  ?   ?   ?   B . n 
B 1 73  ASN 73  73  ?   ?   ?   B . n 
B 1 74  PRO 74  74  ?   ?   ?   B . n 
B 1 75  ALA 75  75  ?   ?   ?   B . n 
B 1 76  ALA 76  76  ?   ?   ?   B . n 
B 1 77  GLN 77  77  ?   ?   ?   B . n 
B 1 78  TRP 78  78  ?   ?   ?   B . n 
B 1 79  ALA 79  79  ?   ?   ?   B . n 
B 1 80  ASN 80  80  ?   ?   ?   B . n 
B 1 81  ASP 81  81  ?   ?   ?   B . n 
B 1 82  PHE 82  82  ?   ?   ?   B . n 
B 1 83  VAL 83  83  ?   ?   ?   B . n 
B 1 84  GLN 84  84  ?   ?   ?   B . n 
B 1 85  GLU 85  85  ?   ?   ?   B . n 
B 1 86  GLN 86  86  ?   ?   ?   B . n 
B 1 87  GLY 87  87  ?   ?   ?   B . n 
B 1 88  ILE 88  88  ?   ?   ?   B . n 
B 1 89  LEU 89  89  ?   ?   ?   B . n 
B 1 90  GLU 90  90  ?   ?   ?   B . n 
B 1 91  ILE 91  91  ?   ?   ?   B . n 
B 1 92  THR 92  92  ?   ?   ?   B . n 
B 1 93  PHE 93  93  ?   ?   ?   B . n 
B 1 94  ASP 94  94  ?   ?   ?   B . n 
B 1 95  THR 95  95  ?   ?   ?   B . n 
B 1 96  PHE 96  96  ?   ?   ?   B . n 
B 1 97  ILE 97  97  ?   ?   ?   B . n 
B 1 98  GLN 98  98  ?   ?   ?   B . n 
B 1 99  GLY 99  99  ?   ?   ?   B . n 
B 1 100 LEU 100 100 ?   ?   ?   B . n 
B 1 101 TYR 101 101 ?   ?   ?   B . n 
B 1 102 GLN 102 102 ?   ?   ?   B . n 
B 1 103 HIS 103 103 ?   ?   ?   B . n 
B 1 104 PHE 104 104 ?   ?   ?   B . n 
B 1 105 TYR 105 105 105 TYR TYR B . n 
B 1 106 LYS 106 106 106 LYS LYS B . n 
B 1 107 PRO 107 107 107 PRO PRO B . n 
B 1 108 PRO 108 108 108 PRO PRO B . n 
B 1 109 ASP 109 109 109 ASP ASP B . n 
B 1 110 ILE 110 110 110 ILE ILE B . n 
B 1 111 ASN 111 111 111 ASN ASN B . n 
B 1 112 LYS 112 112 112 LYS LYS B . n 
B 1 113 ILE 113 113 113 ILE ILE B . n 
B 1 114 PHE 114 114 114 PHE PHE B . n 
B 1 115 ASN 115 115 115 ASN ASN B . n 
B 1 116 ALA 116 116 116 ALA ALA B . n 
B 1 117 ILE 117 117 117 ILE ILE B . n 
B 1 118 THR 118 118 118 THR THR B . n 
B 1 119 GLN 119 119 119 GLN GLN B . n 
B 1 120 LEU 120 120 120 LEU LEU B . n 
B 1 121 SER 121 121 121 SER SER B . n 
B 1 122 GLU 122 122 122 GLU GLU B . n 
B 1 123 ALA 123 123 123 ALA ALA B . n 
B 1 124 LYS 124 124 124 LYS LYS B . n 
B 1 125 LEU 125 125 125 LEU LEU B . n 
B 1 126 GLY 126 126 126 GLY GLY B . n 
B 1 127 ILE 127 127 127 ILE ILE B . n 
B 1 128 GLU 128 128 128 GLU GLU B . n 
B 1 129 ARG 129 129 129 ARG ARG B . n 
B 1 130 LEU 130 130 130 LEU LEU B . n 
B 1 131 ASN 131 131 131 ASN ASN B . n 
B 1 132 GLN 132 132 132 GLN GLN B . n 
B 1 133 ARG 133 133 133 ARG ARG B . n 
B 1 134 PHE 134 134 134 PHE PHE B . n 
B 1 135 ARG 135 135 135 ARG ARG B . n 
B 1 136 LYS 136 136 136 LYS LYS B . n 
B 1 137 ILE 137 137 137 ILE ILE B . n 
B 1 138 TRP 138 138 138 TRP TRP B . n 
B 1 139 ASP 139 139 139 ASP ASP B . n 
B 1 140 ARG 140 140 140 ARG ARG B . n 
B 1 141 MET 141 141 141 MET MET B . n 
B 1 142 PRO 142 142 142 PRO PRO B . n 
B 1 143 PRO 143 143 143 PRO PRO B . n 
B 1 144 ASP 144 144 144 ASP ASP B . n 
B 1 145 PHE 145 145 145 PHE PHE B . n 
B 1 146 MET 146 146 146 MET MET B . n 
B 1 147 THR 147 147 147 THR THR B . n 
B 1 148 GLU 148 148 148 GLU GLU B . n 
B 1 149 LYS 149 149 149 LYS LYS B . n 
B 1 150 ALA 150 150 150 ALA ALA B . n 
B 1 151 ALA 151 151 151 ALA ALA B . n 
B 1 152 ILE 152 152 152 ILE ILE B . n 
B 1 153 MET 153 153 153 MET MET B . n 
B 1 154 THR 154 154 154 THR THR B . n 
B 1 155 TYR 155 155 155 TYR TYR B . n 
B 1 156 THR 156 156 156 THR THR B . n 
B 1 157 ARG 157 157 157 ARG ARG B . n 
B 1 158 LEU 158 158 158 LEU LEU B . n 
B 1 159 LEU 159 159 159 LEU LEU B . n 
B 1 160 THR 160 160 160 THR THR B . n 
B 1 161 LYS 161 161 161 LYS LYS B . n 
B 1 162 GLU 162 162 162 GLU GLU B . n 
B 1 163 THR 163 163 163 THR THR B . n 
B 1 164 TYR 164 164 164 TYR TYR B . n 
B 1 165 ASN 165 165 165 ASN ASN B . n 
B 1 166 ILE 166 166 166 ILE ILE B . n 
B 1 167 VAL 167 167 167 VAL VAL B . n 
B 1 168 ARG 168 168 168 ARG ARG B . n 
B 1 169 MET 169 169 169 MET MET B . n 
B 1 170 HIS 170 170 170 HIS HIS B . n 
B 1 171 LYS 171 171 171 LYS LYS B . n 
B 1 172 PRO 172 172 172 PRO PRO B . n 
B 1 173 GLU 173 173 173 GLU GLU B . n 
B 1 174 THR 174 174 174 THR THR B . n 
B 1 175 LEU 175 175 175 LEU LEU B . n 
B 1 176 LYS 176 176 176 LYS LYS B . n 
B 1 177 ASP 177 177 177 ASP ASP B . n 
B 1 178 ALA 178 178 178 ALA ALA B . n 
B 1 179 MET 179 179 179 MET MET B . n 
B 1 180 GLU 180 180 180 GLU GLU B . n 
B 1 181 GLU 181 181 181 GLU GLU B . n 
B 1 182 ALA 182 182 182 ALA ALA B . n 
B 1 183 TYR 183 183 183 TYR TYR B . n 
B 1 184 GLN 184 184 184 GLN GLN B . n 
B 1 185 THR 185 185 185 THR THR B . n 
B 1 186 THR 186 186 186 THR THR B . n 
B 1 187 ALA 187 187 187 ALA ALA B . n 
B 1 188 LEU 188 188 188 LEU LEU B . n 
B 1 189 THR 189 189 189 THR THR B . n 
B 1 190 GLU 190 190 190 GLU GLU B . n 
B 1 191 ARG 191 191 191 ARG ARG B . n 
B 1 192 PHE 192 192 192 PHE PHE B . n 
B 1 193 PHE 193 193 193 PHE PHE B . n 
B 1 194 PRO 194 194 194 PRO PRO B . n 
B 1 195 GLY 195 195 195 GLY GLY B . n 
B 1 196 PHE 196 196 ?   ?   ?   B . n 
B 1 197 GLU 197 197 ?   ?   ?   B . n 
B 1 198 LEU 198 198 ?   ?   ?   B . n 
B 1 199 ASP 199 199 ?   ?   ?   B . n 
B 1 200 ALA 200 200 ?   ?   ?   B . n 
B 1 201 ASP 201 201 ?   ?   ?   B . n 
B 1 202 GLY 202 202 ?   ?   ?   B . n 
B 1 203 ASP 203 203 ?   ?   ?   B . n 
B 1 204 THR 204 204 ?   ?   ?   B . n 
B 1 205 ILE 205 205 ?   ?   ?   B . n 
B 1 206 ILE 206 206 ?   ?   ?   B . n 
B 1 207 GLY 207 207 ?   ?   ?   B . n 
B 1 208 ALA 208 208 ?   ?   ?   B . n 
B 1 209 THR 209 209 ?   ?   ?   B . n 
B 1 210 THR 210 210 ?   ?   ?   B . n 
B 1 211 HIS 211 211 ?   ?   ?   B . n 
B 1 212 LEU 212 212 ?   ?   ?   B . n 
B 1 213 GLN 213 213 ?   ?   ?   B . n 
B 1 214 GLU 214 214 ?   ?   ?   B . n 
B 1 215 GLU 215 215 ?   ?   ?   B . n 
B 1 216 TYR 216 216 ?   ?   ?   B . n 
B 1 217 ASP 217 217 ?   ?   ?   B . n 
B 1 218 SER 218 218 ?   ?   ?   B . n 
B 1 219 ASP 219 219 ?   ?   ?   B . n 
B 1 220 TYR 220 220 ?   ?   ?   B . n 
B 1 221 ASP 221 221 ?   ?   ?   B . n 
B 1 222 SER 222 222 ?   ?   ?   B . n 
B 1 223 GLU 223 223 ?   ?   ?   B . n 
B 1 224 ASP 224 224 ?   ?   ?   B . n 
B 1 225 ASN 225 225 ?   ?   ?   B . n 
B 1 226 LEU 226 226 ?   ?   ?   B . n 
B 1 227 THR 227 227 ?   ?   ?   B . n 
B 1 228 GLN 228 228 ?   ?   ?   B . n 
B 1 229 ASN 229 229 ?   ?   ?   B . n 
B 1 230 ARG 230 230 ?   ?   ?   B . n 
B 1 231 TYR 231 231 ?   ?   ?   B . n 
B 1 232 VAL 232 232 ?   ?   ?   B . n 
B 1 233 HIS 233 233 ?   ?   ?   B . n 
B 1 234 THR 234 234 ?   ?   ?   B . n 
B 1 235 VAL 235 235 ?   ?   ?   B . n 
B 1 236 ARG 236 236 ?   ?   ?   B . n 
B 1 237 THR 237 237 ?   ?   ?   B . n 
B 1 238 ARG 238 238 ?   ?   ?   B . n 
B 1 239 ARG 239 239 ?   ?   ?   B . n 
B 1 240 SER 240 240 ?   ?   ?   B . n 
B 1 241 TYR 241 241 ?   ?   ?   B . n 
B 1 242 ASN 242 242 ?   ?   ?   B . n 
B 1 243 LYS 243 243 ?   ?   ?   B . n 
B 1 244 PRO 244 244 ?   ?   ?   B . n 
B 1 245 MET 245 245 ?   ?   ?   B . n 
B 1 246 SER 246 246 ?   ?   ?   B . n 
B 1 247 ASN 247 247 ?   ?   ?   B . n 
B 1 248 HIS 248 248 ?   ?   ?   B . n 
B 1 249 ARG 249 249 ?   ?   ?   B . n 
B 1 250 ASN 250 250 ?   ?   ?   B . n 
B 1 251 ARG 251 251 ?   ?   ?   B . n 
B 1 252 ARG 252 252 ?   ?   ?   B . n 
B 1 253 ASN 253 253 ?   ?   ?   B . n 
B 1 254 ASN 254 254 ?   ?   ?   B . n 
B 1 255 ASN 255 255 ?   ?   ?   B . n 
B 1 256 ALA 256 256 ?   ?   ?   B . n 
B 1 257 SER 257 257 ?   ?   ?   B . n 
B 1 258 ARG 258 258 ?   ?   ?   B . n 
B 1 259 GLU 259 259 ?   ?   ?   B . n 
B 1 260 GLU 260 260 ?   ?   ?   B . n 
B 1 261 CYS 261 261 ?   ?   ?   B . n 
B 1 262 ILE 262 262 ?   ?   ?   B . n 
B 1 263 LYS 263 263 ?   ?   ?   B . n 
B 1 264 ASN 264 264 ?   ?   ?   B . n 
B 1 265 ARG 265 265 ?   ?   ?   B . n 
B 1 266 LEU 266 266 ?   ?   ?   B . n 
B 1 267 CYS 267 267 ?   ?   ?   B . n 
B 1 268 PHE 268 268 ?   ?   ?   B . n 
B 1 269 TYR 269 269 ?   ?   ?   B . n 
B 1 270 CYS 270 270 ?   ?   ?   B . n 
B 1 271 LYS 271 271 ?   ?   ?   B . n 
B 1 272 LYS 272 272 ?   ?   ?   B . n 
B 1 273 GLU 273 273 ?   ?   ?   B . n 
B 1 274 GLY 274 274 ?   ?   ?   B . n 
B 1 275 HIS 275 275 ?   ?   ?   B . n 
B 1 276 ARG 276 276 ?   ?   ?   B . n 
B 1 277 LEU 277 277 ?   ?   ?   B . n 
B 1 278 ASN 278 278 ?   ?   ?   B . n 
B 1 279 GLU 279 279 ?   ?   ?   B . n 
B 1 280 CYS 280 280 ?   ?   ?   B . n 
B 1 281 ARG 281 281 ?   ?   ?   B . n 
B 1 282 ALA 282 282 ?   ?   ?   B . n 
B 1 283 ARG 283 283 ?   ?   ?   B . n 
B 1 284 LYS 284 284 ?   ?   ?   B . n 
B 1 285 ALA 285 285 ?   ?   ?   B . n 
B 1 286 VAL 286 286 ?   ?   ?   B . n 
B 1 287 LEU 287 287 ?   ?   ?   B . n 
B 1 288 THR 288 288 ?   ?   ?   B . n 
B 1 289 ASP 289 289 ?   ?   ?   B . n 
B 1 290 LEU 290 290 ?   ?   ?   B . n 
B 1 291 GLU 291 291 ?   ?   ?   B . n 
B 1 292 LEU 292 292 ?   ?   ?   B . n 
B 1 293 GLU 293 293 ?   ?   ?   B . n 
B 1 294 SER 294 294 ?   ?   ?   B . n 
B 1 295 LYS 295 295 ?   ?   ?   B . n 
B 1 296 ASP 296 296 ?   ?   ?   B . n 
B 1 297 GLN 297 297 ?   ?   ?   B . n 
B 1 298 GLN 298 298 ?   ?   ?   B . n 
B 1 299 THR 299 299 ?   ?   ?   B . n 
B 1 300 LEU 300 300 ?   ?   ?   B . n 
B 1 301 PHE 301 301 ?   ?   ?   B . n 
B 1 302 ILE 302 302 ?   ?   ?   B . n 
B 1 303 LYS 303 303 ?   ?   ?   B . n 
B 1 304 THR 304 304 ?   ?   ?   B . n 
B 1 305 LEU 305 305 ?   ?   ?   B . n 
B 1 306 PRO 306 306 ?   ?   ?   B . n 
B 1 307 ILE 307 307 ?   ?   ?   B . n 
B 1 308 VAL 308 308 ?   ?   ?   B . n 
B 1 309 HIS 309 309 ?   ?   ?   B . n 
# 
_exptl.absorpt_coefficient_mu     ? 
_exptl.absorpt_correction_T_max   ? 
_exptl.absorpt_correction_T_min   ? 
_exptl.absorpt_correction_type    ? 
_exptl.absorpt_process_details    ? 
_exptl.entry_id                   6R23 
_exptl.crystals_number            ? 
_exptl.details                    ? 
_exptl.method                     'ELECTRON MICROSCOPY' 
_exptl.method_details             ? 
# 
_struct.entry_id                     6R23 
_struct.title                        'The structure of a Ty3 retrotransposon capsid C-terminal domain dimer' 
_struct.pdbx_model_details           ? 
_struct.pdbx_formula_weight          ? 
_struct.pdbx_formula_weight_method   ? 
_struct.pdbx_model_type_details      ? 
_struct.pdbx_CASP_flag               N 
# 
_struct_keywords.entry_id        6R23 
_struct_keywords.text            'Ty3, retrotransposon, retrovirus, capsid, Gag polyprotein, capsid-CTD, VIRUS LIKE PARTICLE' 
_struct_keywords.pdbx_keywords   'VIRUS LIKE PARTICLE' 
# 
loop_
_struct_asym.id 
_struct_asym.pdbx_blank_PDB_chainid_flag 
_struct_asym.pdbx_modified 
_struct_asym.entity_id 
_struct_asym.details 
A N N 1 ? 
B N N 1 ? 
# 
_struct_ref.id                         1 
_struct_ref.db_name                    UNP 
_struct_ref.db_code                    YI31B_YEAST 
_struct_ref.pdbx_db_accession          Q7LHG5 
_struct_ref.pdbx_db_isoform            ? 
_struct_ref.entity_id                  1 
_struct_ref.pdbx_seq_one_letter_code   
;MSFMDQIPGGGNYPKLPVECLPNFPIQPSLTFRGRNDSHKLKNFISEIMLNMSMISWPNDASRIVYCRRHLLNPAAQWAN
DFVQEQGILEITFDTFIQGLYQHFYKPPDINKIFNAITQLSEAKLGIERLNQRFRKIWDRMPPDFMTEKAAIMTYTRLLT
KETYNIVRMHKPETLKDAMEEAYQTTALTERFFPGFELDADGDTIIGATTHLQEEYDSDYDSEDNLTQNRYVHTVRTRRS
YNKPMSNHRNRRNNNASREECIKNRLCFYCKKEGHRLNECRARKAVLTDLELESKDQQTLFIKTLPIVH
;
_struct_ref.pdbx_align_begin           1 
# 
loop_
_struct_ref_seq.align_id 
_struct_ref_seq.ref_id 
_struct_ref_seq.pdbx_PDB_id_code 
_struct_ref_seq.pdbx_strand_id 
_struct_ref_seq.seq_align_beg 
_struct_ref_seq.pdbx_seq_align_beg_ins_code 
_struct_ref_seq.seq_align_end 
_struct_ref_seq.pdbx_seq_align_end_ins_code 
_struct_ref_seq.pdbx_db_accession 
_struct_ref_seq.db_align_beg 
_struct_ref_seq.pdbx_db_align_beg_ins_code 
_struct_ref_seq.db_align_end 
_struct_ref_seq.pdbx_db_align_end_ins_code 
_struct_ref_seq.pdbx_auth_seq_align_beg 
_struct_ref_seq.pdbx_auth_seq_align_end 
1 1 6R23 A 1 ? 309 ? Q7LHG5 1 ? 309 ? 1 309 
2 1 6R23 B 1 ? 309 ? Q7LHG5 1 ? 309 ? 1 309 
# 
_pdbx_struct_assembly.id                   1 
_pdbx_struct_assembly.details              author_and_software_defined_assembly 
_pdbx_struct_assembly.method_details       PISA 
_pdbx_struct_assembly.oligomeric_details   dimeric 
_pdbx_struct_assembly.oligomeric_count     2 
# 
loop_
_pdbx_struct_assembly_prop.biol_id 
_pdbx_struct_assembly_prop.type 
_pdbx_struct_assembly_prop.value 
_pdbx_struct_assembly_prop.details 
1 'ABSA (A^2)' 1050  ? 
1 MORE         -7    ? 
1 'SSA (A^2)'  13580 ? 
# 
_pdbx_struct_assembly_gen.assembly_id       1 
_pdbx_struct_assembly_gen.oper_expression   1 
_pdbx_struct_assembly_gen.asym_id_list      A,B 
# 
_pdbx_struct_assembly_auth_evidence.id                     1 
_pdbx_struct_assembly_auth_evidence.assembly_id            1 
_pdbx_struct_assembly_auth_evidence.experimental_support   microscopy 
_pdbx_struct_assembly_auth_evidence.details                ? 
# 
_pdbx_struct_oper_list.id                   1 
_pdbx_struct_oper_list.type                 'identity operation' 
_pdbx_struct_oper_list.name                 1_555 
_pdbx_struct_oper_list.symmetry_operation   ? 
_pdbx_struct_oper_list.matrix[1][1]         1.0000000000 
_pdbx_struct_oper_list.matrix[1][2]         0.0000000000 
_pdbx_struct_oper_list.matrix[1][3]         0.0000000000 
_pdbx_struct_oper_list.vector[1]            0.0000000000 
_pdbx_struct_oper_list.matrix[2][1]         0.0000000000 
_pdbx_struct_oper_list.matrix[2][2]         1.0000000000 
_pdbx_struct_oper_list.matrix[2][3]         0.0000000000 
_pdbx_struct_oper_list.vector[2]            0.0000000000 
_pdbx_struct_oper_list.matrix[3][1]         0.0000000000 
_pdbx_struct_oper_list.matrix[3][2]         0.0000000000 
_pdbx_struct_oper_list.matrix[3][3]         1.0000000000 
_pdbx_struct_oper_list.vector[3]            0.0000000000 
# 
loop_
_struct_conf.conf_type_id 
_struct_conf.id 
_struct_conf.pdbx_PDB_helix_id 
_struct_conf.beg_label_comp_id 
_struct_conf.beg_label_asym_id 
_struct_conf.beg_label_seq_id 
_struct_conf.pdbx_beg_PDB_ins_code 
_struct_conf.end_label_comp_id 
_struct_conf.end_label_asym_id 
_struct_conf.end_label_seq_id 
_struct_conf.pdbx_end_PDB_ins_code 
_struct_conf.beg_auth_comp_id 
_struct_conf.beg_auth_asym_id 
_struct_conf.beg_auth_seq_id 
_struct_conf.end_auth_comp_id 
_struct_conf.end_auth_asym_id 
_struct_conf.end_auth_seq_id 
_struct_conf.pdbx_PDB_helix_class 
_struct_conf.details 
_struct_conf.pdbx_PDB_helix_length 
HELX_P HELX_P1  AA1 ASP A 109 ? GLN A 119 ? ASP A 109 GLN A 119 1 ? 11 
HELX_P HELX_P2  AA2 LEU A 125 ? ASP A 139 ? LEU A 125 ASP A 139 1 ? 15 
HELX_P HELX_P3  AA3 THR A 147 ? ARG A 157 ? THR A 147 ARG A 157 1 ? 11 
HELX_P HELX_P4  AA4 THR A 160 ? MET A 169 ? THR A 160 MET A 169 1 ? 10 
HELX_P HELX_P5  AA5 THR A 174 ? LEU A 188 ? THR A 174 LEU A 188 1 ? 15 
HELX_P HELX_P6  AA6 ASP B 109 ? GLN B 119 ? ASP B 109 GLN B 119 1 ? 11 
HELX_P HELX_P7  AA7 LEU B 125 ? ASP B 139 ? LEU B 125 ASP B 139 1 ? 15 
HELX_P HELX_P8  AA8 THR B 147 ? ARG B 157 ? THR B 147 ARG B 157 1 ? 11 
HELX_P HELX_P9  AA9 THR B 160 ? MET B 169 ? THR B 160 MET B 169 1 ? 10 
HELX_P HELX_P10 AB1 THR B 174 ? LEU B 188 ? THR B 174 LEU B 188 1 ? 15 
# 
_struct_conf_type.id          HELX_P 
_struct_conf_type.criteria    ? 
_struct_conf_type.reference   ? 
# 
loop_
_struct_mon_prot_cis.pdbx_id 
_struct_mon_prot_cis.label_comp_id 
_struct_mon_prot_cis.label_seq_id 
_struct_mon_prot_cis.label_asym_id 
_struct_mon_prot_cis.label_alt_id 
_struct_mon_prot_cis.pdbx_PDB_ins_code 
_struct_mon_prot_cis.auth_comp_id 
_struct_mon_prot_cis.auth_seq_id 
_struct_mon_prot_cis.auth_asym_id 
_struct_mon_prot_cis.pdbx_label_comp_id_2 
_struct_mon_prot_cis.pdbx_label_seq_id_2 
_struct_mon_prot_cis.pdbx_label_asym_id_2 
_struct_mon_prot_cis.pdbx_PDB_ins_code_2 
_struct_mon_prot_cis.pdbx_auth_comp_id_2 
_struct_mon_prot_cis.pdbx_auth_seq_id_2 
_struct_mon_prot_cis.pdbx_auth_asym_id_2 
_struct_mon_prot_cis.pdbx_PDB_model_num 
_struct_mon_prot_cis.pdbx_omega_angle 
1 MET 169 A . ? MET 169 A HIS 170 A ? HIS 170 A 1 1.44 
2 MET 169 B . ? MET 169 B HIS 170 B ? HIS 170 B 1 1.47 
# 
loop_
_pdbx_validate_torsion.id 
_pdbx_validate_torsion.PDB_model_num 
_pdbx_validate_torsion.auth_comp_id 
_pdbx_validate_torsion.auth_asym_id 
_pdbx_validate_torsion.auth_seq_id 
_pdbx_validate_torsion.PDB_ins_code 
_pdbx_validate_torsion.label_alt_id 
_pdbx_validate_torsion.phi 
_pdbx_validate_torsion.psi 
1 1 MET A 141 ? ? 41.89   73.82 
2 1 ASP A 144 ? ? -149.49 25.51 
3 1 MET B 141 ? ? 41.89   73.86 
4 1 ASP B 144 ? ? -149.49 25.41 
# 
loop_
_pdbx_validate_peptide_omega.id 
_pdbx_validate_peptide_omega.PDB_model_num 
_pdbx_validate_peptide_omega.auth_comp_id_1 
_pdbx_validate_peptide_omega.auth_asym_id_1 
_pdbx_validate_peptide_omega.auth_seq_id_1 
_pdbx_validate_peptide_omega.PDB_ins_code_1 
_pdbx_validate_peptide_omega.label_alt_id_1 
_pdbx_validate_peptide_omega.auth_comp_id_2 
_pdbx_validate_peptide_omega.auth_asym_id_2 
_pdbx_validate_peptide_omega.auth_seq_id_2 
_pdbx_validate_peptide_omega.PDB_ins_code_2 
_pdbx_validate_peptide_omega.label_alt_id_2 
_pdbx_validate_peptide_omega.omega 
1 1 MET A 141 ? ? PRO A 142 ? ? 149.44 
2 1 ARG A 191 ? ? PHE A 192 ? ? 142.44 
3 1 MET B 141 ? ? PRO B 142 ? ? 149.42 
4 1 ARG B 191 ? ? PHE B 192 ? ? 142.43 
# 
_em_3d_fitting.entry_id          6R23 
_em_3d_fitting.id                1 
_em_3d_fitting.details           ? 
_em_3d_fitting.overall_b_value   ? 
_em_3d_fitting.ref_protocol      'FLEXIBLE FIT' 
_em_3d_fitting.ref_space         REAL 
_em_3d_fitting.target_criteria   'Cross-correlation coefficient' 
_em_3d_fitting.method            ? 
# 
_em_3d_reconstruction.entry_id                    6R23 
_em_3d_reconstruction.id                          1 
_em_3d_reconstruction.algorithm                   ? 
_em_3d_reconstruction.details                     
;The Ty3 particles have a T=9 and each asymmetric unit of the lattice contains nine non-symmetry related Ty3 capsid protein monomers. We extracted all non-symmetry related units from the final reconstructions from the two half datasets. The CA-CTDs were aligned and averaged separately. The final structure of the CA-CTD comes from nine averaged copies of the domain. The final structure of the CA-CTD was resolved at 4.9 A resolution at 0.143 FSC. Gaussian-smoothened ellipsoid-shaped masks were used for resolution measurements.
;
_em_3d_reconstruction.refinement_type             ? 
_em_3d_reconstruction.image_processing_id         1 
_em_3d_reconstruction.num_class_averages          1 
_em_3d_reconstruction.num_particles               74160 
_em_3d_reconstruction.resolution                  4.9 
_em_3d_reconstruction.resolution_method           'FSC 0.143 CUT-OFF' 
_em_3d_reconstruction.symmetry_type               POINT 
_em_3d_reconstruction.method                      ? 
_em_3d_reconstruction.nominal_pixel_size          ? 
_em_3d_reconstruction.actual_pixel_size           ? 
_em_3d_reconstruction.magnification_calibration   ? 
# 
_em_buffer.id            1 
_em_buffer.details       ? 
_em_buffer.pH            8.0 
_em_buffer.specimen_id   1 
_em_buffer.name          ? 
# 
_em_entity_assembly.id                   1 
_em_entity_assembly.parent_id            0 
_em_entity_assembly.details              
;The 9 non-symmetry related copies of the Ty3 Capsid-CTD from the complete capsid shell structure were aligned and averaged to generate a higher resolution 4.9 A structure
;
_em_entity_assembly.name                 'Ty3 capsid C-terminal domain dimer' 
_em_entity_assembly.source               RECOMBINANT 
_em_entity_assembly.type                 COMPLEX 
_em_entity_assembly.entity_id_list       1 
_em_entity_assembly.synonym              ? 
_em_entity_assembly.oligomeric_details   ? 
# 
_em_image_scans.entry_id                6R23 
_em_image_scans.id                      1 
_em_image_scans.dimension_height        ? 
_em_image_scans.dimension_width         ? 
_em_image_scans.frames_per_image        1 
_em_image_scans.image_recording_id      1 
_em_image_scans.sampling_size           ? 
_em_image_scans.scanner_model           ? 
_em_image_scans.used_frames_per_image   ? 
_em_image_scans.citation_id             ? 
_em_image_scans.number_digital_images   ? 
_em_image_scans.od_range                ? 
_em_image_scans.quant_bit_size          ? 
_em_image_scans.details                 ? 
# 
_em_imaging.id                              1 
_em_imaging.entry_id                        6R23 
_em_imaging.accelerating_voltage            300 
_em_imaging.alignment_procedure             ? 
_em_imaging.c2_aperture_diameter            50.0 
_em_imaging.calibrated_defocus_max          ? 
_em_imaging.calibrated_defocus_min          ? 
_em_imaging.calibrated_magnification        ? 
_em_imaging.cryogen                         NITROGEN 
_em_imaging.details                         
;Cryo-grids containing purified PR- Ty3 particles were imaged in a Titan Krios electron microscope equipped with a Falcon II direct electron detector, operated at 300 kV. Images were collected with a nominal magnification of 75000, giving a pixel size of 1.08 A. Images were collected in integrating mode with a total electron dose of 20 e/A2. The range of applied defocus values was between -1.0 um and -3.5 um.
;
_em_imaging.electron_source                 'FIELD EMISSION GUN' 
_em_imaging.illumination_mode               'FLOOD BEAM' 
_em_imaging.microscope_model                'FEI TITAN KRIOS' 
_em_imaging.mode                            'BRIGHT FIELD' 
_em_imaging.nominal_cs                      2.7 
_em_imaging.nominal_defocus_max             3500 
_em_imaging.nominal_defocus_min             1000 
_em_imaging.nominal_magnification           75000 
_em_imaging.recording_temperature_maximum   ? 
_em_imaging.recording_temperature_minimum   ? 
_em_imaging.residual_tilt                   ? 
_em_imaging.specimen_holder_model           'FEI TITAN KRIOS AUTOGRID HOLDER' 
_em_imaging.specimen_id                     1 
_em_imaging.citation_id                     ? 
_em_imaging.date                            ? 
_em_imaging.temperature                     ? 
_em_imaging.tilt_angle_min                  ? 
_em_imaging.tilt_angle_max                  ? 
_em_imaging.astigmatism                     ? 
_em_imaging.detector_distance               ? 
_em_imaging.electron_beam_tilt_params       ? 
_em_imaging.specimen_holder_type            ? 
# 
_em_sample_support.id               1 
_em_sample_support.specimen_id      1 
_em_sample_support.details          ? 
_em_sample_support.grid_material    COPPER 
_em_sample_support.grid_mesh_size   ? 
_em_sample_support.grid_type        C-flat 
_em_sample_support.method           ? 
_em_sample_support.film_material    ? 
# 
_em_virus_entity.entity_assembly_id    1 
_em_virus_entity.empty                 NO 
_em_virus_entity.enveloped             NO 
_em_virus_entity.virus_isolate         OTHER 
_em_virus_entity.virus_type            'VIRUS-LIKE PARTICLE' 
_em_virus_entity.id                    1 
_em_virus_entity.virus_host_category   ? 
_em_virus_entity.details               ? 
# 
_em_vitrification.id                    1 
_em_vitrification.specimen_id           1 
_em_vitrification.chamber_temperature   296 
_em_vitrification.cryogen_name          ETHANE 
_em_vitrification.details               
;The sample was applied onto glow-discharged C-flat (Protochips Inc.) holey carbon grids. The grids were blotted from the back side for 11 seconds at room temperature in a chamber at 85% humidity and plunge-frozen into liquid ethane using a manual plunger.
;
_em_vitrification.humidity              85 
_em_vitrification.instrument            'HOMEMADE PLUNGER' 
_em_vitrification.entry_id              6R23 
_em_vitrification.citation_id           ? 
_em_vitrification.method                ? 
_em_vitrification.temp                  ? 
_em_vitrification.time_resolved_state   ? 
# 
_em_experiment.entry_id                6R23 
_em_experiment.id                      1 
_em_experiment.aggregation_state       PARTICLE 
_em_experiment.reconstruction_method   'SINGLE PARTICLE' 
_em_experiment.entity_assembly_id      1 
# 
_em_single_particle_entity.entry_id              6R23 
_em_single_particle_entity.id                    1 
_em_single_particle_entity.image_processing_id   1 
_em_single_particle_entity.point_symmetry        C1 
# 
loop_
_pdbx_unobs_or_zero_occ_residues.id 
_pdbx_unobs_or_zero_occ_residues.PDB_model_num 
_pdbx_unobs_or_zero_occ_residues.polymer_flag 
_pdbx_unobs_or_zero_occ_residues.occupancy_flag 
_pdbx_unobs_or_zero_occ_residues.auth_asym_id 
_pdbx_unobs_or_zero_occ_residues.auth_comp_id 
_pdbx_unobs_or_zero_occ_residues.auth_seq_id 
_pdbx_unobs_or_zero_occ_residues.PDB_ins_code 
_pdbx_unobs_or_zero_occ_residues.label_asym_id 
_pdbx_unobs_or_zero_occ_residues.label_comp_id 
_pdbx_unobs_or_zero_occ_residues.label_seq_id 
1   1 Y 1 A MET 1   ? A MET 1   
2   1 Y 1 A SER 2   ? A SER 2   
3   1 Y 1 A PHE 3   ? A PHE 3   
4   1 Y 1 A MET 4   ? A MET 4   
5   1 Y 1 A ASP 5   ? A ASP 5   
6   1 Y 1 A GLN 6   ? A GLN 6   
7   1 Y 1 A ILE 7   ? A ILE 7   
8   1 Y 1 A PRO 8   ? A PRO 8   
9   1 Y 1 A GLY 9   ? A GLY 9   
10  1 Y 1 A GLY 10  ? A GLY 10  
11  1 Y 1 A GLY 11  ? A GLY 11  
12  1 Y 1 A ASN 12  ? A ASN 12  
13  1 Y 1 A TYR 13  ? A TYR 13  
14  1 Y 1 A PRO 14  ? A PRO 14  
15  1 Y 1 A LYS 15  ? A LYS 15  
16  1 Y 1 A LEU 16  ? A LEU 16  
17  1 Y 1 A PRO 17  ? A PRO 17  
18  1 Y 1 A VAL 18  ? A VAL 18  
19  1 Y 1 A GLU 19  ? A GLU 19  
20  1 Y 1 A CYS 20  ? A CYS 20  
21  1 Y 1 A LEU 21  ? A LEU 21  
22  1 Y 1 A PRO 22  ? A PRO 22  
23  1 Y 1 A ASN 23  ? A ASN 23  
24  1 Y 1 A PHE 24  ? A PHE 24  
25  1 Y 1 A PRO 25  ? A PRO 25  
26  1 Y 1 A ILE 26  ? A ILE 26  
27  1 Y 1 A GLN 27  ? A GLN 27  
28  1 Y 1 A PRO 28  ? A PRO 28  
29  1 Y 1 A SER 29  ? A SER 29  
30  1 Y 1 A LEU 30  ? A LEU 30  
31  1 Y 1 A THR 31  ? A THR 31  
32  1 Y 1 A PHE 32  ? A PHE 32  
33  1 Y 1 A ARG 33  ? A ARG 33  
34  1 Y 1 A GLY 34  ? A GLY 34  
35  1 Y 1 A ARG 35  ? A ARG 35  
36  1 Y 1 A ASN 36  ? A ASN 36  
37  1 Y 1 A ASP 37  ? A ASP 37  
38  1 Y 1 A SER 38  ? A SER 38  
39  1 Y 1 A HIS 39  ? A HIS 39  
40  1 Y 1 A LYS 40  ? A LYS 40  
41  1 Y 1 A LEU 41  ? A LEU 41  
42  1 Y 1 A LYS 42  ? A LYS 42  
43  1 Y 1 A ASN 43  ? A ASN 43  
44  1 Y 1 A PHE 44  ? A PHE 44  
45  1 Y 1 A ILE 45  ? A ILE 45  
46  1 Y 1 A SER 46  ? A SER 46  
47  1 Y 1 A GLU 47  ? A GLU 47  
48  1 Y 1 A ILE 48  ? A ILE 48  
49  1 Y 1 A MET 49  ? A MET 49  
50  1 Y 1 A LEU 50  ? A LEU 50  
51  1 Y 1 A ASN 51  ? A ASN 51  
52  1 Y 1 A MET 52  ? A MET 52  
53  1 Y 1 A SER 53  ? A SER 53  
54  1 Y 1 A MET 54  ? A MET 54  
55  1 Y 1 A ILE 55  ? A ILE 55  
56  1 Y 1 A SER 56  ? A SER 56  
57  1 Y 1 A TRP 57  ? A TRP 57  
58  1 Y 1 A PRO 58  ? A PRO 58  
59  1 Y 1 A ASN 59  ? A ASN 59  
60  1 Y 1 A ASP 60  ? A ASP 60  
61  1 Y 1 A ALA 61  ? A ALA 61  
62  1 Y 1 A SER 62  ? A SER 62  
63  1 Y 1 A ARG 63  ? A ARG 63  
64  1 Y 1 A ILE 64  ? A ILE 64  
65  1 Y 1 A VAL 65  ? A VAL 65  
66  1 Y 1 A TYR 66  ? A TYR 66  
67  1 Y 1 A CYS 67  ? A CYS 67  
68  1 Y 1 A ARG 68  ? A ARG 68  
69  1 Y 1 A ARG 69  ? A ARG 69  
70  1 Y 1 A HIS 70  ? A HIS 70  
71  1 Y 1 A LEU 71  ? A LEU 71  
72  1 Y 1 A LEU 72  ? A LEU 72  
73  1 Y 1 A ASN 73  ? A ASN 73  
74  1 Y 1 A PRO 74  ? A PRO 74  
75  1 Y 1 A ALA 75  ? A ALA 75  
76  1 Y 1 A ALA 76  ? A ALA 76  
77  1 Y 1 A GLN 77  ? A GLN 77  
78  1 Y 1 A TRP 78  ? A TRP 78  
79  1 Y 1 A ALA 79  ? A ALA 79  
80  1 Y 1 A ASN 80  ? A ASN 80  
81  1 Y 1 A ASP 81  ? A ASP 81  
82  1 Y 1 A PHE 82  ? A PHE 82  
83  1 Y 1 A VAL 83  ? A VAL 83  
84  1 Y 1 A GLN 84  ? A GLN 84  
85  1 Y 1 A GLU 85  ? A GLU 85  
86  1 Y 1 A GLN 86  ? A GLN 86  
87  1 Y 1 A GLY 87  ? A GLY 87  
88  1 Y 1 A ILE 88  ? A ILE 88  
89  1 Y 1 A LEU 89  ? A LEU 89  
90  1 Y 1 A GLU 90  ? A GLU 90  
91  1 Y 1 A ILE 91  ? A ILE 91  
92  1 Y 1 A THR 92  ? A THR 92  
93  1 Y 1 A PHE 93  ? A PHE 93  
94  1 Y 1 A ASP 94  ? A ASP 94  
95  1 Y 1 A THR 95  ? A THR 95  
96  1 Y 1 A PHE 96  ? A PHE 96  
97  1 Y 1 A ILE 97  ? A ILE 97  
98  1 Y 1 A GLN 98  ? A GLN 98  
99  1 Y 1 A GLY 99  ? A GLY 99  
100 1 Y 1 A LEU 100 ? A LEU 100 
101 1 Y 1 A TYR 101 ? A TYR 101 
102 1 Y 1 A GLN 102 ? A GLN 102 
103 1 Y 1 A HIS 103 ? A HIS 103 
104 1 Y 1 A PHE 104 ? A PHE 104 
105 1 Y 1 A PHE 196 ? A PHE 196 
106 1 Y 1 A GLU 197 ? A GLU 197 
107 1 Y 1 A LEU 198 ? A LEU 198 
108 1 Y 1 A ASP 199 ? A ASP 199 
109 1 Y 1 A ALA 200 ? A ALA 200 
110 1 Y 1 A ASP 201 ? A ASP 201 
111 1 Y 1 A GLY 202 ? A GLY 202 
112 1 Y 1 A ASP 203 ? A ASP 203 
113 1 Y 1 A THR 204 ? A THR 204 
114 1 Y 1 A ILE 205 ? A ILE 205 
115 1 Y 1 A ILE 206 ? A ILE 206 
116 1 Y 1 A GLY 207 ? A GLY 207 
117 1 Y 1 A ALA 208 ? A ALA 208 
118 1 Y 1 A THR 209 ? A THR 209 
119 1 Y 1 A THR 210 ? A THR 210 
120 1 Y 1 A HIS 211 ? A HIS 211 
121 1 Y 1 A LEU 212 ? A LEU 212 
122 1 Y 1 A GLN 213 ? A GLN 213 
123 1 Y 1 A GLU 214 ? A GLU 214 
124 1 Y 1 A GLU 215 ? A GLU 215 
125 1 Y 1 A TYR 216 ? A TYR 216 
126 1 Y 1 A ASP 217 ? A ASP 217 
127 1 Y 1 A SER 218 ? A SER 218 
128 1 Y 1 A ASP 219 ? A ASP 219 
129 1 Y 1 A TYR 220 ? A TYR 220 
130 1 Y 1 A ASP 221 ? A ASP 221 
131 1 Y 1 A SER 222 ? A SER 222 
132 1 Y 1 A GLU 223 ? A GLU 223 
133 1 Y 1 A ASP 224 ? A ASP 224 
134 1 Y 1 A ASN 225 ? A ASN 225 
135 1 Y 1 A LEU 226 ? A LEU 226 
136 1 Y 1 A THR 227 ? A THR 227 
137 1 Y 1 A GLN 228 ? A GLN 228 
138 1 Y 1 A ASN 229 ? A ASN 229 
139 1 Y 1 A ARG 230 ? A ARG 230 
140 1 Y 1 A TYR 231 ? A TYR 231 
141 1 Y 1 A VAL 232 ? A VAL 232 
142 1 Y 1 A HIS 233 ? A HIS 233 
143 1 Y 1 A THR 234 ? A THR 234 
144 1 Y 1 A VAL 235 ? A VAL 235 
145 1 Y 1 A ARG 236 ? A ARG 236 
146 1 Y 1 A THR 237 ? A THR 237 
147 1 Y 1 A ARG 238 ? A ARG 238 
148 1 Y 1 A ARG 239 ? A ARG 239 
149 1 Y 1 A SER 240 ? A SER 240 
150 1 Y 1 A TYR 241 ? A TYR 241 
151 1 Y 1 A ASN 242 ? A ASN 242 
152 1 Y 1 A LYS 243 ? A LYS 243 
153 1 Y 1 A PRO 244 ? A PRO 244 
154 1 Y 1 A MET 245 ? A MET 245 
155 1 Y 1 A SER 246 ? A SER 246 
156 1 Y 1 A ASN 247 ? A ASN 247 
157 1 Y 1 A HIS 248 ? A HIS 248 
158 1 Y 1 A ARG 249 ? A ARG 249 
159 1 Y 1 A ASN 250 ? A ASN 250 
160 1 Y 1 A ARG 251 ? A ARG 251 
161 1 Y 1 A ARG 252 ? A ARG 252 
162 1 Y 1 A ASN 253 ? A ASN 253 
163 1 Y 1 A ASN 254 ? A ASN 254 
164 1 Y 1 A ASN 255 ? A ASN 255 
165 1 Y 1 A ALA 256 ? A ALA 256 
166 1 Y 1 A SER 257 ? A SER 257 
167 1 Y 1 A ARG 258 ? A ARG 258 
168 1 Y 1 A GLU 259 ? A GLU 259 
169 1 Y 1 A GLU 260 ? A GLU 260 
170 1 Y 1 A CYS 261 ? A CYS 261 
171 1 Y 1 A ILE 262 ? A ILE 262 
172 1 Y 1 A LYS 263 ? A LYS 263 
173 1 Y 1 A ASN 264 ? A ASN 264 
174 1 Y 1 A ARG 265 ? A ARG 265 
175 1 Y 1 A LEU 266 ? A LEU 266 
176 1 Y 1 A CYS 267 ? A CYS 267 
177 1 Y 1 A PHE 268 ? A PHE 268 
178 1 Y 1 A TYR 269 ? A TYR 269 
179 1 Y 1 A CYS 270 ? A CYS 270 
180 1 Y 1 A LYS 271 ? A LYS 271 
181 1 Y 1 A LYS 272 ? A LYS 272 
182 1 Y 1 A GLU 273 ? A GLU 273 
183 1 Y 1 A GLY 274 ? A GLY 274 
184 1 Y 1 A HIS 275 ? A HIS 275 
185 1 Y 1 A ARG 276 ? A ARG 276 
186 1 Y 1 A LEU 277 ? A LEU 277 
187 1 Y 1 A ASN 278 ? A ASN 278 
188 1 Y 1 A GLU 279 ? A GLU 279 
189 1 Y 1 A CYS 280 ? A CYS 280 
190 1 Y 1 A ARG 281 ? A ARG 281 
191 1 Y 1 A ALA 282 ? A ALA 282 
192 1 Y 1 A ARG 283 ? A ARG 283 
193 1 Y 1 A LYS 284 ? A LYS 284 
194 1 Y 1 A ALA 285 ? A ALA 285 
195 1 Y 1 A VAL 286 ? A VAL 286 
196 1 Y 1 A LEU 287 ? A LEU 287 
197 1 Y 1 A THR 288 ? A THR 288 
198 1 Y 1 A ASP 289 ? A ASP 289 
199 1 Y 1 A LEU 290 ? A LEU 290 
200 1 Y 1 A GLU 291 ? A GLU 291 
201 1 Y 1 A LEU 292 ? A LEU 292 
202 1 Y 1 A GLU 293 ? A GLU 293 
203 1 Y 1 A SER 294 ? A SER 294 
204 1 Y 1 A LYS 295 ? A LYS 295 
205 1 Y 1 A ASP 296 ? A ASP 296 
206 1 Y 1 A GLN 297 ? A GLN 297 
207 1 Y 1 A GLN 298 ? A GLN 298 
208 1 Y 1 A THR 299 ? A THR 299 
209 1 Y 1 A LEU 300 ? A LEU 300 
210 1 Y 1 A PHE 301 ? A PHE 301 
211 1 Y 1 A ILE 302 ? A ILE 302 
212 1 Y 1 A LYS 303 ? A LYS 303 
213 1 Y 1 A THR 304 ? A THR 304 
214 1 Y 1 A LEU 305 ? A LEU 305 
215 1 Y 1 A PRO 306 ? A PRO 306 
216 1 Y 1 A ILE 307 ? A ILE 307 
217 1 Y 1 A VAL 308 ? A VAL 308 
218 1 Y 1 A HIS 309 ? A HIS 309 
219 1 Y 1 B MET 1   ? B MET 1   
220 1 Y 1 B SER 2   ? B SER 2   
221 1 Y 1 B PHE 3   ? B PHE 3   
222 1 Y 1 B MET 4   ? B MET 4   
223 1 Y 1 B ASP 5   ? B ASP 5   
224 1 Y 1 B GLN 6   ? B GLN 6   
225 1 Y 1 B ILE 7   ? B ILE 7   
226 1 Y 1 B PRO 8   ? B PRO 8   
227 1 Y 1 B GLY 9   ? B GLY 9   
228 1 Y 1 B GLY 10  ? B GLY 10  
229 1 Y 1 B GLY 11  ? B GLY 11  
230 1 Y 1 B ASN 12  ? B ASN 12  
231 1 Y 1 B TYR 13  ? B TYR 13  
232 1 Y 1 B PRO 14  ? B PRO 14  
233 1 Y 1 B LYS 15  ? B LYS 15  
234 1 Y 1 B LEU 16  ? B LEU 16  
235 1 Y 1 B PRO 17  ? B PRO 17  
236 1 Y 1 B VAL 18  ? B VAL 18  
237 1 Y 1 B GLU 19  ? B GLU 19  
238 1 Y 1 B CYS 20  ? B CYS 20  
239 1 Y 1 B LEU 21  ? B LEU 21  
240 1 Y 1 B PRO 22  ? B PRO 22  
241 1 Y 1 B ASN 23  ? B ASN 23  
242 1 Y 1 B PHE 24  ? B PHE 24  
243 1 Y 1 B PRO 25  ? B PRO 25  
244 1 Y 1 B ILE 26  ? B ILE 26  
245 1 Y 1 B GLN 27  ? B GLN 27  
246 1 Y 1 B PRO 28  ? B PRO 28  
247 1 Y 1 B SER 29  ? B SER 29  
248 1 Y 1 B LEU 30  ? B LEU 30  
249 1 Y 1 B THR 31  ? B THR 31  
250 1 Y 1 B PHE 32  ? B PHE 32  
251 1 Y 1 B ARG 33  ? B ARG 33  
252 1 Y 1 B GLY 34  ? B GLY 34  
253 1 Y 1 B ARG 35  ? B ARG 35  
254 1 Y 1 B ASN 36  ? B ASN 36  
255 1 Y 1 B ASP 37  ? B ASP 37  
256 1 Y 1 B SER 38  ? B SER 38  
257 1 Y 1 B HIS 39  ? B HIS 39  
258 1 Y 1 B LYS 40  ? B LYS 40  
259 1 Y 1 B LEU 41  ? B LEU 41  
260 1 Y 1 B LYS 42  ? B LYS 42  
261 1 Y 1 B ASN 43  ? B ASN 43  
262 1 Y 1 B PHE 44  ? B PHE 44  
263 1 Y 1 B ILE 45  ? B ILE 45  
264 1 Y 1 B SER 46  ? B SER 46  
265 1 Y 1 B GLU 47  ? B GLU 47  
266 1 Y 1 B ILE 48  ? B ILE 48  
267 1 Y 1 B MET 49  ? B MET 49  
268 1 Y 1 B LEU 50  ? B LEU 50  
269 1 Y 1 B ASN 51  ? B ASN 51  
270 1 Y 1 B MET 52  ? B MET 52  
271 1 Y 1 B SER 53  ? B SER 53  
272 1 Y 1 B MET 54  ? B MET 54  
273 1 Y 1 B ILE 55  ? B ILE 55  
274 1 Y 1 B SER 56  ? B SER 56  
275 1 Y 1 B TRP 57  ? B TRP 57  
276 1 Y 1 B PRO 58  ? B PRO 58  
277 1 Y 1 B ASN 59  ? B ASN 59  
278 1 Y 1 B ASP 60  ? B ASP 60  
279 1 Y 1 B ALA 61  ? B ALA 61  
280 1 Y 1 B SER 62  ? B SER 62  
281 1 Y 1 B ARG 63  ? B ARG 63  
282 1 Y 1 B ILE 64  ? B ILE 64  
283 1 Y 1 B VAL 65  ? B VAL 65  
284 1 Y 1 B TYR 66  ? B TYR 66  
285 1 Y 1 B CYS 67  ? B CYS 67  
286 1 Y 1 B ARG 68  ? B ARG 68  
287 1 Y 1 B ARG 69  ? B ARG 69  
288 1 Y 1 B HIS 70  ? B HIS 70  
289 1 Y 1 B LEU 71  ? B LEU 71  
290 1 Y 1 B LEU 72  ? B LEU 72  
291 1 Y 1 B ASN 73  ? B ASN 73  
292 1 Y 1 B PRO 74  ? B PRO 74  
293 1 Y 1 B ALA 75  ? B ALA 75  
294 1 Y 1 B ALA 76  ? B ALA 76  
295 1 Y 1 B GLN 77  ? B GLN 77  
296 1 Y 1 B TRP 78  ? B TRP 78  
297 1 Y 1 B ALA 79  ? B ALA 79  
298 1 Y 1 B ASN 80  ? B ASN 80  
299 1 Y 1 B ASP 81  ? B ASP 81  
300 1 Y 1 B PHE 82  ? B PHE 82  
301 1 Y 1 B VAL 83  ? B VAL 83  
302 1 Y 1 B GLN 84  ? B GLN 84  
303 1 Y 1 B GLU 85  ? B GLU 85  
304 1 Y 1 B GLN 86  ? B GLN 86  
305 1 Y 1 B GLY 87  ? B GLY 87  
306 1 Y 1 B ILE 88  ? B ILE 88  
307 1 Y 1 B LEU 89  ? B LEU 89  
308 1 Y 1 B GLU 90  ? B GLU 90  
309 1 Y 1 B ILE 91  ? B ILE 91  
310 1 Y 1 B THR 92  ? B THR 92  
311 1 Y 1 B PHE 93  ? B PHE 93  
312 1 Y 1 B ASP 94  ? B ASP 94  
313 1 Y 1 B THR 95  ? B THR 95  
314 1 Y 1 B PHE 96  ? B PHE 96  
315 1 Y 1 B ILE 97  ? B ILE 97  
316 1 Y 1 B GLN 98  ? B GLN 98  
317 1 Y 1 B GLY 99  ? B GLY 99  
318 1 Y 1 B LEU 100 ? B LEU 100 
319 1 Y 1 B TYR 101 ? B TYR 101 
320 1 Y 1 B GLN 102 ? B GLN 102 
321 1 Y 1 B HIS 103 ? B HIS 103 
322 1 Y 1 B PHE 104 ? B PHE 104 
323 1 Y 1 B PHE 196 ? B PHE 196 
324 1 Y 1 B GLU 197 ? B GLU 197 
325 1 Y 1 B LEU 198 ? B LEU 198 
326 1 Y 1 B ASP 199 ? B ASP 199 
327 1 Y 1 B ALA 200 ? B ALA 200 
328 1 Y 1 B ASP 201 ? B ASP 201 
329 1 Y 1 B GLY 202 ? B GLY 202 
330 1 Y 1 B ASP 203 ? B ASP 203 
331 1 Y 1 B THR 204 ? B THR 204 
332 1 Y 1 B ILE 205 ? B ILE 205 
333 1 Y 1 B ILE 206 ? B ILE 206 
334 1 Y 1 B GLY 207 ? B GLY 207 
335 1 Y 1 B ALA 208 ? B ALA 208 
336 1 Y 1 B THR 209 ? B THR 209 
337 1 Y 1 B THR 210 ? B THR 210 
338 1 Y 1 B HIS 211 ? B HIS 211 
339 1 Y 1 B LEU 212 ? B LEU 212 
340 1 Y 1 B GLN 213 ? B GLN 213 
341 1 Y 1 B GLU 214 ? B GLU 214 
342 1 Y 1 B GLU 215 ? B GLU 215 
343 1 Y 1 B TYR 216 ? B TYR 216 
344 1 Y 1 B ASP 217 ? B ASP 217 
345 1 Y 1 B SER 218 ? B SER 218 
346 1 Y 1 B ASP 219 ? B ASP 219 
347 1 Y 1 B TYR 220 ? B TYR 220 
348 1 Y 1 B ASP 221 ? B ASP 221 
349 1 Y 1 B SER 222 ? B SER 222 
350 1 Y 1 B GLU 223 ? B GLU 223 
351 1 Y 1 B ASP 224 ? B ASP 224 
352 1 Y 1 B ASN 225 ? B ASN 225 
353 1 Y 1 B LEU 226 ? B LEU 226 
354 1 Y 1 B THR 227 ? B THR 227 
355 1 Y 1 B GLN 228 ? B GLN 228 
356 1 Y 1 B ASN 229 ? B ASN 229 
357 1 Y 1 B ARG 230 ? B ARG 230 
358 1 Y 1 B TYR 231 ? B TYR 231 
359 1 Y 1 B VAL 232 ? B VAL 232 
360 1 Y 1 B HIS 233 ? B HIS 233 
361 1 Y 1 B THR 234 ? B THR 234 
362 1 Y 1 B VAL 235 ? B VAL 235 
363 1 Y 1 B ARG 236 ? B ARG 236 
364 1 Y 1 B THR 237 ? B THR 237 
365 1 Y 1 B ARG 238 ? B ARG 238 
366 1 Y 1 B ARG 239 ? B ARG 239 
367 1 Y 1 B SER 240 ? B SER 240 
368 1 Y 1 B TYR 241 ? B TYR 241 
369 1 Y 1 B ASN 242 ? B ASN 242 
370 1 Y 1 B LYS 243 ? B LYS 243 
371 1 Y 1 B PRO 244 ? B PRO 244 
372 1 Y 1 B MET 245 ? B MET 245 
373 1 Y 1 B SER 246 ? B SER 246 
374 1 Y 1 B ASN 247 ? B ASN 247 
375 1 Y 1 B HIS 248 ? B HIS 248 
376 1 Y 1 B ARG 249 ? B ARG 249 
377 1 Y 1 B ASN 250 ? B ASN 250 
378 1 Y 1 B ARG 251 ? B ARG 251 
379 1 Y 1 B ARG 252 ? B ARG 252 
380 1 Y 1 B ASN 253 ? B ASN 253 
381 1 Y 1 B ASN 254 ? B ASN 254 
382 1 Y 1 B ASN 255 ? B ASN 255 
383 1 Y 1 B ALA 256 ? B ALA 256 
384 1 Y 1 B SER 257 ? B SER 257 
385 1 Y 1 B ARG 258 ? B ARG 258 
386 1 Y 1 B GLU 259 ? B GLU 259 
387 1 Y 1 B GLU 260 ? B GLU 260 
388 1 Y 1 B CYS 261 ? B CYS 261 
389 1 Y 1 B ILE 262 ? B ILE 262 
390 1 Y 1 B LYS 263 ? B LYS 263 
391 1 Y 1 B ASN 264 ? B ASN 264 
392 1 Y 1 B ARG 265 ? B ARG 265 
393 1 Y 1 B LEU 266 ? B LEU 266 
394 1 Y 1 B CYS 267 ? B CYS 267 
395 1 Y 1 B PHE 268 ? B PHE 268 
396 1 Y 1 B TYR 269 ? B TYR 269 
397 1 Y 1 B CYS 270 ? B CYS 270 
398 1 Y 1 B LYS 271 ? B LYS 271 
399 1 Y 1 B LYS 272 ? B LYS 272 
400 1 Y 1 B GLU 273 ? B GLU 273 
401 1 Y 1 B GLY 274 ? B GLY 274 
402 1 Y 1 B HIS 275 ? B HIS 275 
403 1 Y 1 B ARG 276 ? B ARG 276 
404 1 Y 1 B LEU 277 ? B LEU 277 
405 1 Y 1 B ASN 278 ? B ASN 278 
406 1 Y 1 B GLU 279 ? B GLU 279 
407 1 Y 1 B CYS 280 ? B CYS 280 
408 1 Y 1 B ARG 281 ? B ARG 281 
409 1 Y 1 B ALA 282 ? B ALA 282 
410 1 Y 1 B ARG 283 ? B ARG 283 
411 1 Y 1 B LYS 284 ? B LYS 284 
412 1 Y 1 B ALA 285 ? B ALA 285 
413 1 Y 1 B VAL 286 ? B VAL 286 
414 1 Y 1 B LEU 287 ? B LEU 287 
415 1 Y 1 B THR 288 ? B THR 288 
416 1 Y 1 B ASP 289 ? B ASP 289 
417 1 Y 1 B LEU 290 ? B LEU 290 
418 1 Y 1 B GLU 291 ? B GLU 291 
419 1 Y 1 B LEU 292 ? B LEU 292 
420 1 Y 1 B GLU 293 ? B GLU 293 
421 1 Y 1 B SER 294 ? B SER 294 
422 1 Y 1 B LYS 295 ? B LYS 295 
423 1 Y 1 B ASP 296 ? B ASP 296 
424 1 Y 1 B GLN 297 ? B GLN 297 
425 1 Y 1 B GLN 298 ? B GLN 298 
426 1 Y 1 B THR 299 ? B THR 299 
427 1 Y 1 B LEU 300 ? B LEU 300 
428 1 Y 1 B PHE 301 ? B PHE 301 
429 1 Y 1 B ILE 302 ? B ILE 302 
430 1 Y 1 B LYS 303 ? B LYS 303 
431 1 Y 1 B THR 304 ? B THR 304 
432 1 Y 1 B LEU 305 ? B LEU 305 
433 1 Y 1 B PRO 306 ? B PRO 306 
434 1 Y 1 B ILE 307 ? B ILE 307 
435 1 Y 1 B VAL 308 ? B VAL 308 
436 1 Y 1 B HIS 309 ? B HIS 309 
# 
loop_
_chem_comp_atom.comp_id 
_chem_comp_atom.atom_id 
_chem_comp_atom.type_symbol 
_chem_comp_atom.pdbx_aromatic_flag 
_chem_comp_atom.pdbx_stereo_config 
_chem_comp_atom.pdbx_ordinal 
ALA N    N N N 1   
ALA CA   C N S 2   
ALA C    C N N 3   
ALA O    O N N 4   
ALA CB   C N N 5   
ALA OXT  O N N 6   
ALA H    H N N 7   
ALA H2   H N N 8   
ALA HA   H N N 9   
ALA HB1  H N N 10  
ALA HB2  H N N 11  
ALA HB3  H N N 12  
ALA HXT  H N N 13  
ARG N    N N N 14  
ARG CA   C N S 15  
ARG C    C N N 16  
ARG O    O N N 17  
ARG CB   C N N 18  
ARG CG   C N N 19  
ARG CD   C N N 20  
ARG NE   N N N 21  
ARG CZ   C N N 22  
ARG NH1  N N N 23  
ARG NH2  N N N 24  
ARG OXT  O N N 25  
ARG H    H N N 26  
ARG H2   H N N 27  
ARG HA   H N N 28  
ARG HB2  H N N 29  
ARG HB3  H N N 30  
ARG HG2  H N N 31  
ARG HG3  H N N 32  
ARG HD2  H N N 33  
ARG HD3  H N N 34  
ARG HE   H N N 35  
ARG HH11 H N N 36  
ARG HH12 H N N 37  
ARG HH21 H N N 38  
ARG HH22 H N N 39  
ARG HXT  H N N 40  
ASN N    N N N 41  
ASN CA   C N S 42  
ASN C    C N N 43  
ASN O    O N N 44  
ASN CB   C N N 45  
ASN CG   C N N 46  
ASN OD1  O N N 47  
ASN ND2  N N N 48  
ASN OXT  O N N 49  
ASN H    H N N 50  
ASN H2   H N N 51  
ASN HA   H N N 52  
ASN HB2  H N N 53  
ASN HB3  H N N 54  
ASN HD21 H N N 55  
ASN HD22 H N N 56  
ASN HXT  H N N 57  
ASP N    N N N 58  
ASP CA   C N S 59  
ASP C    C N N 60  
ASP O    O N N 61  
ASP CB   C N N 62  
ASP CG   C N N 63  
ASP OD1  O N N 64  
ASP OD2  O N N 65  
ASP OXT  O N N 66  
ASP H    H N N 67  
ASP H2   H N N 68  
ASP HA   H N N 69  
ASP HB2  H N N 70  
ASP HB3  H N N 71  
ASP HD2  H N N 72  
ASP HXT  H N N 73  
CYS N    N N N 74  
CYS CA   C N R 75  
CYS C    C N N 76  
CYS O    O N N 77  
CYS CB   C N N 78  
CYS SG   S N N 79  
CYS OXT  O N N 80  
CYS H    H N N 81  
CYS H2   H N N 82  
CYS HA   H N N 83  
CYS HB2  H N N 84  
CYS HB3  H N N 85  
CYS HG   H N N 86  
CYS HXT  H N N 87  
GLN N    N N N 88  
GLN CA   C N S 89  
GLN C    C N N 90  
GLN O    O N N 91  
GLN CB   C N N 92  
GLN CG   C N N 93  
GLN CD   C N N 94  
GLN OE1  O N N 95  
GLN NE2  N N N 96  
GLN OXT  O N N 97  
GLN H    H N N 98  
GLN H2   H N N 99  
GLN HA   H N N 100 
GLN HB2  H N N 101 
GLN HB3  H N N 102 
GLN HG2  H N N 103 
GLN HG3  H N N 104 
GLN HE21 H N N 105 
GLN HE22 H N N 106 
GLN HXT  H N N 107 
GLU N    N N N 108 
GLU CA   C N S 109 
GLU C    C N N 110 
GLU O    O N N 111 
GLU CB   C N N 112 
GLU CG   C N N 113 
GLU CD   C N N 114 
GLU OE1  O N N 115 
GLU OE2  O N N 116 
GLU OXT  O N N 117 
GLU H    H N N 118 
GLU H2   H N N 119 
GLU HA   H N N 120 
GLU HB2  H N N 121 
GLU HB3  H N N 122 
GLU HG2  H N N 123 
GLU HG3  H N N 124 
GLU HE2  H N N 125 
GLU HXT  H N N 126 
GLY N    N N N 127 
GLY CA   C N N 128 
GLY C    C N N 129 
GLY O    O N N 130 
GLY OXT  O N N 131 
GLY H    H N N 132 
GLY H2   H N N 133 
GLY HA2  H N N 134 
GLY HA3  H N N 135 
GLY HXT  H N N 136 
HIS N    N N N 137 
HIS CA   C N S 138 
HIS C    C N N 139 
HIS O    O N N 140 
HIS CB   C N N 141 
HIS CG   C Y N 142 
HIS ND1  N Y N 143 
HIS CD2  C Y N 144 
HIS CE1  C Y N 145 
HIS NE2  N Y N 146 
HIS OXT  O N N 147 
HIS H    H N N 148 
HIS H2   H N N 149 
HIS HA   H N N 150 
HIS HB2  H N N 151 
HIS HB3  H N N 152 
HIS HD1  H N N 153 
HIS HD2  H N N 154 
HIS HE1  H N N 155 
HIS HE2  H N N 156 
HIS HXT  H N N 157 
ILE N    N N N 158 
ILE CA   C N S 159 
ILE C    C N N 160 
ILE O    O N N 161 
ILE CB   C N S 162 
ILE CG1  C N N 163 
ILE CG2  C N N 164 
ILE CD1  C N N 165 
ILE OXT  O N N 166 
ILE H    H N N 167 
ILE H2   H N N 168 
ILE HA   H N N 169 
ILE HB   H N N 170 
ILE HG12 H N N 171 
ILE HG13 H N N 172 
ILE HG21 H N N 173 
ILE HG22 H N N 174 
ILE HG23 H N N 175 
ILE HD11 H N N 176 
ILE HD12 H N N 177 
ILE HD13 H N N 178 
ILE HXT  H N N 179 
LEU N    N N N 180 
LEU CA   C N S 181 
LEU C    C N N 182 
LEU O    O N N 183 
LEU CB   C N N 184 
LEU CG   C N N 185 
LEU CD1  C N N 186 
LEU CD2  C N N 187 
LEU OXT  O N N 188 
LEU H    H N N 189 
LEU H2   H N N 190 
LEU HA   H N N 191 
LEU HB2  H N N 192 
LEU HB3  H N N 193 
LEU HG   H N N 194 
LEU HD11 H N N 195 
LEU HD12 H N N 196 
LEU HD13 H N N 197 
LEU HD21 H N N 198 
LEU HD22 H N N 199 
LEU HD23 H N N 200 
LEU HXT  H N N 201 
LYS N    N N N 202 
LYS CA   C N S 203 
LYS C    C N N 204 
LYS O    O N N 205 
LYS CB   C N N 206 
LYS CG   C N N 207 
LYS CD   C N N 208 
LYS CE   C N N 209 
LYS NZ   N N N 210 
LYS OXT  O N N 211 
LYS H    H N N 212 
LYS H2   H N N 213 
LYS HA   H N N 214 
LYS HB2  H N N 215 
LYS HB3  H N N 216 
LYS HG2  H N N 217 
LYS HG3  H N N 218 
LYS HD2  H N N 219 
LYS HD3  H N N 220 
LYS HE2  H N N 221 
LYS HE3  H N N 222 
LYS HZ1  H N N 223 
LYS HZ2  H N N 224 
LYS HZ3  H N N 225 
LYS HXT  H N N 226 
MET N    N N N 227 
MET CA   C N S 228 
MET C    C N N 229 
MET O    O N N 230 
MET CB   C N N 231 
MET CG   C N N 232 
MET SD   S N N 233 
MET CE   C N N 234 
MET OXT  O N N 235 
MET H    H N N 236 
MET H2   H N N 237 
MET HA   H N N 238 
MET HB2  H N N 239 
MET HB3  H N N 240 
MET HG2  H N N 241 
MET HG3  H N N 242 
MET HE1  H N N 243 
MET HE2  H N N 244 
MET HE3  H N N 245 
MET HXT  H N N 246 
PHE N    N N N 247 
PHE CA   C N S 248 
PHE C    C N N 249 
PHE O    O N N 250 
PHE CB   C N N 251 
PHE CG   C Y N 252 
PHE CD1  C Y N 253 
PHE CD2  C Y N 254 
PHE CE1  C Y N 255 
PHE CE2  C Y N 256 
PHE CZ   C Y N 257 
PHE OXT  O N N 258 
PHE H    H N N 259 
PHE H2   H N N 260 
PHE HA   H N N 261 
PHE HB2  H N N 262 
PHE HB3  H N N 263 
PHE HD1  H N N 264 
PHE HD2  H N N 265 
PHE HE1  H N N 266 
PHE HE2  H N N 267 
PHE HZ   H N N 268 
PHE HXT  H N N 269 
PRO N    N N N 270 
PRO CA   C N S 271 
PRO C    C N N 272 
PRO O    O N N 273 
PRO CB   C N N 274 
PRO CG   C N N 275 
PRO CD   C N N 276 
PRO OXT  O N N 277 
PRO H    H N N 278 
PRO HA   H N N 279 
PRO HB2  H N N 280 
PRO HB3  H N N 281 
PRO HG2  H N N 282 
PRO HG3  H N N 283 
PRO HD2  H N N 284 
PRO HD3  H N N 285 
PRO HXT  H N N 286 
SER N    N N N 287 
SER CA   C N S 288 
SER C    C N N 289 
SER O    O N N 290 
SER CB   C N N 291 
SER OG   O N N 292 
SER OXT  O N N 293 
SER H    H N N 294 
SER H2   H N N 295 
SER HA   H N N 296 
SER HB2  H N N 297 
SER HB3  H N N 298 
SER HG   H N N 299 
SER HXT  H N N 300 
THR N    N N N 301 
THR CA   C N S 302 
THR C    C N N 303 
THR O    O N N 304 
THR CB   C N R 305 
THR OG1  O N N 306 
THR CG2  C N N 307 
THR OXT  O N N 308 
THR H    H N N 309 
THR H2   H N N 310 
THR HA   H N N 311 
THR HB   H N N 312 
THR HG1  H N N 313 
THR HG21 H N N 314 
THR HG22 H N N 315 
THR HG23 H N N 316 
THR HXT  H N N 317 
TRP N    N N N 318 
TRP CA   C N S 319 
TRP C    C N N 320 
TRP O    O N N 321 
TRP CB   C N N 322 
TRP CG   C Y N 323 
TRP CD1  C Y N 324 
TRP CD2  C Y N 325 
TRP NE1  N Y N 326 
TRP CE2  C Y N 327 
TRP CE3  C Y N 328 
TRP CZ2  C Y N 329 
TRP CZ3  C Y N 330 
TRP CH2  C Y N 331 
TRP OXT  O N N 332 
TRP H    H N N 333 
TRP H2   H N N 334 
TRP HA   H N N 335 
TRP HB2  H N N 336 
TRP HB3  H N N 337 
TRP HD1  H N N 338 
TRP HE1  H N N 339 
TRP HE3  H N N 340 
TRP HZ2  H N N 341 
TRP HZ3  H N N 342 
TRP HH2  H N N 343 
TRP HXT  H N N 344 
TYR N    N N N 345 
TYR CA   C N S 346 
TYR C    C N N 347 
TYR O    O N N 348 
TYR CB   C N N 349 
TYR CG   C Y N 350 
TYR CD1  C Y N 351 
TYR CD2  C Y N 352 
TYR CE1  C Y N 353 
TYR CE2  C Y N 354 
TYR CZ   C Y N 355 
TYR OH   O N N 356 
TYR OXT  O N N 357 
TYR H    H N N 358 
TYR H2   H N N 359 
TYR HA   H N N 360 
TYR HB2  H N N 361 
TYR HB3  H N N 362 
TYR HD1  H N N 363 
TYR HD2  H N N 364 
TYR HE1  H N N 365 
TYR HE2  H N N 366 
TYR HH   H N N 367 
TYR HXT  H N N 368 
VAL N    N N N 369 
VAL CA   C N S 370 
VAL C    C N N 371 
VAL O    O N N 372 
VAL CB   C N N 373 
VAL CG1  C N N 374 
VAL CG2  C N N 375 
VAL OXT  O N N 376 
VAL H    H N N 377 
VAL H2   H N N 378 
VAL HA   H N N 379 
VAL HB   H N N 380 
VAL HG11 H N N 381 
VAL HG12 H N N 382 
VAL HG13 H N N 383 
VAL HG21 H N N 384 
VAL HG22 H N N 385 
VAL HG23 H N N 386 
VAL HXT  H N N 387 
# 
loop_
_chem_comp_bond.comp_id 
_chem_comp_bond.atom_id_1 
_chem_comp_bond.atom_id_2 
_chem_comp_bond.value_order 
_chem_comp_bond.pdbx_aromatic_flag 
_chem_comp_bond.pdbx_stereo_config 
_chem_comp_bond.pdbx_ordinal 
ALA N   CA   sing N N 1   
ALA N   H    sing N N 2   
ALA N   H2   sing N N 3   
ALA CA  C    sing N N 4   
ALA CA  CB   sing N N 5   
ALA CA  HA   sing N N 6   
ALA C   O    doub N N 7   
ALA C   OXT  sing N N 8   
ALA CB  HB1  sing N N 9   
ALA CB  HB2  sing N N 10  
ALA CB  HB3  sing N N 11  
ALA OXT HXT  sing N N 12  
ARG N   CA   sing N N 13  
ARG N   H    sing N N 14  
ARG N   H2   sing N N 15  
ARG CA  C    sing N N 16  
ARG CA  CB   sing N N 17  
ARG CA  HA   sing N N 18  
ARG C   O    doub N N 19  
ARG C   OXT  sing N N 20  
ARG CB  CG   sing N N 21  
ARG CB  HB2  sing N N 22  
ARG CB  HB3  sing N N 23  
ARG CG  CD   sing N N 24  
ARG CG  HG2  sing N N 25  
ARG CG  HG3  sing N N 26  
ARG CD  NE   sing N N 27  
ARG CD  HD2  sing N N 28  
ARG CD  HD3  sing N N 29  
ARG NE  CZ   sing N N 30  
ARG NE  HE   sing N N 31  
ARG CZ  NH1  sing N N 32  
ARG CZ  NH2  doub N N 33  
ARG NH1 HH11 sing N N 34  
ARG NH1 HH12 sing N N 35  
ARG NH2 HH21 sing N N 36  
ARG NH2 HH22 sing N N 37  
ARG OXT HXT  sing N N 38  
ASN N   CA   sing N N 39  
ASN N   H    sing N N 40  
ASN N   H2   sing N N 41  
ASN CA  C    sing N N 42  
ASN CA  CB   sing N N 43  
ASN CA  HA   sing N N 44  
ASN C   O    doub N N 45  
ASN C   OXT  sing N N 46  
ASN CB  CG   sing N N 47  
ASN CB  HB2  sing N N 48  
ASN CB  HB3  sing N N 49  
ASN CG  OD1  doub N N 50  
ASN CG  ND2  sing N N 51  
ASN ND2 HD21 sing N N 52  
ASN ND2 HD22 sing N N 53  
ASN OXT HXT  sing N N 54  
ASP N   CA   sing N N 55  
ASP N   H    sing N N 56  
ASP N   H2   sing N N 57  
ASP CA  C    sing N N 58  
ASP CA  CB   sing N N 59  
ASP CA  HA   sing N N 60  
ASP C   O    doub N N 61  
ASP C   OXT  sing N N 62  
ASP CB  CG   sing N N 63  
ASP CB  HB2  sing N N 64  
ASP CB  HB3  sing N N 65  
ASP CG  OD1  doub N N 66  
ASP CG  OD2  sing N N 67  
ASP OD2 HD2  sing N N 68  
ASP OXT HXT  sing N N 69  
CYS N   CA   sing N N 70  
CYS N   H    sing N N 71  
CYS N   H2   sing N N 72  
CYS CA  C    sing N N 73  
CYS CA  CB   sing N N 74  
CYS CA  HA   sing N N 75  
CYS C   O    doub N N 76  
CYS C   OXT  sing N N 77  
CYS CB  SG   sing N N 78  
CYS CB  HB2  sing N N 79  
CYS CB  HB3  sing N N 80  
CYS SG  HG   sing N N 81  
CYS OXT HXT  sing N N 82  
GLN N   CA   sing N N 83  
GLN N   H    sing N N 84  
GLN N   H2   sing N N 85  
GLN CA  C    sing N N 86  
GLN CA  CB   sing N N 87  
GLN CA  HA   sing N N 88  
GLN C   O    doub N N 89  
GLN C   OXT  sing N N 90  
GLN CB  CG   sing N N 91  
GLN CB  HB2  sing N N 92  
GLN CB  HB3  sing N N 93  
GLN CG  CD   sing N N 94  
GLN CG  HG2  sing N N 95  
GLN CG  HG3  sing N N 96  
GLN CD  OE1  doub N N 97  
GLN CD  NE2  sing N N 98  
GLN NE2 HE21 sing N N 99  
GLN NE2 HE22 sing N N 100 
GLN OXT HXT  sing N N 101 
GLU N   CA   sing N N 102 
GLU N   H    sing N N 103 
GLU N   H2   sing N N 104 
GLU CA  C    sing N N 105 
GLU CA  CB   sing N N 106 
GLU CA  HA   sing N N 107 
GLU C   O    doub N N 108 
GLU C   OXT  sing N N 109 
GLU CB  CG   sing N N 110 
GLU CB  HB2  sing N N 111 
GLU CB  HB3  sing N N 112 
GLU CG  CD   sing N N 113 
GLU CG  HG2  sing N N 114 
GLU CG  HG3  sing N N 115 
GLU CD  OE1  doub N N 116 
GLU CD  OE2  sing N N 117 
GLU OE2 HE2  sing N N 118 
GLU OXT HXT  sing N N 119 
GLY N   CA   sing N N 120 
GLY N   H    sing N N 121 
GLY N   H2   sing N N 122 
GLY CA  C    sing N N 123 
GLY CA  HA2  sing N N 124 
GLY CA  HA3  sing N N 125 
GLY C   O    doub N N 126 
GLY C   OXT  sing N N 127 
GLY OXT HXT  sing N N 128 
HIS N   CA   sing N N 129 
HIS N   H    sing N N 130 
HIS N   H2   sing N N 131 
HIS CA  C    sing N N 132 
HIS CA  CB   sing N N 133 
HIS CA  HA   sing N N 134 
HIS C   O    doub N N 135 
HIS C   OXT  sing N N 136 
HIS CB  CG   sing N N 137 
HIS CB  HB2  sing N N 138 
HIS CB  HB3  sing N N 139 
HIS CG  ND1  sing Y N 140 
HIS CG  CD2  doub Y N 141 
HIS ND1 CE1  doub Y N 142 
HIS ND1 HD1  sing N N 143 
HIS CD2 NE2  sing Y N 144 
HIS CD2 HD2  sing N N 145 
HIS CE1 NE2  sing Y N 146 
HIS CE1 HE1  sing N N 147 
HIS NE2 HE2  sing N N 148 
HIS OXT HXT  sing N N 149 
ILE N   CA   sing N N 150 
ILE N   H    sing N N 151 
ILE N   H2   sing N N 152 
ILE CA  C    sing N N 153 
ILE CA  CB   sing N N 154 
ILE CA  HA   sing N N 155 
ILE C   O    doub N N 156 
ILE C   OXT  sing N N 157 
ILE CB  CG1  sing N N 158 
ILE CB  CG2  sing N N 159 
ILE CB  HB   sing N N 160 
ILE CG1 CD1  sing N N 161 
ILE CG1 HG12 sing N N 162 
ILE CG1 HG13 sing N N 163 
ILE CG2 HG21 sing N N 164 
ILE CG2 HG22 sing N N 165 
ILE CG2 HG23 sing N N 166 
ILE CD1 HD11 sing N N 167 
ILE CD1 HD12 sing N N 168 
ILE CD1 HD13 sing N N 169 
ILE OXT HXT  sing N N 170 
LEU N   CA   sing N N 171 
LEU N   H    sing N N 172 
LEU N   H2   sing N N 173 
LEU CA  C    sing N N 174 
LEU CA  CB   sing N N 175 
LEU CA  HA   sing N N 176 
LEU C   O    doub N N 177 
LEU C   OXT  sing N N 178 
LEU CB  CG   sing N N 179 
LEU CB  HB2  sing N N 180 
LEU CB  HB3  sing N N 181 
LEU CG  CD1  sing N N 182 
LEU CG  CD2  sing N N 183 
LEU CG  HG   sing N N 184 
LEU CD1 HD11 sing N N 185 
LEU CD1 HD12 sing N N 186 
LEU CD1 HD13 sing N N 187 
LEU CD2 HD21 sing N N 188 
LEU CD2 HD22 sing N N 189 
LEU CD2 HD23 sing N N 190 
LEU OXT HXT  sing N N 191 
LYS N   CA   sing N N 192 
LYS N   H    sing N N 193 
LYS N   H2   sing N N 194 
LYS CA  C    sing N N 195 
LYS CA  CB   sing N N 196 
LYS CA  HA   sing N N 197 
LYS C   O    doub N N 198 
LYS C   OXT  sing N N 199 
LYS CB  CG   sing N N 200 
LYS CB  HB2  sing N N 201 
LYS CB  HB3  sing N N 202 
LYS CG  CD   sing N N 203 
LYS CG  HG2  sing N N 204 
LYS CG  HG3  sing N N 205 
LYS CD  CE   sing N N 206 
LYS CD  HD2  sing N N 207 
LYS CD  HD3  sing N N 208 
LYS CE  NZ   sing N N 209 
LYS CE  HE2  sing N N 210 
LYS CE  HE3  sing N N 211 
LYS NZ  HZ1  sing N N 212 
LYS NZ  HZ2  sing N N 213 
LYS NZ  HZ3  sing N N 214 
LYS OXT HXT  sing N N 215 
MET N   CA   sing N N 216 
MET N   H    sing N N 217 
MET N   H2   sing N N 218 
MET CA  C    sing N N 219 
MET CA  CB   sing N N 220 
MET CA  HA   sing N N 221 
MET C   O    doub N N 222 
MET C   OXT  sing N N 223 
MET CB  CG   sing N N 224 
MET CB  HB2  sing N N 225 
MET CB  HB3  sing N N 226 
MET CG  SD   sing N N 227 
MET CG  HG2  sing N N 228 
MET CG  HG3  sing N N 229 
MET SD  CE   sing N N 230 
MET CE  HE1  sing N N 231 
MET CE  HE2  sing N N 232 
MET CE  HE3  sing N N 233 
MET OXT HXT  sing N N 234 
PHE N   CA   sing N N 235 
PHE N   H    sing N N 236 
PHE N   H2   sing N N 237 
PHE CA  C    sing N N 238 
PHE CA  CB   sing N N 239 
PHE CA  HA   sing N N 240 
PHE C   O    doub N N 241 
PHE C   OXT  sing N N 242 
PHE CB  CG   sing N N 243 
PHE CB  HB2  sing N N 244 
PHE CB  HB3  sing N N 245 
PHE CG  CD1  doub Y N 246 
PHE CG  CD2  sing Y N 247 
PHE CD1 CE1  sing Y N 248 
PHE CD1 HD1  sing N N 249 
PHE CD2 CE2  doub Y N 250 
PHE CD2 HD2  sing N N 251 
PHE CE1 CZ   doub Y N 252 
PHE CE1 HE1  sing N N 253 
PHE CE2 CZ   sing Y N 254 
PHE CE2 HE2  sing N N 255 
PHE CZ  HZ   sing N N 256 
PHE OXT HXT  sing N N 257 
PRO N   CA   sing N N 258 
PRO N   CD   sing N N 259 
PRO N   H    sing N N 260 
PRO CA  C    sing N N 261 
PRO CA  CB   sing N N 262 
PRO CA  HA   sing N N 263 
PRO C   O    doub N N 264 
PRO C   OXT  sing N N 265 
PRO CB  CG   sing N N 266 
PRO CB  HB2  sing N N 267 
PRO CB  HB3  sing N N 268 
PRO CG  CD   sing N N 269 
PRO CG  HG2  sing N N 270 
PRO CG  HG3  sing N N 271 
PRO CD  HD2  sing N N 272 
PRO CD  HD3  sing N N 273 
PRO OXT HXT  sing N N 274 
SER N   CA   sing N N 275 
SER N   H    sing N N 276 
SER N   H2   sing N N 277 
SER CA  C    sing N N 278 
SER CA  CB   sing N N 279 
SER CA  HA   sing N N 280 
SER C   O    doub N N 281 
SER C   OXT  sing N N 282 
SER CB  OG   sing N N 283 
SER CB  HB2  sing N N 284 
SER CB  HB3  sing N N 285 
SER OG  HG   sing N N 286 
SER OXT HXT  sing N N 287 
THR N   CA   sing N N 288 
THR N   H    sing N N 289 
THR N   H2   sing N N 290 
THR CA  C    sing N N 291 
THR CA  CB   sing N N 292 
THR CA  HA   sing N N 293 
THR C   O    doub N N 294 
THR C   OXT  sing N N 295 
THR CB  OG1  sing N N 296 
THR CB  CG2  sing N N 297 
THR CB  HB   sing N N 298 
THR OG1 HG1  sing N N 299 
THR CG2 HG21 sing N N 300 
THR CG2 HG22 sing N N 301 
THR CG2 HG23 sing N N 302 
THR OXT HXT  sing N N 303 
TRP N   CA   sing N N 304 
TRP N   H    sing N N 305 
TRP N   H2   sing N N 306 
TRP CA  C    sing N N 307 
TRP CA  CB   sing N N 308 
TRP CA  HA   sing N N 309 
TRP C   O    doub N N 310 
TRP C   OXT  sing N N 311 
TRP CB  CG   sing N N 312 
TRP CB  HB2  sing N N 313 
TRP CB  HB3  sing N N 314 
TRP CG  CD1  doub Y N 315 
TRP CG  CD2  sing Y N 316 
TRP CD1 NE1  sing Y N 317 
TRP CD1 HD1  sing N N 318 
TRP CD2 CE2  doub Y N 319 
TRP CD2 CE3  sing Y N 320 
TRP NE1 CE2  sing Y N 321 
TRP NE1 HE1  sing N N 322 
TRP CE2 CZ2  sing Y N 323 
TRP CE3 CZ3  doub Y N 324 
TRP CE3 HE3  sing N N 325 
TRP CZ2 CH2  doub Y N 326 
TRP CZ2 HZ2  sing N N 327 
TRP CZ3 CH2  sing Y N 328 
TRP CZ3 HZ3  sing N N 329 
TRP CH2 HH2  sing N N 330 
TRP OXT HXT  sing N N 331 
TYR N   CA   sing N N 332 
TYR N   H    sing N N 333 
TYR N   H2   sing N N 334 
TYR CA  C    sing N N 335 
TYR CA  CB   sing N N 336 
TYR CA  HA   sing N N 337 
TYR C   O    doub N N 338 
TYR C   OXT  sing N N 339 
TYR CB  CG   sing N N 340 
TYR CB  HB2  sing N N 341 
TYR CB  HB3  sing N N 342 
TYR CG  CD1  doub Y N 343 
TYR CG  CD2  sing Y N 344 
TYR CD1 CE1  sing Y N 345 
TYR CD1 HD1  sing N N 346 
TYR CD2 CE2  doub Y N 347 
TYR CD2 HD2  sing N N 348 
TYR CE1 CZ   doub Y N 349 
TYR CE1 HE1  sing N N 350 
TYR CE2 CZ   sing Y N 351 
TYR CE2 HE2  sing N N 352 
TYR CZ  OH   sing N N 353 
TYR OH  HH   sing N N 354 
TYR OXT HXT  sing N N 355 
VAL N   CA   sing N N 356 
VAL N   H    sing N N 357 
VAL N   H2   sing N N 358 
VAL CA  C    sing N N 359 
VAL CA  CB   sing N N 360 
VAL CA  HA   sing N N 361 
VAL C   O    doub N N 362 
VAL C   OXT  sing N N 363 
VAL CB  CG1  sing N N 364 
VAL CB  CG2  sing N N 365 
VAL CB  HB   sing N N 366 
VAL CG1 HG11 sing N N 367 
VAL CG1 HG12 sing N N 368 
VAL CG1 HG13 sing N N 369 
VAL CG2 HG21 sing N N 370 
VAL CG2 HG22 sing N N 371 
VAL CG2 HG23 sing N N 372 
VAL OXT HXT  sing N N 373 
# 
loop_
_em_buffer_component.buffer_id 
_em_buffer_component.id 
_em_buffer_component.concentration 
_em_buffer_component.concentration_units 
_em_buffer_component.formula 
_em_buffer_component.name 
1 1 10  mM ?    Tris 
1 2 100 mM NaCl ?    
1 3 1   mM ?    EDTA 
# 
_em_ctf_correction.id                       1 
_em_ctf_correction.em_image_processing_id   1 
_em_ctf_correction.type                     'PHASE FLIPPING AND AMPLITUDE CORRECTION' 
_em_ctf_correction.details                  ? 
# 
loop_
_em_entity_assembly_molwt.entity_assembly_id 
_em_entity_assembly_molwt.id 
_em_entity_assembly_molwt.experimental_flag 
_em_entity_assembly_molwt.units 
_em_entity_assembly_molwt.value 
1 1 NO ? ? 
1 2 NO ? ? 
# 
_em_entity_assembly_naturalsource.id                   2 
_em_entity_assembly_naturalsource.entity_assembly_id   1 
_em_entity_assembly_naturalsource.cell                 ? 
_em_entity_assembly_naturalsource.cellular_location    ? 
_em_entity_assembly_naturalsource.ncbi_tax_id          4932 
_em_entity_assembly_naturalsource.organ                ? 
_em_entity_assembly_naturalsource.organelle            ? 
_em_entity_assembly_naturalsource.organism             'Saccharomyces cerevisiae' 
_em_entity_assembly_naturalsource.strain               ? 
_em_entity_assembly_naturalsource.tissue               ? 
# 
_em_entity_assembly_recombinant.id                   2 
_em_entity_assembly_recombinant.entity_assembly_id   1 
_em_entity_assembly_recombinant.cell                 ? 
_em_entity_assembly_recombinant.ncbi_tax_id          4932 
_em_entity_assembly_recombinant.organism             'Saccharomyces cerevisiae' 
_em_entity_assembly_recombinant.plasmid              ? 
_em_entity_assembly_recombinant.strain               ? 
# 
_em_image_processing.id                   1 
_em_image_processing.image_recording_id   1 
_em_image_processing.details              ? 
# 
_em_image_recording.id                            1 
_em_image_recording.imaging_id                    1 
_em_image_recording.avg_electron_dose_per_image   20 
_em_image_recording.average_exposure_time         ? 
_em_image_recording.details                       ? 
_em_image_recording.detector_mode                 INTEGRATING 
_em_image_recording.film_or_detector_model        'FEI FALCON II (4k x 4k)' 
_em_image_recording.num_diffraction_images        ? 
_em_image_recording.num_grids_imaged              1 
_em_image_recording.num_real_images               ? 
# 
_em_imaging_optics.id                         1 
_em_imaging_optics.imaging_id                 1 
_em_imaging_optics.chr_aberration_corrector   ? 
_em_imaging_optics.energyfilter_lower         ? 
_em_imaging_optics.energyfilter_name          ? 
_em_imaging_optics.energyfilter_upper         ? 
_em_imaging_optics.energyfilter_slit_width    ? 
_em_imaging_optics.phase_plate                ? 
_em_imaging_optics.sph_aberration_corrector   ? 
# 
_em_particle_selection.id                       1 
_em_particle_selection.image_processing_id      1 
_em_particle_selection.details                  ? 
_em_particle_selection.method                   ? 
_em_particle_selection.num_particles_selected   1727 
_em_particle_selection.reference_model          ? 
# 
loop_
_em_software.id 
_em_software.category 
_em_software.details 
_em_software.name 
_em_software.version 
_em_software.image_processing_id 
_em_software.fitting_id 
_em_software.imaging_id 
1  'PARTICLE SELECTION'       ? EMAN2         ?    1 ? ? 
2  'IMAGE ACQUISITION'        ? EPU           ?    ? ? 1 
3  MASKING                    ? ?             ?    ? ? ? 
4  'CTF CORRECTION'           ? CTFFIND       4    1 ? ? 
5  'LAYERLINE INDEXING'       ? ?             ?    ? ? ? 
6  'DIFFRACTION INDEXING'     ? ?             ?    ? ? ? 
7  'MODEL FITTING'            ? MDFF          ?    ? 1 ? 
8  OTHER                      ? ?             ?    ? ? ? 
9  'MODEL REFINEMENT'         ? PHENIX        1.14 ? 1 ? 
10 'INITIAL EULER ASSIGNMENT' ? RELION        ?    1 ? ? 
11 'FINAL EULER ASSIGNMENT'   ? RELION        ?    1 ? ? 
12 CLASSIFICATION             ? RELION        ?    1 ? ? 
13 RECONSTRUCTION             ? 'TOM Toolbox' ?    1 ? ? 
# 
_em_specimen.id                      1 
_em_specimen.experiment_id           1 
_em_specimen.concentration           ? 
_em_specimen.details                 ? 
_em_specimen.embedding_applied       NO 
_em_specimen.shadowing_applied       NO 
_em_specimen.staining_applied        NO 
_em_specimen.vitrification_applied   YES 
# 
_em_virus_natural_host.id                   1 
_em_virus_natural_host.entity_assembly_id   1 
_em_virus_natural_host.ncbi_tax_id          4932 
_em_virus_natural_host.organism             'Saccharomyces cerevisiae' 
_em_virus_natural_host.strain               ? 
# 
_em_virus_shell.id                   1 
_em_virus_shell.entity_assembly_id   1 
_em_virus_shell.diameter             480 
_em_virus_shell.name                 'GAG Capsid' 
_em_virus_shell.triangulation        9 
# 
_em_volume_selection.id                      1 
_em_volume_selection.details                 
'1733 vesicles and near-complete buds were picked from 61 tomograms. Subtomograms were extracted from the surface of the vesicles.' 
_em_volume_selection.image_processing_id     1 
_em_volume_selection.method                  ? 
_em_volume_selection.num_tomograms           54 
_em_volume_selection.num_volumes_extracted   2547 
_em_volume_selection.reference_model         ? 
# 
loop_
_pdbx_audit_support.funding_organization 
_pdbx_audit_support.country 
_pdbx_audit_support.grant_number 
_pdbx_audit_support.ordinal 
'German Research Foundation'                Germany          'BR 3635/2-1' 1 
'Medical Research Council (United Kingdom)' 'United Kingdom' MC_UP_1201/16 2 
# 
_atom_sites.entry_id                    6R23 
_atom_sites.fract_transf_matrix[1][1]   1.000000 
_atom_sites.fract_transf_matrix[1][2]   0.000000 
_atom_sites.fract_transf_matrix[1][3]   0.000000 
_atom_sites.fract_transf_matrix[2][1]   0.000000 
_atom_sites.fract_transf_matrix[2][2]   1.000000 
_atom_sites.fract_transf_matrix[2][3]   0.000000 
_atom_sites.fract_transf_matrix[3][1]   0.000000 
_atom_sites.fract_transf_matrix[3][2]   0.000000 
_atom_sites.fract_transf_matrix[3][3]   1.000000 
_atom_sites.fract_transf_vector[1]      0.00000 
_atom_sites.fract_transf_vector[2]      0.00000 
_atom_sites.fract_transf_vector[3]      0.00000 
# 
loop_
_atom_type.symbol 
C 
N 
O 
S 
# 
loop_
_atom_site.group_PDB 
_atom_site.id 
_atom_site.type_symbol 
_atom_site.label_atom_id 
_atom_site.label_alt_id 
_atom_site.label_comp_id 
_atom_site.label_asym_id 
_atom_site.label_entity_id 
_atom_site.label_seq_id 
_atom_site.pdbx_PDB_ins_code 
_atom_site.Cartn_x 
_atom_site.Cartn_y 
_atom_site.Cartn_z 
_atom_site.occupancy 
_atom_site.B_iso_or_equiv 
_atom_site.pdbx_formal_charge 
_atom_site.auth_seq_id 
_atom_site.auth_comp_id 
_atom_site.auth_asym_id 
_atom_site.auth_atom_id 
_atom_site.pdbx_PDB_model_num 
ATOM 1    N N   . TYR A 1 105 ? -22.593 -8.283  10.861  1.00 106.30 ? 105 TYR A N   1 
ATOM 2    C CA  . TYR A 1 105 ? -21.392 -7.843  10.167  1.00 106.30 ? 105 TYR A CA  1 
ATOM 3    C C   . TYR A 1 105 ? -21.318 -8.430  8.765   1.00 106.30 ? 105 TYR A C   1 
ATOM 4    O O   . TYR A 1 105 ? -22.171 -9.219  8.372   1.00 106.30 ? 105 TYR A O   1 
ATOM 5    C CB  . TYR A 1 105 ? -20.157 -8.220  10.971  1.00 106.30 ? 105 TYR A CB  1 
ATOM 6    C CG  . TYR A 1 105 ? -20.166 -7.629  12.355  1.00 106.30 ? 105 TYR A CG  1 
ATOM 7    C CD1 . TYR A 1 105 ? -20.266 -8.441  13.477  1.00 106.30 ? 105 TYR A CD1 1 
ATOM 8    C CD2 . TYR A 1 105 ? -20.087 -6.254  12.540  1.00 106.30 ? 105 TYR A CD2 1 
ATOM 9    C CE1 . TYR A 1 105 ? -20.274 -7.898  14.749  1.00 106.30 ? 105 TYR A CE1 1 
ATOM 10   C CE2 . TYR A 1 105 ? -20.095 -5.702  13.805  1.00 106.30 ? 105 TYR A CE2 1 
ATOM 11   C CZ  . TYR A 1 105 ? -20.189 -6.530  14.905  1.00 106.30 ? 105 TYR A CZ  1 
ATOM 12   O OH  . TYR A 1 105 ? -20.198 -5.989  16.168  1.00 106.30 ? 105 TYR A OH  1 
ATOM 13   N N   . LYS A 1 106 ? -20.303 -8.035  8.012   1.00 100.03 ? 106 LYS A N   1 
ATOM 14   C CA  . LYS A 1 106 ? -20.156 -8.404  6.614   1.00 100.03 ? 106 LYS A CA  1 
ATOM 15   C C   . LYS A 1 106 ? -18.738 -8.877  6.341   1.00 100.03 ? 106 LYS A C   1 
ATOM 16   O O   . LYS A 1 106 ? -17.820 -8.604  7.124   1.00 100.03 ? 106 LYS A O   1 
ATOM 17   C CB  . LYS A 1 106 ? -20.496 -7.213  5.702   1.00 100.03 ? 106 LYS A CB  1 
ATOM 18   C CG  . LYS A 1 106 ? -21.976 -7.051  5.395   1.00 100.03 ? 106 LYS A CG  1 
ATOM 19   C CD  . LYS A 1 106 ? -22.675 -6.133  6.384   1.00 100.03 ? 106 LYS A CD  1 
ATOM 20   C CE  . LYS A 1 106 ? -22.347 -4.676  6.108   1.00 100.03 ? 106 LYS A CE  1 
ATOM 21   N NZ  . LYS A 1 106 ? -23.154 -3.750  6.946   1.00 100.03 ? 106 LYS A NZ  1 
ATOM 22   N N   . PRO A 1 107 ? -18.526 -9.618  5.253   1.00 92.40  ? 107 PRO A N   1 
ATOM 23   C CA  . PRO A 1 107 ? -17.159 -9.866  4.770   1.00 92.40  ? 107 PRO A CA  1 
ATOM 24   C C   . PRO A 1 107 ? -16.535 -8.590  4.235   1.00 92.40  ? 107 PRO A C   1 
ATOM 25   O O   . PRO A 1 107 ? -17.224 -7.763  3.620   1.00 92.40  ? 107 PRO A O   1 
ATOM 26   C CB  . PRO A 1 107 ? -17.359 -10.904 3.654   1.00 92.40  ? 107 PRO A CB  1 
ATOM 27   C CG  . PRO A 1 107 ? -18.815 -10.842 3.317   1.00 92.40  ? 107 PRO A CG  1 
ATOM 28   C CD  . PRO A 1 107 ? -19.500 -10.504 4.591   1.00 92.40  ? 107 PRO A CD  1 
ATOM 29   N N   . PRO A 1 108 ? -15.235 -8.380  4.456   1.00 71.60  ? 108 PRO A N   1 
ATOM 30   C CA  . PRO A 1 108 ? -14.654 -7.056  4.194   1.00 71.60  ? 108 PRO A CA  1 
ATOM 31   C C   . PRO A 1 108 ? -14.348 -6.722  2.741   1.00 71.60  ? 108 PRO A C   1 
ATOM 32   O O   . PRO A 1 108 ? -14.595 -5.581  2.343   1.00 71.60  ? 108 PRO A O   1 
ATOM 33   C CB  . PRO A 1 108 ? -13.372 -7.082  5.030   1.00 71.60  ? 108 PRO A CB  1 
ATOM 34   C CG  . PRO A 1 108 ? -13.003 -8.514  5.100   1.00 71.60  ? 108 PRO A CG  1 
ATOM 35   C CD  . PRO A 1 108 ? -14.289 -9.281  5.133   1.00 71.60  ? 108 PRO A CD  1 
ATOM 36   N N   . ASP A 1 109 ? -13.828 -7.681  1.960   1.00 73.65  ? 109 ASP A N   1 
ATOM 37   C CA  . ASP A 1 109 ? -13.355 -7.485  0.585   1.00 73.65  ? 109 ASP A CA  1 
ATOM 38   C C   . ASP A 1 109 ? -12.295 -6.389  0.488   1.00 73.65  ? 109 ASP A C   1 
ATOM 39   O O   . ASP A 1 109 ? -12.570 -5.294  -0.012  1.00 73.65  ? 109 ASP A O   1 
ATOM 40   C CB  . ASP A 1 109 ? -14.513 -7.206  -0.379  1.00 73.65  ? 109 ASP A CB  1 
ATOM 41   C CG  . ASP A 1 109 ? -14.069 -7.197  -1.835  1.00 73.65  ? 109 ASP A CG  1 
ATOM 42   O OD1 . ASP A 1 109 ? -13.223 -8.037  -2.199  1.00 73.65  ? 109 ASP A OD1 1 
ATOM 43   O OD2 . ASP A 1 109 ? -14.565 -6.349  -2.603  1.00 73.65  ? 109 ASP A OD2 1 
ATOM 44   N N   . ILE A 1 110 ? -11.102 -6.650  1.022   1.00 63.12  ? 110 ILE A N   1 
ATOM 45   C CA  . ILE A 1 110 ? -10.049 -5.647  1.146   1.00 63.12  ? 110 ILE A CA  1 
ATOM 46   C C   . ILE A 1 110 ? -9.530  -5.194  -0.217  1.00 63.12  ? 110 ILE A C   1 
ATOM 47   O O   . ILE A 1 110 ? -9.190  -4.019  -0.394  1.00 63.12  ? 110 ILE A O   1 
ATOM 48   C CB  . ILE A 1 110 ? -8.910  -6.191  2.032   1.00 63.12  ? 110 ILE A CB  1 
ATOM 49   C CG1 . ILE A 1 110 ? -9.459  -6.576  3.402   1.00 63.12  ? 110 ILE A CG1 1 
ATOM 50   C CG2 . ILE A 1 110 ? -7.807  -5.168  2.238   1.00 63.12  ? 110 ILE A CG2 1 
ATOM 51   C CD1 . ILE A 1 110 ? -8.406  -7.043  4.383   1.00 63.12  ? 110 ILE A CD1 1 
ATOM 52   N N   . ASN A 1 111 ? -9.515  -6.095  -1.204  1.00 76.76  ? 111 ASN A N   1 
ATOM 53   C CA  . ASN A 1 111 ? -8.787  -5.822  -2.444  1.00 76.76  ? 111 ASN A CA  1 
ATOM 54   C C   . ASN A 1 111 ? -9.449  -4.739  -3.288  1.00 76.76  ? 111 ASN A C   1 
ATOM 55   O O   . ASN A 1 111 ? -8.774  -4.029  -4.042  1.00 76.76  ? 111 ASN A O   1 
ATOM 56   C CB  . ASN A 1 111 ? -8.635  -7.098  -3.268  1.00 76.76  ? 111 ASN A CB  1 
ATOM 57   C CG  . ASN A 1 111 ? -7.564  -6.968  -4.336  1.00 76.76  ? 111 ASN A CG  1 
ATOM 58   O OD1 . ASN A 1 111 ? -7.834  -6.539  -5.458  1.00 76.76  ? 111 ASN A OD1 1 
ATOM 59   N ND2 . ASN A 1 111 ? -6.337  -7.331  -3.987  1.00 76.76  ? 111 ASN A ND2 1 
ATOM 60   N N   . LYS A 1 112 ? -10.770 -4.598  -3.177  1.00 75.51  ? 112 LYS A N   1 
ATOM 61   C CA  . LYS A 1 112 ? -11.446 -3.492  -3.850  1.00 75.51  ? 112 LYS A CA  1 
ATOM 62   C C   . LYS A 1 112 ? -11.057 -2.167  -3.211  1.00 75.51  ? 112 LYS A C   1 
ATOM 63   O O   . LYS A 1 112 ? -10.954 -1.138  -3.889  1.00 75.51  ? 112 LYS A O   1 
ATOM 64   C CB  . LYS A 1 112 ? -12.967 -3.700  -3.809  1.00 75.51  ? 112 LYS A CB  1 
ATOM 65   C CG  . LYS A 1 112 ? -13.811 -2.577  -4.442  1.00 75.51  ? 112 LYS A CG  1 
ATOM 66   C CD  . LYS A 1 112 ? -15.225 -2.524  -3.864  1.00 75.51  ? 112 LYS A CD  1 
ATOM 67   C CE  . LYS A 1 112 ? -15.869 -1.155  -4.055  1.00 75.51  ? 112 LYS A CE  1 
ATOM 68   N NZ  . LYS A 1 112 ? -16.028 -0.799  -5.488  1.00 75.51  ? 112 LYS A NZ  1 
ATOM 69   N N   . ILE A 1 113 ? -10.800 -2.187  -1.905  1.00 68.54  ? 113 ILE A N   1 
ATOM 70   C CA  . ILE A 1 113 ? -10.495 -0.957  -1.186  1.00 68.54  ? 113 ILE A CA  1 
ATOM 71   C C   . ILE A 1 113 ? -9.121  -0.444  -1.581  1.00 68.54  ? 113 ILE A C   1 
ATOM 72   O O   . ILE A 1 113 ? -8.923  0.759   -1.771  1.00 68.54  ? 113 ILE A O   1 
ATOM 73   C CB  . ILE A 1 113 ? -10.607 -1.185  0.328   1.00 68.54  ? 113 ILE A CB  1 
ATOM 74   C CG1 . ILE A 1 113 ? -11.772 -2.126  0.611   1.00 68.54  ? 113 ILE A CG1 1 
ATOM 75   C CG2 . ILE A 1 113 ? -10.807 0.121   1.043   1.00 68.54  ? 113 ILE A CG2 1 
ATOM 76   C CD1 . ILE A 1 113 ? -11.995 -2.392  2.067   1.00 68.54  ? 113 ILE A CD1 1 
ATOM 77   N N   . PHE A 1 114 ? -8.160  -1.351  -1.751  1.00 76.27  ? 114 PHE A N   1 
ATOM 78   C CA  . PHE A 1 114 ? -6.872  -0.943  -2.301  1.00 76.27  ? 114 PHE A CA  1 
ATOM 79   C C   . PHE A 1 114 ? -6.997  -0.618  -3.780  1.00 76.27  ? 114 PHE A C   1 
ATOM 80   O O   . PHE A 1 114 ? -6.191  0.136   -4.333  1.00 76.27  ? 114 PHE A O   1 
ATOM 81   C CB  . PHE A 1 114 ? -5.818  -2.026  -2.077  1.00 76.27  ? 114 PHE A CB  1 
ATOM 82   C CG  . PHE A 1 114 ? -5.159  -1.968  -0.729  1.00 76.27  ? 114 PHE A CG  1 
ATOM 83   C CD1 . PHE A 1 114 ? -5.293  -0.853  0.078   1.00 76.27  ? 114 PHE A CD1 1 
ATOM 84   C CD2 . PHE A 1 114 ? -4.396  -3.031  -0.274  1.00 76.27  ? 114 PHE A CD2 1 
ATOM 85   C CE1 . PHE A 1 114 ? -4.686  -0.803  1.317   1.00 76.27  ? 114 PHE A CE1 1 
ATOM 86   C CE2 . PHE A 1 114 ? -3.786  -2.987  0.962   1.00 76.27  ? 114 PHE A CE2 1 
ATOM 87   C CZ  . PHE A 1 114 ? -3.931  -1.870  1.757   1.00 76.27  ? 114 PHE A CZ  1 
ATOM 88   N N   . ASN A 1 115 ? -8.006  -1.182  -4.442  1.00 73.82  ? 115 ASN A N   1 
ATOM 89   C CA  . ASN A 1 115 ? -8.255  -0.803  -5.825  1.00 73.82  ? 115 ASN A CA  1 
ATOM 90   C C   . ASN A 1 115 ? -8.891  0.577   -5.906  1.00 73.82  ? 115 ASN A C   1 
ATOM 91   O O   . ASN A 1 115 ? -8.584  1.357   -6.814  1.00 73.82  ? 115 ASN A O   1 
ATOM 92   C CB  . ASN A 1 115 ? -9.144  -1.840  -6.501  1.00 73.82  ? 115 ASN A CB  1 
ATOM 93   C CG  . ASN A 1 115 ? -9.136  -1.715  -8.007  1.00 73.82  ? 115 ASN A CG  1 
ATOM 94   O OD1 . ASN A 1 115 ? -8.390  -0.921  -8.576  1.00 73.82  ? 115 ASN A OD1 1 
ATOM 95   N ND2 . ASN A 1 115 ? -9.980  -2.499  -8.664  1.00 73.82  ? 115 ASN A ND2 1 
ATOM 96   N N   . ALA A 1 116 ? -9.767  0.903   -4.956  1.00 77.02  ? 116 ALA A N   1 
ATOM 97   C CA  . ALA A 1 116 ? -10.533 2.143   -5.059  1.00 77.02  ? 116 ALA A CA  1 
ATOM 98   C C   . ALA A 1 116 ? -9.690  3.355   -4.686  1.00 77.02  ? 116 ALA A C   1 
ATOM 99   O O   . ALA A 1 116 ? -9.905  4.456   -5.205  1.00 77.02  ? 116 ALA A O   1 
ATOM 100  C CB  . ALA A 1 116 ? -11.777 2.059   -4.181  1.00 77.02  ? 116 ALA A CB  1 
ATOM 101  N N   . ILE A 1 117 ? -8.723  3.173   -3.782  1.00 79.64  ? 117 ILE A N   1 
ATOM 102  C CA  . ILE A 1 117 ? -7.849  4.274   -3.379  1.00 79.64  ? 117 ILE A CA  1 
ATOM 103  C C   . ILE A 1 117 ? -6.893  4.624   -4.516  1.00 79.64  ? 117 ILE A C   1 
ATOM 104  O O   . ILE A 1 117 ? -6.497  5.782   -4.693  1.00 79.64  ? 117 ILE A O   1 
ATOM 105  C CB  . ILE A 1 117 ? -7.110  3.901   -2.079  1.00 79.64  ? 117 ILE A CB  1 
ATOM 106  C CG1 . ILE A 1 117 ? -8.106  3.779   -0.934  1.00 79.64  ? 117 ILE A CG1 1 
ATOM 107  C CG2 . ILE A 1 117 ? -6.098  4.940   -1.658  1.00 79.64  ? 117 ILE A CG2 1 
ATOM 108  C CD1 . ILE A 1 117 ? -7.524  3.141   0.296   1.00 79.64  ? 117 ILE A CD1 1 
ATOM 109  N N   . THR A 1 118 ? -6.585  3.636   -5.354  1.00 82.13  ? 118 THR A N   1 
ATOM 110  C CA  . THR A 1 118 ? -5.648  3.826   -6.453  1.00 82.13  ? 118 THR A CA  1 
ATOM 111  C C   . THR A 1 118 ? -6.191  4.781   -7.513  1.00 82.13  ? 118 THR A C   1 
ATOM 112  O O   . THR A 1 118 ? -5.421  5.412   -8.245  1.00 82.13  ? 118 THR A O   1 
ATOM 113  C CB  . THR A 1 118 ? -5.337  2.468   -7.068  1.00 82.13  ? 118 THR A CB  1 
ATOM 114  O OG1 . THR A 1 118 ? -5.271  1.492   -6.022  1.00 82.13  ? 118 THR A OG1 1 
ATOM 115  C CG2 . THR A 1 118 ? -4.008  2.498   -7.789  1.00 82.13  ? 118 THR A CG2 1 
ATOM 116  N N   . GLN A 1 119 ? -7.516  4.917   -7.598  1.00 88.49  ? 119 GLN A N   1 
ATOM 117  C CA  . GLN A 1 119 ? -8.108  5.806   -8.592  1.00 88.49  ? 119 GLN A CA  1 
ATOM 118  C C   . GLN A 1 119 ? -7.893  7.274   -8.254  1.00 88.49  ? 119 GLN A C   1 
ATOM 119  O O   . GLN A 1 119 ? -7.861  8.123   -9.151  1.00 88.49  ? 119 GLN A O   1 
ATOM 120  C CB  . GLN A 1 119 ? -9.603  5.538   -8.719  1.00 88.49  ? 119 GLN A CB  1 
ATOM 121  C CG  . GLN A 1 119 ? -9.967  4.230   -9.347  1.00 88.49  ? 119 GLN A CG  1 
ATOM 122  C CD  . GLN A 1 119 ? -11.465 4.068   -9.445  1.00 88.49  ? 119 GLN A CD  1 
ATOM 123  O OE1 . GLN A 1 119 ? -12.222 4.895   -8.936  1.00 88.49  ? 119 GLN A OE1 1 
ATOM 124  N NE2 . GLN A 1 119 ? -11.904 3.014   -10.120 1.00 88.49  ? 119 GLN A NE2 1 
ATOM 125  N N   . LEU A 1 120 ? -7.778  7.594   -6.967  1.00 88.70  ? 120 LEU A N   1 
ATOM 126  C CA  . LEU A 1 120 ? -7.690  8.983   -6.537  1.00 88.70  ? 120 LEU A CA  1 
ATOM 127  C C   . LEU A 1 120 ? -6.355  9.584   -6.948  1.00 88.70  ? 120 LEU A C   1 
ATOM 128  O O   . LEU A 1 120 ? -5.338  8.889   -7.005  1.00 88.70  ? 120 LEU A O   1 
ATOM 129  C CB  . LEU A 1 120 ? -7.859  9.086   -5.023  1.00 88.70  ? 120 LEU A CB  1 
ATOM 130  C CG  . LEU A 1 120 ? -9.281  9.159   -4.468  1.00 88.70  ? 120 LEU A CG  1 
ATOM 131  C CD1 . LEU A 1 120 ? -9.889  7.782   -4.348  1.00 88.70  ? 120 LEU A CD1 1 
ATOM 132  C CD2 . LEU A 1 120 ? -9.289  9.842   -3.120  1.00 88.70  ? 120 LEU A CD2 1 
ATOM 133  N N   . SER A 1 121 ? -6.366  10.879  -7.260  1.00 100.62 ? 121 SER A N   1 
ATOM 134  C CA  . SER A 1 121 ? -5.170  11.534  -7.775  1.00 100.62 ? 121 SER A CA  1 
ATOM 135  C C   . SER A 1 121 ? -5.169  13.032  -7.506  1.00 100.62 ? 121 SER A C   1 
ATOM 136  O O   . SER A 1 121 ? -5.956  13.535  -6.701  1.00 100.62 ? 121 SER A O   1 
ATOM 137  C CB  . SER A 1 121 ? -5.034  11.286  -9.278  1.00 100.62 ? 121 SER A CB  1 
ATOM 138  O OG  . SER A 1 121 ? -5.795  12.228  -10.013 1.00 100.62 ? 121 SER A OG  1 
ATOM 139  N N   . GLU A 1 122 ? -4.275  13.750  -8.180  1.00 99.15  ? 122 GLU A N   1 
ATOM 140  C CA  . GLU A 1 122 ? -4.250  15.204  -8.123  1.00 99.15  ? 122 GLU A CA  1 
ATOM 141  C C   . GLU A 1 122 ? -4.995  15.826  -9.293  1.00 99.15  ? 122 GLU A C   1 
ATOM 142  O O   . GLU A 1 122 ? -5.097  17.052  -9.381  1.00 99.15  ? 122 GLU A O   1 
ATOM 143  C CB  . GLU A 1 122 ? -2.811  15.705  -8.061  1.00 99.15  ? 122 GLU A CB  1 
ATOM 144  C CG  . GLU A 1 122 ? -2.076  15.196  -6.842  1.00 99.15  ? 122 GLU A CG  1 
ATOM 145  C CD  . GLU A 1 122 ? -2.961  15.177  -5.609  1.00 99.15  ? 122 GLU A CD  1 
ATOM 146  O OE1 . GLU A 1 122 ? -3.352  14.075  -5.172  1.00 99.15  ? 122 GLU A OE1 1 
ATOM 147  O OE2 . GLU A 1 122 ? -3.267  16.266  -5.082  1.00 99.15  ? 122 GLU A OE2 1 
ATOM 148  N N   . ALA A 1 123 ? -5.536  15.000  -10.189 1.00 99.49  ? 123 ALA A N   1 
ATOM 149  C CA  . ALA A 1 123 ? -6.467  15.499  -11.188 1.00 99.49  ? 123 ALA A CA  1 
ATOM 150  C C   . ALA A 1 123 ? -7.818  15.833  -10.583 1.00 99.49  ? 123 ALA A C   1 
ATOM 151  O O   . ALA A 1 123 ? -8.607  16.538  -11.219 1.00 99.49  ? 123 ALA A O   1 
ATOM 152  C CB  . ALA A 1 123 ? -6.640  14.482  -12.316 1.00 99.49  ? 123 ALA A CB  1 
ATOM 153  N N   . LYS A 1 124 ? -8.105  15.330  -9.383  1.00 100.82 ? 124 LYS A N   1 
ATOM 154  C CA  . LYS A 1 124 ? -9.266  15.780  -8.634  1.00 100.82 ? 124 LYS A CA  1 
ATOM 155  C C   . LYS A 1 124 ? -9.085  17.238  -8.259  1.00 100.82 ? 124 LYS A C   1 
ATOM 156  O O   . LYS A 1 124 ? -8.057  17.617  -7.691  1.00 100.82 ? 124 LYS A O   1 
ATOM 157  C CB  . LYS A 1 124 ? -9.472  14.932  -7.387  1.00 100.82 ? 124 LYS A CB  1 
ATOM 158  C CG  . LYS A 1 124 ? -10.298 13.701  -7.647  1.00 100.82 ? 124 LYS A CG  1 
ATOM 159  C CD  . LYS A 1 124 ? -11.617 14.084  -8.290  1.00 100.82 ? 124 LYS A CD  1 
ATOM 160  C CE  . LYS A 1 124 ? -12.439 12.866  -8.655  1.00 100.82 ? 124 LYS A CE  1 
ATOM 161  N NZ  . LYS A 1 124 ? -13.715 13.234  -9.337  1.00 100.82 ? 124 LYS A NZ  1 
ATOM 162  N N   . LEU A 1 125 ? -10.084 18.048  -8.590  1.00 110.25 ? 125 LEU A N   1 
ATOM 163  C CA  . LEU A 1 125 ? -9.986  19.495  -8.472  1.00 110.25 ? 125 LEU A CA  1 
ATOM 164  C C   . LEU A 1 125 ? -9.994  19.915  -7.011  1.00 110.25 ? 125 LEU A C   1 
ATOM 165  O O   . LEU A 1 125 ? -11.037 19.873  -6.352  1.00 110.25 ? 125 LEU A O   1 
ATOM 166  C CB  . LEU A 1 125 ? -11.134 20.171  -9.226  1.00 110.25 ? 125 LEU A CB  1 
ATOM 167  C CG  . LEU A 1 125 ? -11.251 20.054  -10.755 1.00 110.25 ? 125 LEU A CG  1 
ATOM 168  C CD1 . LEU A 1 125 ? -12.533 20.663  -11.342 1.00 110.25 ? 125 LEU A CD1 1 
ATOM 169  C CD2 . LEU A 1 125 ? -10.025 20.678  -11.401 1.00 110.25 ? 125 LEU A CD2 1 
ATOM 170  N N   . GLY A 1 126 ? -8.835  20.303  -6.496  1.00 108.50 ? 126 GLY A N   1 
ATOM 171  C CA  . GLY A 1 126 ? -8.734  20.772  -5.131  1.00 108.50 ? 126 GLY A CA  1 
ATOM 172  C C   . GLY A 1 126 ? -8.674  19.633  -4.131  1.00 108.50 ? 126 GLY A C   1 
ATOM 173  O O   . GLY A 1 126 ? -8.756  18.452  -4.459  1.00 108.50 ? 126 GLY A O   1 
ATOM 174  N N   . ILE A 1 127 ? -8.546  20.026  -2.866  1.00 98.20  ? 127 ILE A N   1 
ATOM 175  C CA  . ILE A 1 127 ? -8.352  19.052  -1.800  1.00 98.20  ? 127 ILE A CA  1 
ATOM 176  C C   . ILE A 1 127 ? -9.682  18.424  -1.408  1.00 98.20  ? 127 ILE A C   1 
ATOM 177  O O   . ILE A 1 127 ? -9.730  17.277  -0.942  1.00 98.20  ? 127 ILE A O   1 
ATOM 178  C CB  . ILE A 1 127 ? -7.628  19.729  -0.612  1.00 98.20  ? 127 ILE A CB  1 
ATOM 179  C CG1 . ILE A 1 127 ? -6.281  20.352  -1.017  1.00 98.20  ? 127 ILE A CG1 1 
ATOM 180  C CG2 . ILE A 1 127 ? -7.444  18.808  0.590   1.00 98.20  ? 127 ILE A CG2 1 
ATOM 181  C CD1 . ILE A 1 127 ? -5.243  19.410  -1.613  1.00 98.20  ? 127 ILE A CD1 1 
ATOM 182  N N   . GLU A 1 128 ? -10.783 19.142  -1.653  1.00 96.65  ? 128 GLU A N   1 
ATOM 183  C CA  . GLU A 1 128 ? -12.088 18.733  -1.142  1.00 96.65  ? 128 GLU A CA  1 
ATOM 184  C C   . GLU A 1 128 ? -12.592 17.477  -1.836  1.00 96.65  ? 128 GLU A C   1 
ATOM 185  O O   . GLU A 1 128 ? -13.308 16.673  -1.231  1.00 96.65  ? 128 GLU A O   1 
ATOM 186  C CB  . GLU A 1 128 ? -13.089 19.871  -1.312  1.00 96.65  ? 128 GLU A CB  1 
ATOM 187  C CG  . GLU A 1 128 ? -12.691 21.154  -0.604  1.00 96.65  ? 128 GLU A CG  1 
ATOM 188  C CD  . GLU A 1 128 ? -13.435 22.369  -1.129  1.00 96.65  ? 128 GLU A CD  1 
ATOM 189  O OE1 . GLU A 1 128 ? -14.146 22.243  -2.146  1.00 96.65  ? 128 GLU A OE1 1 
ATOM 190  O OE2 . GLU A 1 128 ? -13.313 23.452  -0.521  1.00 96.65  ? 128 GLU A OE2 1 
ATOM 191  N N   . ARG A 1 129 ? -12.218 17.285  -3.097  1.00 93.01  ? 129 ARG A N   1 
ATOM 192  C CA  . ARG A 1 129 ? -12.548 16.039  -3.771  1.00 93.01  ? 129 ARG A CA  1 
ATOM 193  C C   . ARG A 1 129 ? -11.737 14.892  -3.202  1.00 93.01  ? 129 ARG A C   1 
ATOM 194  O O   . ARG A 1 129 ? -12.246 13.778  -3.030  1.00 93.01  ? 129 ARG A O   1 
ATOM 195  C CB  . ARG A 1 129 ? -12.297 16.179  -5.265  1.00 93.01  ? 129 ARG A CB  1 
ATOM 196  C CG  . ARG A 1 129 ? -13.062 17.310  -5.901  1.00 93.01  ? 129 ARG A CG  1 
ATOM 197  C CD  . ARG A 1 129 ? -14.537 17.277  -5.540  1.00 93.01  ? 129 ARG A CD  1 
ATOM 198  N NE  . ARG A 1 129 ? -15.359 17.754  -6.644  1.00 93.01  ? 129 ARG A NE  1 
ATOM 199  C CZ  . ARG A 1 129 ? -15.628 19.032  -6.874  1.00 93.01  ? 129 ARG A CZ  1 
ATOM 200  N NH1 . ARG A 1 129 ? -15.144 19.968  -6.074  1.00 93.01  ? 129 ARG A NH1 1 
ATOM 201  N NH2 . ARG A 1 129 ? -16.382 19.374  -7.906  1.00 93.01  ? 129 ARG A NH2 1 
ATOM 202  N N   . LEU A 1 130 ? -10.466 15.156  -2.893  1.00 83.72  ? 130 LEU A N   1 
ATOM 203  C CA  . LEU A 1 130 ? -9.597  14.127  -2.337  1.00 83.72  ? 130 LEU A CA  1 
ATOM 204  C C   . LEU A 1 130 ? -10.051 13.720  -0.947  1.00 83.72  ? 130 LEU A C   1 
ATOM 205  O O   . LEU A 1 130 ? -10.131 12.531  -0.632  1.00 83.72  ? 130 LEU A O   1 
ATOM 206  C CB  . LEU A 1 130 ? -8.155  14.632  -2.299  1.00 83.72  ? 130 LEU A CB  1 
ATOM 207  C CG  . LEU A 1 130 ? -7.288  14.354  -3.525  1.00 83.72  ? 130 LEU A CG  1 
ATOM 208  C CD1 . LEU A 1 130 ? -5.972  15.087  -3.418  1.00 83.72  ? 130 LEU A CD1 1 
ATOM 209  C CD2 . LEU A 1 130 ? -7.046  12.865  -3.662  1.00 83.72  ? 130 LEU A CD2 1 
ATOM 210  N N   . ASN A 1 131 ? -10.383 14.699  -0.110  1.00 80.56  ? 131 ASN A N   1 
ATOM 211  C CA  . ASN A 1 131 ? -10.695 14.401  1.280   1.00 80.56  ? 131 ASN A CA  1 
ATOM 212  C C   . ASN A 1 131 ? -12.067 13.757  1.413   1.00 80.56  ? 131 ASN A C   1 
ATOM 213  O O   . ASN A 1 131 ? -12.343 13.053  2.390   1.00 80.56  ? 131 ASN A O   1 
ATOM 214  C CB  . ASN A 1 131 ? -10.618 15.675  2.111   1.00 80.56  ? 131 ASN A CB  1 
ATOM 215  C CG  . ASN A 1 131 ? -10.059 15.431  3.486   1.00 80.56  ? 131 ASN A CG  1 
ATOM 216  O OD1 . ASN A 1 131 ? -10.491 14.521  4.189   1.00 80.56  ? 131 ASN A OD1 1 
ATOM 217  N ND2 . ASN A 1 131 ? -9.087  16.237  3.879   1.00 80.56  ? 131 ASN A ND2 1 
ATOM 218  N N   . GLN A 1 132 ? -12.942 13.978  0.437   1.00 84.55  ? 132 GLN A N   1 
ATOM 219  C CA  . GLN A 1 132 ? -14.287 13.436  0.561   1.00 84.55  ? 132 GLN A CA  1 
ATOM 220  C C   . GLN A 1 132 ? -14.322 11.957  0.212   1.00 84.55  ? 132 GLN A C   1 
ATOM 221  O O   . GLN A 1 132 ? -14.850 11.150  0.987   1.00 84.55  ? 132 GLN A O   1 
ATOM 222  C CB  . GLN A 1 132 ? -15.255 14.214  -0.324  1.00 84.55  ? 132 GLN A CB  1 
ATOM 223  C CG  . GLN A 1 132 ? -16.705 13.894  -0.053  1.00 84.55  ? 132 GLN A CG  1 
ATOM 224  C CD  . GLN A 1 132 ? -17.121 14.271  1.349   1.00 84.55  ? 132 GLN A CD  1 
ATOM 225  O OE1 . GLN A 1 132 ? -17.773 13.496  2.043   1.00 84.55  ? 132 GLN A OE1 1 
ATOM 226  N NE2 . GLN A 1 132 ? -16.747 15.469  1.775   1.00 84.55  ? 132 GLN A NE2 1 
ATOM 227  N N   . ARG A 1 133 ? -13.774 11.590  -0.952  1.00 83.84  ? 133 ARG A N   1 
ATOM 228  C CA  . ARG A 1 133 ? -13.785 10.195  -1.387  1.00 83.84  ? 133 ARG A CA  1 
ATOM 229  C C   . ARG A 1 133 ? -12.957 9.329   -0.457  1.00 83.84  ? 133 ARG A C   1 
ATOM 230  O O   . ARG A 1 133 ? -13.299 8.169   -0.202  1.00 83.84  ? 133 ARG A O   1 
ATOM 231  C CB  . ARG A 1 133 ? -13.246 10.073  -2.813  1.00 83.84  ? 133 ARG A CB  1 
ATOM 232  C CG  . ARG A 1 133 ? -13.931 10.944  -3.830  1.00 83.84  ? 133 ARG A CG  1 
ATOM 233  C CD  . ARG A 1 133 ? -15.314 10.439  -4.142  1.00 83.84  ? 133 ARG A CD  1 
ATOM 234  N NE  . ARG A 1 133 ? -15.994 11.322  -5.082  1.00 83.84  ? 133 ARG A NE  1 
ATOM 235  C CZ  . ARG A 1 133 ? -16.665 12.415  -4.729  1.00 83.84  ? 133 ARG A CZ  1 
ATOM 236  N NH1 . ARG A 1 133 ? -16.751 12.763  -3.452  1.00 83.84  ? 133 ARG A NH1 1 
ATOM 237  N NH2 . ARG A 1 133 ? -17.256 13.160  -5.652  1.00 83.84  ? 133 ARG A NH2 1 
ATOM 238  N N   . PHE A 1 134 ? -11.866 9.887   0.064   1.00 81.12  ? 134 PHE A N   1 
ATOM 239  C CA  . PHE A 1 134 ? -11.029 9.143   0.991   1.00 81.12  ? 134 PHE A CA  1 
ATOM 240  C C   . PHE A 1 134 ? -11.748 8.918   2.309   1.00 81.12  ? 134 PHE A C   1 
ATOM 241  O O   . PHE A 1 134 ? -11.512 7.914   2.987   1.00 81.12  ? 134 PHE A O   1 
ATOM 242  C CB  . PHE A 1 134 ? -9.716  9.880   1.217   1.00 81.12  ? 134 PHE A CB  1 
ATOM 243  C CG  . PHE A 1 134 ? -8.599  8.992   1.624   1.00 81.12  ? 134 PHE A CG  1 
ATOM 244  C CD1 . PHE A 1 134 ? -8.338  8.765   2.960   1.00 81.12  ? 134 PHE A CD1 1 
ATOM 245  C CD2 . PHE A 1 134 ? -7.812  8.378   0.669   1.00 81.12  ? 134 PHE A CD2 1 
ATOM 246  C CE1 . PHE A 1 134 ? -7.316  7.944   3.339   1.00 81.12  ? 134 PHE A CE1 1 
ATOM 247  C CE2 . PHE A 1 134 ? -6.785  7.556   1.038   1.00 81.12  ? 134 PHE A CE2 1 
ATOM 248  C CZ  . PHE A 1 134 ? -6.535  7.337   2.376   1.00 81.12  ? 134 PHE A CZ  1 
ATOM 249  N N   . ARG A 1 135 ? -12.633 9.835   2.686   1.00 76.17  ? 135 ARG A N   1 
ATOM 250  C CA  . ARG A 1 135 ? -13.489 9.563   3.827   1.00 76.17  ? 135 ARG A CA  1 
ATOM 251  C C   . ARG A 1 135 ? -14.479 8.465   3.491   1.00 76.17  ? 135 ARG A C   1 
ATOM 252  O O   . ARG A 1 135 ? -14.848 7.666   4.354   1.00 76.17  ? 135 ARG A O   1 
ATOM 253  C CB  . ARG A 1 135 ? -14.211 10.836  4.257   1.00 76.17  ? 135 ARG A CB  1 
ATOM 254  C CG  . ARG A 1 135 ? -15.058 10.679  5.507   1.00 76.17  ? 135 ARG A CG  1 
ATOM 255  C CD  . ARG A 1 135 ? -14.901 11.877  6.398   1.00 76.17  ? 135 ARG A CD  1 
ATOM 256  N NE  . ARG A 1 135 ? -13.526 12.000  6.853   1.00 76.17  ? 135 ARG A NE  1 
ATOM 257  C CZ  . ARG A 1 135 ? -12.881 13.153  6.949   1.00 76.17  ? 135 ARG A CZ  1 
ATOM 258  N NH1 . ARG A 1 135 ? -13.490 14.279  6.610   1.00 76.17  ? 135 ARG A NH1 1 
ATOM 259  N NH2 . ARG A 1 135 ? -11.628 13.179  7.375   1.00 76.17  ? 135 ARG A NH2 1 
ATOM 260  N N   . LYS A 1 136 ? -14.890 8.384   2.228   1.00 88.86  ? 136 LYS A N   1 
ATOM 261  C CA  . LYS A 1 136 ? -15.885 7.391   1.849   1.00 88.86  ? 136 LYS A CA  1 
ATOM 262  C C   . LYS A 1 136 ? -15.286 5.993   1.812   1.00 88.86  ? 136 LYS A C   1 
ATOM 263  O O   . LYS A 1 136 ? -15.869 5.039   2.338   1.00 88.86  ? 136 LYS A O   1 
ATOM 264  C CB  . LYS A 1 136 ? -16.499 7.748   0.495   1.00 88.86  ? 136 LYS A CB  1 
ATOM 265  C CG  . LYS A 1 136 ? -17.387 8.978   0.529   1.00 88.86  ? 136 LYS A CG  1 
ATOM 266  C CD  . LYS A 1 136 ? -18.571 8.834   -0.410  1.00 88.86  ? 136 LYS A CD  1 
ATOM 267  C CE  . LYS A 1 136 ? -19.624 7.915   0.180   1.00 88.86  ? 136 LYS A CE  1 
ATOM 268  N NZ  . LYS A 1 136 ? -20.044 8.358   1.536   1.00 88.86  ? 136 LYS A NZ  1 
ATOM 269  N N   . ILE A 1 137 ? -14.110 5.852   1.212   1.00 87.33  ? 137 ILE A N   1 
ATOM 270  C CA  . ILE A 1 137 ? -13.597 4.520   0.926   1.00 87.33  ? 137 ILE A CA  1 
ATOM 271  C C   . ILE A 1 137 ? -12.862 3.963   2.133   1.00 87.33  ? 137 ILE A C   1 
ATOM 272  O O   . ILE A 1 137 ? -13.101 2.827   2.557   1.00 87.33  ? 137 ILE A O   1 
ATOM 273  C CB  . ILE A 1 137 ? -12.699 4.568   -0.316  1.00 87.33  ? 137 ILE A CB  1 
ATOM 274  C CG1 . ILE A 1 137 ? -13.522 5.024   -1.515  1.00 87.33  ? 137 ILE A CG1 1 
ATOM 275  C CG2 . ILE A 1 137 ? -12.073 3.224   -0.574  1.00 87.33  ? 137 ILE A CG2 1 
ATOM 276  C CD1 . ILE A 1 137 ? -12.697 5.334   -2.726  1.00 87.33  ? 137 ILE A CD1 1 
ATOM 277  N N   . TRP A 1 138 ? -11.967 4.763   2.707   1.00 84.82  ? 138 TRP A N   1 
ATOM 278  C CA  . TRP A 1 138 ? -11.069 4.265   3.742   1.00 84.82  ? 138 TRP A CA  1 
ATOM 279  C C   . TRP A 1 138 ? -11.820 3.997   5.034   1.00 84.82  ? 138 TRP A C   1 
ATOM 280  O O   . TRP A 1 138 ? -11.464 3.092   5.793   1.00 84.82  ? 138 TRP A O   1 
ATOM 281  C CB  . TRP A 1 138 ? -9.939  5.266   3.971   1.00 84.82  ? 138 TRP A CB  1 
ATOM 282  C CG  . TRP A 1 138 ? -8.742  4.713   4.644   1.00 84.82  ? 138 TRP A CG  1 
ATOM 283  C CD1 . TRP A 1 138 ? -7.627  4.214   4.048   1.00 84.82  ? 138 TRP A CD1 1 
ATOM 284  C CD2 . TRP A 1 138 ? -8.518  4.630   6.049   1.00 84.82  ? 138 TRP A CD2 1 
ATOM 285  N NE1 . TRP A 1 138 ? -6.725  3.812   4.995   1.00 84.82  ? 138 TRP A NE1 1 
ATOM 286  C CE2 . TRP A 1 138 ? -7.249  4.060   6.235   1.00 84.82  ? 138 TRP A CE2 1 
ATOM 287  C CE3 . TRP A 1 138 ? -9.269  4.981   7.170   1.00 84.82  ? 138 TRP A CE3 1 
ATOM 288  C CZ2 . TRP A 1 138 ? -6.715  3.827   7.494   1.00 84.82  ? 138 TRP A CZ2 1 
ATOM 289  C CZ3 . TRP A 1 138 ? -8.740  4.751   8.421   1.00 84.82  ? 138 TRP A CZ3 1 
ATOM 290  C CH2 . TRP A 1 138 ? -7.474  4.179   8.574   1.00 84.82  ? 138 TRP A CH2 1 
ATOM 291  N N   . ASP A 1 139 ? -12.875 4.761   5.294   1.00 91.58  ? 139 ASP A N   1 
ATOM 292  C CA  . ASP A 1 139 ? -13.651 4.503   6.495   1.00 91.58  ? 139 ASP A CA  1 
ATOM 293  C C   . ASP A 1 139 ? -14.585 3.320   6.317   1.00 91.58  ? 139 ASP A C   1 
ATOM 294  O O   . ASP A 1 139 ? -15.126 2.810   7.304   1.00 91.58  ? 139 ASP A O   1 
ATOM 295  C CB  . ASP A 1 139 ? -14.438 5.745   6.895   1.00 91.58  ? 139 ASP A CB  1 
ATOM 296  C CG  . ASP A 1 139 ? -13.590 6.748   7.642   1.00 91.58  ? 139 ASP A CG  1 
ATOM 297  O OD1 . ASP A 1 139 ? -12.466 6.386   8.047   1.00 91.58  ? 139 ASP A OD1 1 
ATOM 298  O OD2 . ASP A 1 139 ? -14.043 7.900   7.817   1.00 91.58  ? 139 ASP A OD2 1 
ATOM 299  N N   . ARG A 1 140 ? -14.804 2.872   5.086   1.00 103.06 ? 140 ARG A N   1 
ATOM 300  C CA  . ARG A 1 140 ? -15.683 1.738   4.871   1.00 103.06 ? 140 ARG A CA  1 
ATOM 301  C C   . ARG A 1 140 ? -14.944 0.450   5.182   1.00 103.06 ? 140 ARG A C   1 
ATOM 302  O O   . ARG A 1 140 ? -14.130 -0.031  4.388   1.00 103.06 ? 140 ARG A O   1 
ATOM 303  C CB  . ARG A 1 140 ? -16.238 1.708   3.448   1.00 103.06 ? 140 ARG A CB  1 
ATOM 304  C CG  . ARG A 1 140 ? -17.514 0.875   3.354   1.00 103.06 ? 140 ARG A CG  1 
ATOM 305  C CD  . ARG A 1 140 ? -18.491 1.447   2.351   1.00 103.06 ? 140 ARG A CD  1 
ATOM 306  N NE  . ARG A 1 140 ? -17.937 1.502   1.006   1.00 103.06 ? 140 ARG A NE  1 
ATOM 307  C CZ  . ARG A 1 140 ? -18.536 2.109   -0.013  1.00 103.06 ? 140 ARG A CZ  1 
ATOM 308  N NH1 . ARG A 1 140 ? -19.701 2.714   0.168   1.00 103.06 ? 140 ARG A NH1 1 
ATOM 309  N NH2 . ARG A 1 140 ? -17.968 2.115   -1.210  1.00 103.06 ? 140 ARG A NH2 1 
ATOM 310  N N   . MET A 1 141 ? -15.264 -0.104  6.345   1.00 104.79 ? 141 MET A N   1 
ATOM 311  C CA  . MET A 1 141 ? -14.705 -1.281  7.004   1.00 104.79 ? 141 MET A CA  1 
ATOM 312  C C   . MET A 1 141 ? -13.183 -1.412  6.943   1.00 104.79 ? 141 MET A C   1 
ATOM 313  O O   . MET A 1 141 ? -12.666 -2.227  6.169   1.00 104.79 ? 141 MET A O   1 
ATOM 314  C CB  . MET A 1 141 ? -15.356 -2.555  6.457   1.00 104.79 ? 141 MET A CB  1 
ATOM 315  C CG  . MET A 1 141 ? -16.733 -2.818  7.049   1.00 104.79 ? 141 MET A CG  1 
ATOM 316  S SD  . MET A 1 141 ? -17.871 -3.710  5.984   1.00 104.79 ? 141 MET A SD  1 
ATOM 317  C CE  . MET A 1 141 ? -17.243 -5.373  6.207   1.00 104.79 ? 141 MET A CE  1 
ATOM 318  N N   . PRO A 1 142 ? -12.432 -0.619  7.698   1.00 101.87 ? 142 PRO A N   1 
ATOM 319  C CA  . PRO A 1 142 ? -11.150 -1.100  8.180   1.00 101.87 ? 142 PRO A CA  1 
ATOM 320  C C   . PRO A 1 142 ? -11.344 -1.862  9.474   1.00 101.87 ? 142 PRO A C   1 
ATOM 321  O O   . PRO A 1 142 ? -11.694 -1.269  10.505  1.00 101.87 ? 142 PRO A O   1 
ATOM 322  C CB  . PRO A 1 142 ? -10.348 0.188   8.406   1.00 101.87 ? 142 PRO A CB  1 
ATOM 323  C CG  . PRO A 1 142 ? -11.364 1.282   8.526   1.00 101.87 ? 142 PRO A CG  1 
ATOM 324  C CD  . PRO A 1 142 ? -12.721 0.738   8.195   1.00 101.87 ? 142 PRO A CD  1 
ATOM 325  N N   . PRO A 1 143 ? -11.151 -3.155  9.475   1.00 93.82  ? 143 PRO A N   1 
ATOM 326  C CA  . PRO A 1 143 ? -11.193 -3.867  10.752  1.00 93.82  ? 143 PRO A CA  1 
ATOM 327  C C   . PRO A 1 143 ? -9.973  -3.548  11.600  1.00 93.82  ? 143 PRO A C   1 
ATOM 328  O O   . PRO A 1 143 ? -10.111 -3.133  12.757  1.00 93.82  ? 143 PRO A O   1 
ATOM 329  C CB  . PRO A 1 143 ? -11.242 -5.342  10.340  1.00 93.82  ? 143 PRO A CB  1 
ATOM 330  C CG  . PRO A 1 143 ? -10.768 -5.381  8.939   1.00 93.82  ? 143 PRO A CG  1 
ATOM 331  C CD  . PRO A 1 143 ? -11.064 -4.061  8.324   1.00 93.82  ? 143 PRO A CD  1 
ATOM 332  N N   . ASP A 1 144 ? -8.776  -3.717  11.037  1.00 93.99  ? 144 ASP A N   1 
ATOM 333  C CA  . ASP A 1 144 ? -7.552  -3.321  11.720  1.00 93.99  ? 144 ASP A CA  1 
ATOM 334  C C   . ASP A 1 144 ? -6.441  -2.890  10.771  1.00 93.99  ? 144 ASP A C   1 
ATOM 335  O O   . ASP A 1 144 ? -5.279  -2.919  11.190  1.00 93.99  ? 144 ASP A O   1 
ATOM 336  C CB  . ASP A 1 144 ? -7.051  -4.451  12.611  1.00 93.99  ? 144 ASP A CB  1 
ATOM 337  C CG  . ASP A 1 144 ? -6.644  -5.659  11.820  1.00 93.99  ? 144 ASP A CG  1 
ATOM 338  O OD1 . ASP A 1 144 ? -7.499  -6.197  11.092  1.00 93.99  ? 144 ASP A OD1 1 
ATOM 339  O OD2 . ASP A 1 144 ? -5.467  -6.057  11.911  1.00 93.99  ? 144 ASP A OD2 1 
ATOM 340  N N   . PHE A 1 145 ? -6.793  -2.413  9.559   1.00 99.42  ? 145 PHE A N   1 
ATOM 341  C CA  . PHE A 1 145 ? -6.019  -2.475  8.308   1.00 99.42  ? 145 PHE A CA  1 
ATOM 342  C C   . PHE A 1 145 ? -4.506  -2.442  8.437   1.00 99.42  ? 145 PHE A C   1 
ATOM 343  O O   . PHE A 1 145 ? -3.811  -3.335  7.946   1.00 99.42  ? 145 PHE A O   1 
ATOM 344  C CB  . PHE A 1 145 ? -6.362  -1.290  7.393   1.00 99.42  ? 145 PHE A CB  1 
ATOM 345  C CG  . PHE A 1 145 ? -7.574  -1.476  6.525   1.00 99.42  ? 145 PHE A CG  1 
ATOM 346  C CD1 . PHE A 1 145 ? -8.183  -2.708  6.373   1.00 99.42  ? 145 PHE A CD1 1 
ATOM 347  C CD2 . PHE A 1 145 ? -8.051  -0.406  5.786   1.00 99.42  ? 145 PHE A CD2 1 
ATOM 348  C CE1 . PHE A 1 145 ? -9.277  -2.849  5.536   1.00 99.42  ? 145 PHE A CE1 1 
ATOM 349  C CE2 . PHE A 1 145 ? -9.141  -0.543  4.962   1.00 99.42  ? 145 PHE A CE2 1 
ATOM 350  C CZ  . PHE A 1 145 ? -9.753  -1.762  4.839   1.00 99.42  ? 145 PHE A CZ  1 
ATOM 351  N N   . MET A 1 146 ? -4.005  -1.427  9.128   1.00 91.86  ? 146 MET A N   1 
ATOM 352  C CA  . MET A 1 146 ? -2.582  -1.254  9.333   1.00 91.86  ? 146 MET A CA  1 
ATOM 353  C C   . MET A 1 146 ? -2.366  -0.404  10.571  1.00 91.86  ? 146 MET A C   1 
ATOM 354  O O   . MET A 1 146 ? -3.313  0.005   11.241  1.00 91.86  ? 146 MET A O   1 
ATOM 355  C CB  . MET A 1 146 ? -1.922  -0.594  8.126   1.00 91.86  ? 146 MET A CB  1 
ATOM 356  C CG  . MET A 1 146 ? -2.712  0.552   7.560   1.00 91.86  ? 146 MET A CG  1 
ATOM 357  S SD  . MET A 1 146 ? -2.133  0.963   5.911   1.00 91.86  ? 146 MET A SD  1 
ATOM 358  C CE  . MET A 1 146 ? -2.255  -0.635  5.117   1.00 91.86  ? 146 MET A CE  1 
ATOM 359  N N   . THR A 1 147 ? -1.100  -0.135  10.862  1.00 79.91  ? 147 THR A N   1 
ATOM 360  C CA  . THR A 1 147 ? -0.779  0.710   11.993  1.00 79.91  ? 147 THR A CA  1 
ATOM 361  C C   . THR A 1 147 ? -0.993  2.179   11.644  1.00 79.91  ? 147 THR A C   1 
ATOM 362  O O   . THR A 1 147 ? -1.372  2.540   10.527  1.00 79.91  ? 147 THR A O   1 
ATOM 363  C CB  . THR A 1 147 ? 0.659   0.502   12.441  1.00 79.91  ? 147 THR A CB  1 
ATOM 364  O OG1 . THR A 1 147 ? 0.953   1.434   13.486  1.00 79.91  ? 147 THR A OG1 1 
ATOM 365  C CG2 . THR A 1 147 ? 1.614   0.736   11.274  1.00 79.91  ? 147 THR A CG2 1 
ATOM 366  N N   . GLU A 1 148 ? -0.723  3.030   12.633  1.00 69.91  ? 148 GLU A N   1 
ATOM 367  C CA  . GLU A 1 148 ? -1.006  4.452   12.500  1.00 69.91  ? 148 GLU A CA  1 
ATOM 368  C C   . GLU A 1 148 ? -0.069  5.107   11.497  1.00 69.91  ? 148 GLU A C   1 
ATOM 369  O O   . GLU A 1 148 ? -0.495  5.915   10.664  1.00 69.91  ? 148 GLU A O   1 
ATOM 370  C CB  . GLU A 1 148 ? -0.876  5.131   13.861  1.00 69.91  ? 148 GLU A CB  1 
ATOM 371  C CG  . GLU A 1 148 ? -1.916  4.737   14.912  1.00 69.91  ? 148 GLU A CG  1 
ATOM 372  C CD  . GLU A 1 148 ? -1.709  5.381   16.275  1.00 69.91  ? 148 GLU A CD  1 
ATOM 373  O OE1 . GLU A 1 148 ? -0.640  5.995   16.469  1.00 69.91  ? 148 GLU A OE1 1 
ATOM 374  O OE2 . GLU A 1 148 ? -2.635  5.349   17.118  1.00 69.91  ? 148 GLU A OE2 1 
ATOM 375  N N   . LYS A 1 149 ? 1.215   4.762   11.571  1.00 65.96  ? 149 LYS A N   1 
ATOM 376  C CA  . LYS A 1 149 ? 2.213   5.382   10.712  1.00 65.96  ? 149 LYS A CA  1 
ATOM 377  C C   . LYS A 1 149 ? 2.029   4.964   9.263   1.00 65.96  ? 149 LYS A C   1 
ATOM 378  O O   . LYS A 1 149 ? 2.216   5.770   8.346   1.00 65.96  ? 149 LYS A O   1 
ATOM 379  C CB  . LYS A 1 149 ? 3.608   5.005   11.202  1.00 65.96  ? 149 LYS A CB  1 
ATOM 380  C CG  . LYS A 1 149 ? 4.725   5.790   10.568  1.00 65.96  ? 149 LYS A CG  1 
ATOM 381  C CD  . LYS A 1 149 ? 4.825   7.156   11.189  1.00 65.96  ? 149 LYS A CD  1 
ATOM 382  C CE  . LYS A 1 149 ? 6.034   7.881   10.660  1.00 65.96  ? 149 LYS A CE  1 
ATOM 383  N NZ  . LYS A 1 149 ? 6.286   9.149   11.387  1.00 65.96  ? 149 LYS A NZ  1 
ATOM 384  N N   . ALA A 1 150 ? 1.661   3.705   9.039   1.00 71.89  ? 150 ALA A N   1 
ATOM 385  C CA  . ALA A 1 150 ? 1.448   3.238   7.677   1.00 71.89  ? 150 ALA A CA  1 
ATOM 386  C C   . ALA A 1 150 ? 0.188   3.844   7.086   1.00 71.89  ? 150 ALA A C   1 
ATOM 387  O O   . ALA A 1 150 ? 0.097   4.057   5.872   1.00 71.89  ? 150 ALA A O   1 
ATOM 388  C CB  . ALA A 1 150 ? 1.374   1.715   7.653   1.00 71.89  ? 150 ALA A CB  1 
ATOM 389  N N   . ALA A 1 151 ? -0.791  4.142   7.938   1.00 73.87  ? 151 ALA A N   1 
ATOM 390  C CA  . ALA A 1 151 ? -2.014  4.766   7.456   1.00 73.87  ? 151 ALA A CA  1 
ATOM 391  C C   . ALA A 1 151 ? -1.759  6.204   7.040   1.00 73.87  ? 151 ALA A C   1 
ATOM 392  O O   . ALA A 1 151 ? -2.471  6.751   6.190   1.00 73.87  ? 151 ALA A O   1 
ATOM 393  C CB  . ALA A 1 151 ? -3.090  4.693   8.535   1.00 73.87  ? 151 ALA A CB  1 
ATOM 394  N N   . ILE A 1 152 ? -0.750  6.833   7.637   1.00 68.25  ? 152 ILE A N   1 
ATOM 395  C CA  . ILE A 1 152 ? -0.285  8.125   7.154   1.00 68.25  ? 152 ILE A CA  1 
ATOM 396  C C   . ILE A 1 152 ? 0.296   7.976   5.759   1.00 68.25  ? 152 ILE A C   1 
ATOM 397  O O   . ILE A 1 152 ? 0.059   8.812   4.877   1.00 68.25  ? 152 ILE A O   1 
ATOM 398  C CB  . ILE A 1 152 ? 0.744   8.704   8.141   1.00 68.25  ? 152 ILE A CB  1 
ATOM 399  C CG1 . ILE A 1 152 ? 0.102   8.947   9.506   1.00 68.25  ? 152 ILE A CG1 1 
ATOM 400  C CG2 . ILE A 1 152 ? 1.360   9.979   7.616   1.00 68.25  ? 152 ILE A CG2 1 
ATOM 401  C CD1 . ILE A 1 152 ? -0.896  10.079  9.522   1.00 68.25  ? 152 ILE A CD1 1 
ATOM 402  N N   . MET A 1 153 ? 0.996   6.864   5.524   1.00 78.71  ? 153 MET A N   1 
ATOM 403  C CA  . MET A 1 153 ? 1.887   6.739   4.377   1.00 78.71  ? 153 MET A CA  1 
ATOM 404  C C   . MET A 1 153 ? 1.122   6.664   3.066   1.00 78.71  ? 153 MET A C   1 
ATOM 405  O O   . MET A 1 153 ? 1.458   7.357   2.100   1.00 78.71  ? 153 MET A O   1 
ATOM 406  C CB  . MET A 1 153 ? 2.770   5.506   4.536   1.00 78.71  ? 153 MET A CB  1 
ATOM 407  C CG  . MET A 1 153 ? 4.016   5.592   3.703   1.00 78.71  ? 153 MET A CG  1 
ATOM 408  S SD  . MET A 1 153 ? 4.737   7.227   3.917   1.00 78.71  ? 153 MET A SD  1 
ATOM 409  C CE  . MET A 1 153 ? 6.361   6.975   3.236   1.00 78.71  ? 153 MET A CE  1 
ATOM 410  N N   . THR A 1 154 ? 0.092   5.823   3.011   1.00 71.22  ? 154 THR A N   1 
ATOM 411  C CA  . THR A 1 154 ? -0.686  5.713   1.786   1.00 71.22  ? 154 THR A CA  1 
ATOM 412  C C   . THR A 1 154 ? -1.506  6.969   1.542   1.00 71.22  ? 154 THR A C   1 
ATOM 413  O O   . THR A 1 154 ? -1.852  7.281   0.399   1.00 71.22  ? 154 THR A O   1 
ATOM 414  C CB  . THR A 1 154 ? -1.582  4.481   1.846   1.00 71.22  ? 154 THR A CB  1 
ATOM 415  O OG1 . THR A 1 154 ? -2.456  4.476   0.713   1.00 71.22  ? 154 THR A OG1 1 
ATOM 416  C CG2 . THR A 1 154 ? -2.388  4.459   3.130   1.00 71.22  ? 154 THR A CG2 1 
ATOM 417  N N   . TYR A 1 155 ? -1.804  7.717   2.602   1.00 76.80  ? 155 TYR A N   1 
ATOM 418  C CA  . TYR A 1 155 ? -2.466  8.999   2.423   1.00 76.80  ? 155 TYR A CA  1 
ATOM 419  C C   . TYR A 1 155 ? -1.504  10.023  1.858   1.00 76.80  ? 155 TYR A C   1 
ATOM 420  O O   . TYR A 1 155 ? -1.849  10.775  0.943   1.00 76.80  ? 155 TYR A O   1 
ATOM 421  C CB  . TYR A 1 155 ? -3.016  9.492   3.755   1.00 76.80  ? 155 TYR A CB  1 
ATOM 422  C CG  . TYR A 1 155 ? -3.838  10.759  3.664   1.00 76.80  ? 155 TYR A CG  1 
ATOM 423  C CD1 . TYR A 1 155 ? -5.163  10.723  3.247   1.00 76.80  ? 155 TYR A CD1 1 
ATOM 424  C CD2 . TYR A 1 155 ? -3.293  11.990  4.002   1.00 76.80  ? 155 TYR A CD2 1 
ATOM 425  C CE1 . TYR A 1 155 ? -5.920  11.880  3.169   1.00 76.80  ? 155 TYR A CE1 1 
ATOM 426  C CE2 . TYR A 1 155 ? -4.043  13.154  3.922   1.00 76.80  ? 155 TYR A CE2 1 
ATOM 427  C CZ  . TYR A 1 155 ? -5.353  13.090  3.506   1.00 76.80  ? 155 TYR A CZ  1 
ATOM 428  O OH  . TYR A 1 155 ? -6.101  14.242  3.428   1.00 76.80  ? 155 TYR A OH  1 
ATOM 429  N N   . THR A 1 156 ? -0.284  10.043  2.381   1.00 76.58  ? 156 THR A N   1 
ATOM 430  C CA  . THR A 1 156 ? 0.576   11.196  2.180   1.00 76.58  ? 156 THR A CA  1 
ATOM 431  C C   . THR A 1 156 ? 1.221   11.177  0.807   1.00 76.58  ? 156 THR A C   1 
ATOM 432  O O   . THR A 1 156 ? 1.314   12.217  0.148   1.00 76.58  ? 156 THR A O   1 
ATOM 433  C CB  . THR A 1 156 ? 1.632   11.231  3.267   1.00 76.58  ? 156 THR A CB  1 
ATOM 434  O OG1 . THR A 1 156 ? 1.008   10.911  4.512   1.00 76.58  ? 156 THR A OG1 1 
ATOM 435  C CG2 . THR A 1 156 ? 2.209   12.612  3.359   1.00 76.58  ? 156 THR A CG2 1 
ATOM 436  N N   . ARG A 1 157 ? 1.648   9.999   0.350   1.00 79.85  ? 157 ARG A N   1 
ATOM 437  C CA  . ARG A 1 157 ? 2.286   9.898   -0.958  1.00 79.85  ? 157 ARG A CA  1 
ATOM 438  C C   . ARG A 1 157 ? 1.294   10.149  -2.085  1.00 79.85  ? 157 ARG A C   1 
ATOM 439  O O   . ARG A 1 157 ? 1.698   10.443  -3.214  1.00 79.85  ? 157 ARG A O   1 
ATOM 440  C CB  . ARG A 1 157 ? 2.942   8.527   -1.119  1.00 79.85  ? 157 ARG A CB  1 
ATOM 441  C CG  . ARG A 1 157 ? 1.962   7.373   -1.195  1.00 79.85  ? 157 ARG A CG  1 
ATOM 442  C CD  . ARG A 1 157 ? 2.613   6.070   -0.788  1.00 79.85  ? 157 ARG A CD  1 
ATOM 443  N NE  . ARG A 1 157 ? 3.856   5.829   -1.511  1.00 79.85  ? 157 ARG A NE  1 
ATOM 444  C CZ  . ARG A 1 157 ? 3.927   5.209   -2.683  1.00 79.85  ? 157 ARG A CZ  1 
ATOM 445  N NH1 . ARG A 1 157 ? 2.825   4.773   -3.270  1.00 79.85  ? 157 ARG A NH1 1 
ATOM 446  N NH2 . ARG A 1 157 ? 5.101   5.029   -3.267  1.00 79.85  ? 157 ARG A NH2 1 
ATOM 447  N N   . LEU A 1 158 ? 0.001   10.039  -1.797  1.00 66.87  ? 158 LEU A N   1 
ATOM 448  C CA  . LEU A 1 158 ? -1.002  10.429  -2.769  1.00 66.87  ? 158 LEU A CA  1 
ATOM 449  C C   . LEU A 1 158 ? -0.988  11.929  -3.008  1.00 66.87  ? 158 LEU A C   1 
ATOM 450  O O   . LEU A 1 158 ? -1.239  12.376  -4.131  1.00 66.87  ? 158 LEU A O   1 
ATOM 451  C CB  . LEU A 1 158 ? -2.379  9.980   -2.289  1.00 66.87  ? 158 LEU A CB  1 
ATOM 452  C CG  . LEU A 1 158 ? -3.527  10.138  -3.278  1.00 66.87  ? 158 LEU A CG  1 
ATOM 453  C CD1 . LEU A 1 158 ? -3.149  9.525   -4.605  1.00 66.87  ? 158 LEU A CD1 1 
ATOM 454  C CD2 . LEU A 1 158 ? -4.782  9.500   -2.730  1.00 66.87  ? 158 LEU A CD2 1 
ATOM 455  N N   . LEU A 1 159 ? -0.658  12.713  -1.985  1.00 74.39  ? 159 LEU A N   1 
ATOM 456  C CA  . LEU A 1 159 ? -0.908  14.146  -2.008  1.00 74.39  ? 159 LEU A CA  1 
ATOM 457  C C   . LEU A 1 159 ? 0.053   14.878  -2.936  1.00 74.39  ? 159 LEU A C   1 
ATOM 458  O O   . LEU A 1 159 ? 1.031   14.321  -3.436  1.00 74.39  ? 159 LEU A O   1 
ATOM 459  C CB  . LEU A 1 159 ? -0.798  14.733  -0.604  1.00 74.39  ? 159 LEU A CB  1 
ATOM 460  C CG  . LEU A 1 159 ? -1.600  14.040  0.495   1.00 74.39  ? 159 LEU A CG  1 
ATOM 461  C CD1 . LEU A 1 159 ? -1.153  14.529  1.850   1.00 74.39  ? 159 LEU A CD1 1 
ATOM 462  C CD2 . LEU A 1 159 ? -3.084  14.275  0.319   1.00 74.39  ? 159 LEU A CD2 1 
ATOM 463  N N   . THR A 1 160 ? -0.255  16.151  -3.166  1.00 83.26  ? 160 THR A N   1 
ATOM 464  C CA  . THR A 1 160 ? 0.561   16.995  -4.024  1.00 83.26  ? 160 THR A CA  1 
ATOM 465  C C   . THR A 1 160 ? 1.871   17.315  -3.310  1.00 83.26  ? 160 THR A C   1 
ATOM 466  O O   . THR A 1 160 ? 1.944   17.297  -2.080  1.00 83.26  ? 160 THR A O   1 
ATOM 467  C CB  . THR A 1 160 ? -0.220  18.270  -4.368  1.00 83.26  ? 160 THR A CB  1 
ATOM 468  O OG1 . THR A 1 160 ? -1.546  17.901  -4.761  1.00 83.26  ? 160 THR A OG1 1 
ATOM 469  C CG2 . THR A 1 160 ? 0.396   19.028  -5.547  1.00 83.26  ? 160 THR A CG2 1 
ATOM 470  N N   . LYS A 1 161 ? 2.920   17.576  -4.101  1.00 94.49  ? 161 LYS A N   1 
ATOM 471  C CA  . LYS A 1 161 ? 4.260   17.773  -3.558  1.00 94.49  ? 161 LYS A CA  1 
ATOM 472  C C   . LYS A 1 161 ? 4.341   19.011  -2.675  1.00 94.49  ? 161 LYS A C   1 
ATOM 473  O O   . LYS A 1 161 ? 4.972   18.980  -1.612  1.00 94.49  ? 161 LYS A O   1 
ATOM 474  C CB  . LYS A 1 161 ? 5.265   17.882  -4.704  1.00 94.49  ? 161 LYS A CB  1 
ATOM 475  C CG  . LYS A 1 161 ? 6.635   17.315  -4.389  1.00 94.49  ? 161 LYS A CG  1 
ATOM 476  C CD  . LYS A 1 161 ? 7.675   17.780  -5.396  1.00 94.49  ? 161 LYS A CD  1 
ATOM 477  C CE  . LYS A 1 161 ? 8.285   19.107  -4.984  1.00 94.49  ? 161 LYS A CE  1 
ATOM 478  N NZ  . LYS A 1 161 ? 9.173   18.959  -3.797  1.00 94.49  ? 161 LYS A NZ  1 
ATOM 479  N N   . GLU A 1 162 ? 3.697   20.103  -3.093  1.00 97.09  ? 162 GLU A N   1 
ATOM 480  C CA  . GLU A 1 162 ? 3.762   21.342  -2.327  1.00 97.09  ? 162 GLU A CA  1 
ATOM 481  C C   . GLU A 1 162 ? 3.012   21.218  -1.011  1.00 97.09  ? 162 GLU A C   1 
ATOM 482  O O   . GLU A 1 162 ? 3.397   21.824  -0.004  1.00 97.09  ? 162 GLU A O   1 
ATOM 483  C CB  . GLU A 1 162 ? 3.205   22.499  -3.156  1.00 97.09  ? 162 GLU A CB  1 
ATOM 484  C CG  . GLU A 1 162 ? 1.844   22.238  -3.790  1.00 97.09  ? 162 GLU A CG  1 
ATOM 485  C CD  . GLU A 1 162 ? 0.692   22.614  -2.878  1.00 97.09  ? 162 GLU A CD  1 
ATOM 486  O OE1 . GLU A 1 162 ? 0.916   23.394  -1.931  1.00 97.09  ? 162 GLU A OE1 1 
ATOM 487  O OE2 . GLU A 1 162 ? -0.426  22.105  -3.084  1.00 97.09  ? 162 GLU A OE2 1 
ATOM 488  N N   . THR A 1 163 ? 1.942   20.426  -1.000  1.00 93.70  ? 163 THR A N   1 
ATOM 489  C CA  . THR A 1 163 ? 1.161   20.259  0.212   1.00 93.70  ? 163 THR A CA  1 
ATOM 490  C C   . THR A 1 163 ? 1.922   19.410  1.215   1.00 93.70  ? 163 THR A C   1 
ATOM 491  O O   . THR A 1 163 ? 1.763   19.586  2.427   1.00 93.70  ? 163 THR A O   1 
ATOM 492  C CB  . THR A 1 163 ? -0.191  19.644  -0.139  1.00 93.70  ? 163 THR A CB  1 
ATOM 493  O OG1 . THR A 1 163 ? -0.783  20.412  -1.191  1.00 93.70  ? 163 THR A OG1 1 
ATOM 494  C CG2 . THR A 1 163 ? -1.138  19.676  1.049   1.00 93.70  ? 163 THR A CG2 1 
ATOM 495  N N   . TYR A 1 164 ? 2.793   18.527  0.724   1.00 98.34  ? 164 TYR A N   1 
ATOM 496  C CA  . TYR A 1 164 ? 3.670   17.787  1.619   1.00 98.34  ? 164 TYR A CA  1 
ATOM 497  C C   . TYR A 1 164 ? 4.675   18.714  2.284   1.00 98.34  ? 164 TYR A C   1 
ATOM 498  O O   . TYR A 1 164 ? 5.075   18.490  3.432   1.00 98.34  ? 164 TYR A O   1 
ATOM 499  C CB  . TYR A 1 164 ? 4.379   16.674  0.858   1.00 98.34  ? 164 TYR A CB  1 
ATOM 500  C CG  . TYR A 1 164 ? 5.037   15.663  1.761   1.00 98.34  ? 164 TYR A CG  1 
ATOM 501  C CD1 . TYR A 1 164 ? 4.559   15.433  3.047   1.00 98.34  ? 164 TYR A CD1 1 
ATOM 502  C CD2 . TYR A 1 164 ? 6.129   14.930  1.328   1.00 98.34  ? 164 TYR A CD2 1 
ATOM 503  C CE1 . TYR A 1 164 ? 5.164   14.526  3.884   1.00 98.34  ? 164 TYR A CE1 1 
ATOM 504  C CE2 . TYR A 1 164 ? 6.736   14.004  2.156   1.00 98.34  ? 164 TYR A CE2 1 
ATOM 505  C CZ  . TYR A 1 164 ? 6.245   13.807  3.433   1.00 98.34  ? 164 TYR A CZ  1 
ATOM 506  O OH  . TYR A 1 164 ? 6.838   12.890  4.270   1.00 98.34  ? 164 TYR A OH  1 
ATOM 507  N N   . ASN A 1 165 ? 5.070   19.778  1.590   1.00 95.82  ? 165 ASN A N   1 
ATOM 508  C CA  . ASN A 1 165 ? 6.059   20.690  2.144   1.00 95.82  ? 165 ASN A CA  1 
ATOM 509  C C   . ASN A 1 165 ? 5.476   21.514  3.284   1.00 95.82  ? 165 ASN A C   1 
ATOM 510  O O   . ASN A 1 165 ? 6.135   21.729  4.308   1.00 95.82  ? 165 ASN A O   1 
ATOM 511  C CB  . ASN A 1 165 ? 6.602   21.583  1.037   1.00 95.82  ? 165 ASN A CB  1 
ATOM 512  C CG  . ASN A 1 165 ? 7.131   20.788  -0.129  1.00 95.82  ? 165 ASN A CG  1 
ATOM 513  O OD1 . ASN A 1 165 ? 6.908   21.134  -1.285  1.00 95.82  ? 165 ASN A OD1 1 
ATOM 514  N ND2 . ASN A 1 165 ? 7.834   19.704  0.168   1.00 95.82  ? 165 ASN A ND2 1 
ATOM 515  N N   . ILE A 1 166 ? 4.234   21.971  3.137   1.00 95.51  ? 166 ILE A N   1 
ATOM 516  C CA  . ILE A 1 166 ? 3.624   22.743  4.215   1.00 95.51  ? 166 ILE A CA  1 
ATOM 517  C C   . ILE A 1 166 ? 3.155   21.814  5.331   1.00 95.51  ? 166 ILE A C   1 
ATOM 518  O O   . ILE A 1 166 ? 3.238   22.159  6.516   1.00 95.51  ? 166 ILE A O   1 
ATOM 519  C CB  . ILE A 1 166 ? 2.496   23.638  3.661   1.00 95.51  ? 166 ILE A CB  1 
ATOM 520  C CG1 . ILE A 1 166 ? 1.772   24.401  4.775   1.00 95.51  ? 166 ILE A CG1 1 
ATOM 521  C CG2 . ILE A 1 166 ? 1.520   22.846  2.834   1.00 95.51  ? 166 ILE A CG2 1 
ATOM 522  C CD1 . ILE A 1 166 ? 1.087   25.656  4.305   1.00 95.51  ? 166 ILE A CD1 1 
ATOM 523  N N   . VAL A 1 167 ? 2.746   20.589  4.994   1.00 97.42  ? 167 VAL A N   1 
ATOM 524  C CA  . VAL A 1 167 ? 2.343   19.678  6.059   1.00 97.42  ? 167 VAL A CA  1 
ATOM 525  C C   . VAL A 1 167 ? 3.574   19.060  6.706   1.00 97.42  ? 167 VAL A C   1 
ATOM 526  O O   . VAL A 1 167 ? 3.471   18.358  7.713   1.00 97.42  ? 167 VAL A O   1 
ATOM 527  C CB  . VAL A 1 167 ? 1.371   18.603  5.539   1.00 97.42  ? 167 VAL A CB  1 
ATOM 528  C CG1 . VAL A 1 167 ? 2.115   17.452  4.890   1.00 97.42  ? 167 VAL A CG1 1 
ATOM 529  C CG2 . VAL A 1 167 ? 0.421   18.123  6.636   1.00 97.42  ? 167 VAL A CG2 1 
ATOM 530  N N   . ARG A 1 168 ? 4.759   19.294  6.144   1.00 92.66  ? 168 ARG A N   1 
ATOM 531  C CA  . ARG A 1 168 ? 5.973   18.966  6.874   1.00 92.66  ? 168 ARG A CA  1 
ATOM 532  C C   . ARG A 1 168 ? 6.141   19.891  8.072   1.00 92.66  ? 168 ARG A C   1 
ATOM 533  O O   . ARG A 1 168 ? 6.680   19.488  9.109   1.00 92.66  ? 168 ARG A O   1 
ATOM 534  C CB  . ARG A 1 168 ? 7.179   19.036  5.935   1.00 92.66  ? 168 ARG A CB  1 
ATOM 535  C CG  . ARG A 1 168 ? 8.518   18.662  6.558   1.00 92.66  ? 168 ARG A CG  1 
ATOM 536  C CD  . ARG A 1 168 ? 9.531   18.201  5.507   1.00 92.66  ? 168 ARG A CD  1 
ATOM 537  N NE  . ARG A 1 168 ? 9.671   16.745  5.458   1.00 92.66  ? 168 ARG A NE  1 
ATOM 538  C CZ  . ARG A 1 168 ? 10.455  16.091  4.603   1.00 92.66  ? 168 ARG A CZ  1 
ATOM 539  N NH1 . ARG A 1 168 ? 11.173  16.754  3.709   1.00 92.66  ? 168 ARG A NH1 1 
ATOM 540  N NH2 . ARG A 1 168 ? 10.519  14.770  4.642   1.00 92.66  ? 168 ARG A NH2 1 
ATOM 541  N N   . MET A 1 169 ? 5.637   21.121  7.968   1.00 110.48 ? 169 MET A N   1 
ATOM 542  C CA  . MET A 1 169 ? 5.790   22.136  9.011   1.00 110.48 ? 169 MET A CA  1 
ATOM 543  C C   . MET A 1 169 ? 4.408   22.616  9.467   1.00 110.48 ? 169 MET A C   1 
ATOM 544  O O   . MET A 1 169 ? 3.855   23.577  8.935   1.00 110.48 ? 169 MET A O   1 
ATOM 545  C CB  . MET A 1 169 ? 6.668   23.280  8.507   1.00 110.48 ? 169 MET A CB  1 
ATOM 546  C CG  . MET A 1 169 ? 6.451   23.667  7.044   1.00 110.48 ? 169 MET A CG  1 
ATOM 547  S SD  . MET A 1 169 ? 7.843   24.562  6.328   1.00 110.48 ? 169 MET A SD  1 
ATOM 548  C CE  . MET A 1 169 ? 9.089   23.276  6.289   1.00 110.48 ? 169 MET A CE  1 
ATOM 549  N N   . HIS A 1 170 ? 3.853   21.965  10.489  1.00 105.98 ? 170 HIS A N   1 
ATOM 550  C CA  . HIS A 1 170 ? 4.485   20.864  11.204  1.00 105.98 ? 170 HIS A CA  1 
ATOM 551  C C   . HIS A 1 170 ? 3.910   19.558  10.720  1.00 105.98 ? 170 HIS A C   1 
ATOM 552  O O   . HIS A 1 170 ? 2.813   19.533  10.173  1.00 105.98 ? 170 HIS A O   1 
ATOM 553  C CB  . HIS A 1 170 ? 4.271   21.003  12.706  1.00 105.98 ? 170 HIS A CB  1 
ATOM 554  C CG  . HIS A 1 170 ? 2.882   20.662  13.149  1.00 105.98 ? 170 HIS A CG  1 
ATOM 555  N ND1 . HIS A 1 170 ? 2.491   19.381  13.477  1.00 105.98 ? 170 HIS A ND1 1 
ATOM 556  C CD2 . HIS A 1 170 ? 1.782   21.438  13.292  1.00 105.98 ? 170 HIS A CD2 1 
ATOM 557  C CE1 . HIS A 1 170 ? 1.215   19.386  13.816  1.00 105.98 ? 170 HIS A CE1 1 
ATOM 558  N NE2 . HIS A 1 170 ? 0.763   20.622  13.714  1.00 105.98 ? 170 HIS A NE2 1 
ATOM 559  N N   . LYS A 1 171 ? 4.642   18.476  10.961  1.00 103.50 ? 171 LYS A N   1 
ATOM 560  C CA  . LYS A 1 171 ? 4.136   17.153  10.646  1.00 103.50 ? 171 LYS A CA  1 
ATOM 561  C C   . LYS A 1 171 ? 2.968   16.791  11.561  1.00 103.50 ? 171 LYS A C   1 
ATOM 562  O O   . LYS A 1 171 ? 3.009   17.039  12.768  1.00 103.50 ? 171 LYS A O   1 
ATOM 563  C CB  . LYS A 1 171 ? 5.242   16.113  10.771  1.00 103.50 ? 171 LYS A CB  1 
ATOM 564  C CG  . LYS A 1 171 ? 6.293   16.206  9.683   1.00 103.50 ? 171 LYS A CG  1 
ATOM 565  C CD  . LYS A 1 171 ? 5.798   15.608  8.375   1.00 103.50 ? 171 LYS A CD  1 
ATOM 566  C CE  . LYS A 1 171 ? 5.615   14.106  8.460   1.00 103.50 ? 171 LYS A CE  1 
ATOM 567  N NZ  . LYS A 1 171 ? 5.381   13.528  7.108   1.00 103.50 ? 171 LYS A NZ  1 
ATOM 568  N N   . PRO A 1 172 ? 1.910   16.211  11.008  1.00 95.03  ? 172 PRO A N   1 
ATOM 569  C CA  . PRO A 1 172 ? 0.788   15.765  11.829  1.00 95.03  ? 172 PRO A CA  1 
ATOM 570  C C   . PRO A 1 172 ? 0.979   14.341  12.321  1.00 95.03  ? 172 PRO A C   1 
ATOM 571  O O   . PRO A 1 172 ? 1.883   13.619  11.901  1.00 95.03  ? 172 PRO A O   1 
ATOM 572  C CB  . PRO A 1 172 ? -0.392  15.849  10.855  1.00 95.03  ? 172 PRO A CB  1 
ATOM 573  C CG  . PRO A 1 172 ? 0.217   15.534  9.536   1.00 95.03  ? 172 PRO A CG  1 
ATOM 574  C CD  . PRO A 1 172 ? 1.639   16.040  9.570   1.00 95.03  ? 172 PRO A CD  1 
ATOM 575  N N   . GLU A 1 173 ? 0.097   13.944  13.237  1.00 97.43  ? 173 GLU A N   1 
ATOM 576  C CA  . GLU A 1 173 ? 0.152   12.611  13.814  1.00 97.43  ? 173 GLU A CA  1 
ATOM 577  C C   . GLU A 1 173 ? -0.875  11.649  13.242  1.00 97.43  ? 173 GLU A C   1 
ATOM 578  O O   . GLU A 1 173 ? -0.489  10.582  12.757  1.00 97.43  ? 173 GLU A O   1 
ATOM 579  C CB  . GLU A 1 173 ? -0.034  12.680  15.337  1.00 97.43  ? 173 GLU A CB  1 
ATOM 580  C CG  . GLU A 1 173 ? 1.021   13.502  16.056  1.00 97.43  ? 173 GLU A CG  1 
ATOM 581  C CD  . GLU A 1 173 ? 2.390   13.381  15.417  1.00 97.43  ? 173 GLU A CD  1 
ATOM 582  O OE1 . GLU A 1 173 ? 2.864   14.374  14.824  1.00 97.43  ? 173 GLU A OE1 1 
ATOM 583  O OE2 . GLU A 1 173 ? 2.992   12.292  15.508  1.00 97.43  ? 173 GLU A OE2 1 
ATOM 584  N N   . THR A 1 174 ? -2.158  11.997  13.274  1.00 87.20  ? 174 THR A N   1 
ATOM 585  C CA  . THR A 1 174 ? -3.207  11.100  12.824  1.00 87.20  ? 174 THR A CA  1 
ATOM 586  C C   . THR A 1 174 ? -3.679  11.534  11.449  1.00 87.20  ? 174 THR A C   1 
ATOM 587  O O   . THR A 1 174 ? -3.255  12.562  10.918  1.00 87.20  ? 174 THR A O   1 
ATOM 588  C CB  . THR A 1 174 ? -4.400  11.091  13.775  1.00 87.20  ? 174 THR A CB  1 
ATOM 589  O OG1 . THR A 1 174 ? -5.080  12.346  13.678  1.00 87.20  ? 174 THR A OG1 1 
ATOM 590  C CG2 . THR A 1 174 ? -3.925  10.906  15.200  1.00 87.20  ? 174 THR A CG2 1 
ATOM 591  N N   . LEU A 1 175 ? -4.575  10.726  10.885  1.00 86.26  ? 175 LEU A N   1 
ATOM 592  C CA  . LEU A 1 175 ? -5.158  11.050  9.589   1.00 86.26  ? 175 LEU A CA  1 
ATOM 593  C C   . LEU A 1 175 ? -6.033  12.285  9.673   1.00 86.26  ? 175 LEU A C   1 
ATOM 594  O O   . LEU A 1 175 ? -6.080  13.083  8.728   1.00 86.26  ? 175 LEU A O   1 
ATOM 595  C CB  . LEU A 1 175 ? -5.984  9.877   9.070   1.00 86.26  ? 175 LEU A CB  1 
ATOM 596  C CG  . LEU A 1 175 ? -5.313  8.898   8.114   1.00 86.26  ? 175 LEU A CG  1 
ATOM 597  C CD1 . LEU A 1 175 ? -4.956  9.635   6.845   1.00 86.26  ? 175 LEU A CD1 1 
ATOM 598  C CD2 . LEU A 1 175 ? -4.094  8.257   8.728   1.00 86.26  ? 175 LEU A CD2 1 
ATOM 599  N N   . LYS A 1 176 ? -6.739  12.439  10.797  1.00 90.20  ? 176 LYS A N   1 
ATOM 600  C CA  . LYS A 1 176 ? -7.644  13.567  10.992  1.00 90.20  ? 176 LYS A CA  1 
ATOM 601  C C   . LYS A 1 176 ? -6.887  14.879  10.969  1.00 90.20  ? 176 LYS A C   1 
ATOM 602  O O   . LYS A 1 176 ? -7.339  15.852  10.357  1.00 90.20  ? 176 LYS A O   1 
ATOM 603  C CB  . LYS A 1 176 ? -8.403  13.422  12.314  1.00 90.20  ? 176 LYS A CB  1 
ATOM 604  C CG  . LYS A 1 176 ? -9.715  12.645  12.245  1.00 90.20  ? 176 LYS A CG  1 
ATOM 605  C CD  . LYS A 1 176 ? -9.486  11.152  12.076  1.00 90.20  ? 176 LYS A CD  1 
ATOM 606  C CE  . LYS A 1 176 ? -8.815  10.558  13.298  1.00 90.20  ? 176 LYS A CE  1 
ATOM 607  N NZ  . LYS A 1 176 ? -8.599  9.097   13.132  1.00 90.20  ? 176 LYS A NZ  1 
ATOM 608  N N   . ASP A 1 177 ? -5.725  14.917  11.619  1.00 88.03  ? 177 ASP A N   1 
ATOM 609  C CA  . ASP A 1 177 ? -4.870  16.088  11.536  1.00 88.03  ? 177 ASP A CA  1 
ATOM 610  C C   . ASP A 1 177 ? -4.363  16.276  10.120  1.00 88.03  ? 177 ASP A C   1 
ATOM 611  O O   . ASP A 1 177 ? -4.346  17.399  9.606   1.00 88.03  ? 177 ASP A O   1 
ATOM 612  C CB  . ASP A 1 177 ? -3.702  15.935  12.500  1.00 88.03  ? 177 ASP A CB  1 
ATOM 613  C CG  . ASP A 1 177 ? -4.130  16.056  13.934  1.00 88.03  ? 177 ASP A CG  1 
ATOM 614  O OD1 . ASP A 1 177 ? -5.257  16.533  14.174  1.00 88.03  ? 177 ASP A OD1 1 
ATOM 615  O OD2 . ASP A 1 177 ? -3.357  15.646  14.823  1.00 88.03  ? 177 ASP A OD2 1 
ATOM 616  N N   . ALA A 1 178 ? -3.992  15.175  9.467   1.00 85.30  ? 178 ALA A N   1 
ATOM 617  C CA  . ALA A 1 178 ? -3.475  15.247  8.109   1.00 85.30  ? 178 ALA A CA  1 
ATOM 618  C C   . ALA A 1 178 ? -4.558  15.666  7.133   1.00 85.30  ? 178 ALA A C   1 
ATOM 619  O O   . ALA A 1 178 ? -4.299  16.431  6.198   1.00 85.30  ? 178 ALA A O   1 
ATOM 620  C CB  . ALA A 1 178 ? -2.893  13.897  7.706   1.00 85.30  ? 178 ALA A CB  1 
ATOM 621  N N   . MET A 1 179 ? -5.778  15.179  7.336   1.00 88.60  ? 179 MET A N   1 
ATOM 622  C CA  . MET A 1 179 ? -6.885  15.626  6.503   1.00 88.60  ? 179 MET A CA  1 
ATOM 623  C C   . MET A 1 179 ? -7.239  17.076  6.799   1.00 88.60  ? 179 MET A C   1 
ATOM 624  O O   . MET A 1 179 ? -7.621  17.824  5.893   1.00 88.60  ? 179 MET A O   1 
ATOM 625  C CB  . MET A 1 179 ? -8.094  14.723  6.713   1.00 88.60  ? 179 MET A CB  1 
ATOM 626  C CG  . MET A 1 179 ? -7.977  13.381  6.026   1.00 88.60  ? 179 MET A CG  1 
ATOM 627  S SD  . MET A 1 179 ? -9.178  12.201  6.661   1.00 88.60  ? 179 MET A SD  1 
ATOM 628  C CE  . MET A 1 179 ? -8.504  10.667  6.039   1.00 88.60  ? 179 MET A CE  1 
ATOM 629  N N   . GLU A 1 180 ? -7.104  17.494  8.056   1.00 94.29  ? 180 GLU A N   1 
ATOM 630  C CA  . GLU A 1 180 ? -7.423  18.875  8.396   1.00 94.29  ? 180 GLU A CA  1 
ATOM 631  C C   . GLU A 1 180 ? -6.352  19.826  7.891   1.00 94.29  ? 180 GLU A C   1 
ATOM 632  O O   . GLU A 1 180 ? -6.671  20.872  7.314   1.00 94.29  ? 180 GLU A O   1 
ATOM 633  C CB  . GLU A 1 180 ? -7.594  19.025  9.904   1.00 94.29  ? 180 GLU A CB  1 
ATOM 634  C CG  . GLU A 1 180 ? -8.194  20.346  10.328  1.00 94.29  ? 180 GLU A CG  1 
ATOM 635  C CD  . GLU A 1 180 ? -7.144  21.331  10.780  1.00 94.29  ? 180 GLU A CD  1 
ATOM 636  O OE1 . GLU A 1 180 ? -6.004  20.893  11.042  1.00 94.29  ? 180 GLU A OE1 1 
ATOM 637  O OE2 . GLU A 1 180 ? -7.454  22.537  10.865  1.00 94.29  ? 180 GLU A OE2 1 
ATOM 638  N N   . GLU A 1 181 ? -5.080  19.482  8.109   1.00 96.11  ? 181 GLU A N   1 
ATOM 639  C CA  . GLU A 1 181 ? -3.994  20.411  7.814   1.00 96.11  ? 181 GLU A CA  1 
ATOM 640  C C   . GLU A 1 181 ? -3.850  20.640  6.322   1.00 96.11  ? 181 GLU A C   1 
ATOM 641  O O   . GLU A 1 181 ? -3.636  21.773  5.881   1.00 96.11  ? 181 GLU A O   1 
ATOM 642  C CB  . GLU A 1 181 ? -2.683  19.897  8.400   1.00 96.11  ? 181 GLU A CB  1 
ATOM 643  C CG  . GLU A 1 181 ? -1.523  20.854  8.252   1.00 96.11  ? 181 GLU A CG  1 
ATOM 644  C CD  . GLU A 1 181 ? -1.719  22.130  9.037   1.00 96.11  ? 181 GLU A CD  1 
ATOM 645  O OE1 . GLU A 1 181 ? -2.168  23.132  8.441   1.00 96.11  ? 181 GLU A OE1 1 
ATOM 646  O OE2 . GLU A 1 181 ? -1.424  22.132  10.249  1.00 96.11  ? 181 GLU A OE2 1 
ATOM 647  N N   . ALA A 1 182 ? -4.023  19.588  5.524   1.00 92.63  ? 182 ALA A N   1 
ATOM 648  C CA  . ALA A 1 182 ? -3.924  19.738  4.079   1.00 92.63  ? 182 ALA A CA  1 
ATOM 649  C C   . ALA A 1 182 ? -5.142  20.451  3.515   1.00 92.63  ? 182 ALA A C   1 
ATOM 650  O O   . ALA A 1 182 ? -5.122  20.927  2.376   1.00 92.63  ? 182 ALA A O   1 
ATOM 651  C CB  . ALA A 1 182 ? -3.754  18.372  3.421   1.00 92.63  ? 182 ALA A CB  1 
ATOM 652  N N   . TYR A 1 183 ? -6.217  20.523  4.296   1.00 107.46 ? 183 TYR A N   1 
ATOM 653  C CA  . TYR A 1 183 ? -7.371  21.305  3.882   1.00 107.46 ? 183 TYR A CA  1 
ATOM 654  C C   . TYR A 1 183 ? -7.170  22.779  4.196   1.00 107.46 ? 183 TYR A C   1 
ATOM 655  O O   . TYR A 1 183 ? -7.562  23.648  3.409   1.00 107.46 ? 183 TYR A O   1 
ATOM 656  C CB  . TYR A 1 183 ? -8.627  20.772  4.565   1.00 107.46 ? 183 TYR A CB  1 
ATOM 657  C CG  . TYR A 1 183 ? -9.885  21.551  4.260   1.00 107.46 ? 183 TYR A CG  1 
ATOM 658  C CD1 . TYR A 1 183 ? -10.721 21.985  5.278   1.00 107.46 ? 183 TYR A CD1 1 
ATOM 659  C CD2 . TYR A 1 183 ? -10.237 21.846  2.952   1.00 107.46 ? 183 TYR A CD2 1 
ATOM 660  C CE1 . TYR A 1 183 ? -11.875 22.689  4.997   1.00 107.46 ? 183 TYR A CE1 1 
ATOM 661  C CE2 . TYR A 1 183 ? -11.381 22.550  2.662   1.00 107.46 ? 183 TYR A CE2 1 
ATOM 662  C CZ  . TYR A 1 183 ? -12.197 22.969  3.685   1.00 107.46 ? 183 TYR A CZ  1 
ATOM 663  O OH  . TYR A 1 183 ? -13.340 23.672  3.389   1.00 107.46 ? 183 TYR A OH  1 
ATOM 664  N N   . GLN A 1 184 ? -6.527  23.070  5.330   1.00 107.90 ? 184 GLN A N   1 
ATOM 665  C CA  . GLN A 1 184 ? -6.480  24.432  5.856   1.00 107.90 ? 184 GLN A CA  1 
ATOM 666  C C   . GLN A 1 184 ? -5.608  25.337  4.989   1.00 107.90 ? 184 GLN A C   1 
ATOM 667  O O   . GLN A 1 184 ? -5.820  26.554  4.930   1.00 107.90 ? 184 GLN A O   1 
ATOM 668  C CB  . GLN A 1 184 ? -5.986  24.393  7.305   1.00 107.90 ? 184 GLN A CB  1 
ATOM 669  C CG  . GLN A 1 184 ? -5.899  25.732  8.011   1.00 107.90 ? 184 GLN A CG  1 
ATOM 670  C CD  . GLN A 1 184 ? -5.182  25.642  9.332   1.00 107.90 ? 184 GLN A CD  1 
ATOM 671  O OE1 . GLN A 1 184 ? -5.229  24.615  10.003  1.00 107.90 ? 184 GLN A OE1 1 
ATOM 672  N NE2 . GLN A 1 184 ? -4.503  26.716  9.713   1.00 107.90 ? 184 GLN A NE2 1 
ATOM 673  N N   . THR A 1 185 ? -4.661  24.751  4.253   1.00 101.91 ? 185 THR A N   1 
ATOM 674  C CA  . THR A 1 185 ? -3.807  25.550  3.377   1.00 101.91 ? 185 THR A CA  1 
ATOM 675  C C   . THR A 1 185 ? -4.578  26.074  2.178   1.00 101.91 ? 185 THR A C   1 
ATOM 676  O O   . THR A 1 185 ? -4.128  27.000  1.497   1.00 101.91 ? 185 THR A O   1 
ATOM 677  C CB  . THR A 1 185 ? -2.621  24.737  2.874   1.00 101.91 ? 185 THR A CB  1 
ATOM 678  O OG1 . THR A 1 185 ? -3.120  23.599  2.163   1.00 101.91 ? 185 THR A OG1 1 
ATOM 679  C CG2 . THR A 1 185 ? -1.802  24.220  4.024   1.00 101.91 ? 185 THR A CG2 1 
ATOM 680  N N   . THR A 1 186 ? -5.724  25.473  1.880   1.00 107.06 ? 186 THR A N   1 
ATOM 681  C CA  . THR A 1 186 ? -6.524  25.960  0.766   1.00 107.06 ? 186 THR A CA  1 
ATOM 682  C C   . THR A 1 186 ? -7.865  26.492  1.264   1.00 107.06 ? 186 THR A C   1 
ATOM 683  O O   . THR A 1 186 ? -8.512  27.311  0.597   1.00 107.06 ? 186 THR A O   1 
ATOM 684  C CB  . THR A 1 186 ? -6.679  24.836  -0.255  1.00 107.06 ? 186 THR A CB  1 
ATOM 685  O OG1 . THR A 1 186 ? -5.382  24.285  -0.509  1.00 107.06 ? 186 THR A OG1 1 
ATOM 686  C CG2 . THR A 1 186 ? -7.215  25.356  -1.581  1.00 107.06 ? 186 THR A CG2 1 
ATOM 687  N N   . ALA A 1 187 ? -8.265  26.093  2.474   1.00 117.86 ? 187 ALA A N   1 
ATOM 688  C CA  . ALA A 1 187 ? -9.521  26.585  3.036   1.00 117.86 ? 187 ALA A CA  1 
ATOM 689  C C   . ALA A 1 187 ? -9.405  28.034  3.501   1.00 117.86 ? 187 ALA A C   1 
ATOM 690  O O   . ALA A 1 187 ? -10.423 28.695  3.738   1.00 117.86 ? 187 ALA A O   1 
ATOM 691  C CB  . ALA A 1 187 ? -9.959  25.696  4.197   1.00 117.86 ? 187 ALA A CB  1 
ATOM 692  N N   . LEU A 1 188 ? -8.179  28.545  3.645   1.00 125.38 ? 188 LEU A N   1 
ATOM 693  C CA  . LEU A 1 188 ? -7.991  29.890  4.183   1.00 125.38 ? 188 LEU A CA  1 
ATOM 694  C C   . LEU A 1 188 ? -8.357  30.957  3.164   1.00 125.38 ? 188 LEU A C   1 
ATOM 695  O O   . LEU A 1 188 ? -9.262  31.766  3.401   1.00 125.38 ? 188 LEU A O   1 
ATOM 696  C CB  . LEU A 1 188 ? -6.545  30.079  4.638   1.00 125.38 ? 188 LEU A CB  1 
ATOM 697  C CG  . LEU A 1 188 ? -6.263  31.304  5.512   1.00 125.38 ? 188 LEU A CG  1 
ATOM 698  C CD1 . LEU A 1 188 ? -7.039  31.232  6.821   1.00 125.38 ? 188 LEU A CD1 1 
ATOM 699  C CD2 . LEU A 1 188 ? -4.772  31.453  5.773   1.00 125.38 ? 188 LEU A CD2 1 
ATOM 700  N N   . THR A 1 189 ? -7.682  30.965  2.021   1.00 129.64 ? 189 THR A N   1 
ATOM 701  C CA  . THR A 1 189 ? -7.791  32.050  1.058   1.00 129.64 ? 189 THR A CA  1 
ATOM 702  C C   . THR A 1 189 ? -8.740  31.639  -0.064  1.00 129.64 ? 189 THR A C   1 
ATOM 703  O O   . THR A 1 189 ? -8.672  32.145  -1.188  1.00 129.64 ? 189 THR A O   1 
ATOM 704  C CB  . THR A 1 189 ? -6.402  32.419  0.503   1.00 129.64 ? 189 THR A CB  1 
ATOM 705  O OG1 . THR A 1 189 ? -5.821  31.270  -0.124  1.00 129.64 ? 189 THR A OG1 1 
ATOM 706  C CG2 . THR A 1 189 ? -5.471  32.915  1.610   1.00 129.64 ? 189 THR A CG2 1 
ATOM 707  N N   . GLU A 1 190 ? -9.673  30.749  0.281   1.00 130.95 ? 190 GLU A N   1 
ATOM 708  C CA  . GLU A 1 190 ? -10.704 30.271  -0.630  1.00 130.95 ? 190 GLU A CA  1 
ATOM 709  C C   . GLU A 1 190 ? -11.792 29.542  0.139   1.00 130.95 ? 190 GLU A C   1 
ATOM 710  O O   . GLU A 1 190 ? -11.495 28.702  0.994   1.00 130.95 ? 190 GLU A O   1 
ATOM 711  C CB  . GLU A 1 190 ? -10.106 29.342  -1.692  1.00 130.95 ? 190 GLU A CB  1 
ATOM 712  C CG  . GLU A 1 190 ? -11.127 28.670  -2.593  1.00 130.95 ? 190 GLU A CG  1 
ATOM 713  C CD  . GLU A 1 190 ? -11.991 29.648  -3.367  1.00 130.95 ? 190 GLU A CD  1 
ATOM 714  O OE1 . GLU A 1 190 ? -11.492 30.718  -3.774  1.00 130.95 ? 190 GLU A OE1 1 
ATOM 715  O OE2 . GLU A 1 190 ? -13.186 29.343  -3.560  1.00 130.95 ? 190 GLU A OE2 1 
ATOM 716  N N   . ARG A 1 191 ? -13.050 29.838  -0.194  1.00 146.67 ? 191 ARG A N   1 
ATOM 717  C CA  . ARG A 1 191 ? -14.217 29.203  0.401   1.00 146.67 ? 191 ARG A CA  1 
ATOM 718  C C   . ARG A 1 191 ? -15.446 29.484  -0.456  1.00 146.67 ? 191 ARG A C   1 
ATOM 719  O O   . ARG A 1 191 ? -15.539 30.537  -1.095  1.00 146.67 ? 191 ARG A O   1 
ATOM 720  C CB  . ARG A 1 191 ? -14.430 29.709  1.846   1.00 146.67 ? 191 ARG A CB  1 
ATOM 721  C CG  . ARG A 1 191 ? -13.359 29.314  2.885   1.00 146.67 ? 191 ARG A CG  1 
ATOM 722  C CD  . ARG A 1 191 ? -13.647 29.802  4.308   1.00 146.67 ? 191 ARG A CD  1 
ATOM 723  N NE  . ARG A 1 191 ? -12.573 29.466  5.242   1.00 146.67 ? 191 ARG A NE  1 
ATOM 724  C CZ  . ARG A 1 191 ? -12.524 29.873  6.508   1.00 146.67 ? 191 ARG A CZ  1 
ATOM 725  N NH1 . ARG A 1 191 ? -13.485 30.647  6.992   1.00 146.67 ? 191 ARG A NH1 1 
ATOM 726  N NH2 . ARG A 1 191 ? -11.505 29.519  7.281   1.00 146.67 ? 191 ARG A NH2 1 
ATOM 727  N N   . PHE A 1 192 ? -16.368 28.531  -0.523  1.00 154.45 ? 192 PHE A N   1 
ATOM 728  C CA  . PHE A 1 192 ? -17.777 28.870  -0.556  1.00 154.45 ? 192 PHE A CA  1 
ATOM 729  C C   . PHE A 1 192 ? -18.363 28.234  0.697   1.00 154.45 ? 192 PHE A C   1 
ATOM 730  O O   . PHE A 1 192 ? -18.170 27.045  0.966   1.00 154.45 ? 192 PHE A O   1 
ATOM 731  C CB  . PHE A 1 192 ? -18.453 28.459  -1.879  1.00 154.45 ? 192 PHE A CB  1 
ATOM 732  C CG  . PHE A 1 192 ? -18.836 27.008  -1.968  1.00 154.45 ? 192 PHE A CG  1 
ATOM 733  C CD1 . PHE A 1 192 ? -17.910 26.056  -2.350  1.00 154.45 ? 192 PHE A CD1 1 
ATOM 734  C CD2 . PHE A 1 192 ? -20.135 26.603  -1.690  1.00 154.45 ? 192 PHE A CD2 1 
ATOM 735  C CE1 . PHE A 1 192 ? -18.262 24.723  -2.437  1.00 154.45 ? 192 PHE A CE1 1 
ATOM 736  C CE2 . PHE A 1 192 ? -20.494 25.274  -1.772  1.00 154.45 ? 192 PHE A CE2 1 
ATOM 737  C CZ  . PHE A 1 192 ? -19.556 24.332  -2.148  1.00 154.45 ? 192 PHE A CZ  1 
ATOM 738  N N   . PHE A 1 193 ? -19.013 29.048  1.517   1.00 165.41 ? 193 PHE A N   1 
ATOM 739  C CA  . PHE A 1 193 ? -19.435 28.579  2.827   1.00 165.41 ? 193 PHE A CA  1 
ATOM 740  C C   . PHE A 1 193 ? -20.745 27.829  2.669   1.00 165.41 ? 193 PHE A C   1 
ATOM 741  O O   . PHE A 1 193 ? -21.730 28.386  2.170   1.00 165.41 ? 193 PHE A O   1 
ATOM 742  C CB  . PHE A 1 193 ? -19.543 29.723  3.854   1.00 165.41 ? 193 PHE A CB  1 
ATOM 743  C CG  . PHE A 1 193 ? -20.171 30.994  3.334   1.00 165.41 ? 193 PHE A CG  1 
ATOM 744  C CD1 . PHE A 1 193 ? -19.391 31.980  2.746   1.00 165.41 ? 193 PHE A CD1 1 
ATOM 745  C CD2 . PHE A 1 193 ? -21.526 31.235  3.495   1.00 165.41 ? 193 PHE A CD2 1 
ATOM 746  C CE1 . PHE A 1 193 ? -19.956 33.155  2.286   1.00 165.41 ? 193 PHE A CE1 1 
ATOM 747  C CE2 . PHE A 1 193 ? -22.100 32.412  3.037   1.00 165.41 ? 193 PHE A CE2 1 
ATOM 748  C CZ  . PHE A 1 193 ? -21.312 33.372  2.434   1.00 165.41 ? 193 PHE A CZ  1 
ATOM 749  N N   . PRO A 1 194 ? -20.780 26.549  3.040   1.00 163.03 ? 194 PRO A N   1 
ATOM 750  C CA  . PRO A 1 194 ? -21.973 25.744  2.775   1.00 163.03 ? 194 PRO A CA  1 
ATOM 751  C C   . PRO A 1 194 ? -22.947 25.716  3.939   1.00 163.03 ? 194 PRO A C   1 
ATOM 752  O O   . PRO A 1 194 ? -22.619 26.102  5.065   1.00 163.03 ? 194 PRO A O   1 
ATOM 753  C CB  . PRO A 1 194 ? -21.398 24.346  2.499   1.00 163.03 ? 194 PRO A CB  1 
ATOM 754  C CG  . PRO A 1 194 ? -19.914 24.428  2.824   1.00 163.03 ? 194 PRO A CG  1 
ATOM 755  C CD  . PRO A 1 194 ? -19.683 25.716  3.543   1.00 163.03 ? 194 PRO A CD  1 
ATOM 756  N N   . GLY A 1 195 ? -24.156 25.247  3.659   1.00 165.47 ? 195 GLY A N   1 
ATOM 757  C CA  . GLY A 1 195 ? -25.189 25.096  4.660   1.00 165.47 ? 195 GLY A CA  1 
ATOM 758  C C   . GLY A 1 195 ? -26.262 24.161  4.142   1.00 165.47 ? 195 GLY A C   1 
ATOM 759  O O   . GLY A 1 195 ? -26.851 23.383  4.890   1.00 165.47 ? 195 GLY A O   1 
ATOM 760  N N   . TYR B 1 105 ? 22.292  2.659   13.696  1.00 106.30 ? 105 TYR B N   1 
ATOM 761  C CA  . TYR B 1 105 ? 21.108  2.570   12.854  1.00 106.30 ? 105 TYR B CA  1 
ATOM 762  C C   . TYR B 1 105 ? 21.060  3.711   11.848  1.00 106.30 ? 105 TYR B C   1 
ATOM 763  O O   . TYR B 1 105 ? 21.916  4.589   11.857  1.00 106.30 ? 105 TYR B O   1 
ATOM 764  C CB  . TYR B 1 105 ? 19.853  2.562   13.715  1.00 106.30 ? 105 TYR B CB  1 
ATOM 765  C CG  . TYR B 1 105 ? 19.838  1.426   14.702  1.00 106.30 ? 105 TYR B CG  1 
ATOM 766  C CD1 . TYR B 1 105 ? 19.910  1.665   16.067  1.00 106.30 ? 105 TYR B CD1 1 
ATOM 767  C CD2 . TYR B 1 105 ? 19.763  0.108   14.266  1.00 106.30 ? 105 TYR B CD2 1 
ATOM 768  C CE1 . TYR B 1 105 ? 19.895  0.621   16.975  1.00 106.30 ? 105 TYR B CE1 1 
ATOM 769  C CE2 . TYR B 1 105 ? 19.750  -0.941  15.161  1.00 106.30 ? 105 TYR B CE2 1 
ATOM 770  C CZ  . TYR B 1 105 ? 19.815  -0.678  16.515  1.00 106.30 ? 105 TYR B CZ  1 
ATOM 771  O OH  . TYR B 1 105 ? 19.801  -1.716  17.414  1.00 106.30 ? 105 TYR B OH  1 
ATOM 772  N N   . LYS B 1 106 ? 20.062  3.688   10.977  1.00 100.03 ? 106 LYS B N   1 
ATOM 773  C CA  . LYS B 1 106 ? 19.942  4.631   9.877   1.00 100.03 ? 106 LYS B CA  1 
ATOM 774  C C   . LYS B 1 106 ? 18.528  5.181   9.808   1.00 100.03 ? 106 LYS B C   1 
ATOM 775  O O   . LYS B 1 106 ? 17.595  4.596   10.372  1.00 100.03 ? 106 LYS B O   1 
ATOM 776  C CB  . LYS B 1 106 ? 20.309  3.958   8.544   1.00 100.03 ? 106 LYS B CB  1 
ATOM 777  C CG  . LYS B 1 106 ? 21.796  3.942   8.229   1.00 100.03 ? 106 LYS B CG  1 
ATOM 778  C CD  . LYS B 1 106 ? 22.480  2.680   8.732   1.00 100.03 ? 106 LYS B CD  1 
ATOM 779  C CE  . LYS B 1 106 ? 22.167  1.492   7.841   1.00 100.03 ? 106 LYS B CE  1 
ATOM 780  N NZ  . LYS B 1 106 ? 22.963  0.290   8.207   1.00 100.03 ? 106 LYS B NZ  1 
ATOM 781  N N   . PRO B 1 107 ? 18.334  6.324   9.150   1.00 92.40  ? 107 PRO B N   1 
ATOM 782  C CA  . PRO B 1 107 ? 16.975  6.762   8.794   1.00 92.40  ? 107 PRO B CA  1 
ATOM 783  C C   . PRO B 1 107 ? 16.371  5.850   7.741   1.00 92.40  ? 107 PRO B C   1 
ATOM 784  O O   . PRO B 1 107 ? 17.077  5.373   6.841   1.00 92.40  ? 107 PRO B O   1 
ATOM 785  C CB  . PRO B 1 107 ? 17.191  8.183   8.248   1.00 92.40  ? 107 PRO B CB  1 
ATOM 786  C CG  . PRO B 1 107 ? 18.655  8.269   7.950   1.00 92.40  ? 107 PRO B CG  1 
ATOM 787  C CD  . PRO B 1 107 ? 19.315  7.407   8.962   1.00 92.40  ? 107 PRO B CD  1 
ATOM 788  N N   . PRO B 1 108 ? 15.068  5.570   7.821   1.00 71.60  ? 108 PRO B N   1 
ATOM 789  C CA  . PRO B 1 108 ? 14.500  4.495   6.994   1.00 71.60  ? 108 PRO B CA  1 
ATOM 790  C C   . PRO B 1 108 ? 14.227  4.831   5.535   1.00 71.60  ? 108 PRO B C   1 
ATOM 791  O O   . PRO B 1 108 ? 14.489  3.977   4.684   1.00 71.60  ? 108 PRO B O   1 
ATOM 792  C CB  . PRO B 1 108 ? 13.201  4.157   7.729   1.00 71.60  ? 108 PRO B CB  1 
ATOM 793  C CG  . PRO B 1 108 ? 12.822  5.416   8.410   1.00 71.60  ? 108 PRO B CG  1 
ATOM 794  C CD  . PRO B 1 108 ? 14.102  6.087   8.803   1.00 71.60  ? 108 PRO B CD  1 
ATOM 795  N N   . ASP B 1 109 ? 13.718  6.036   5.240   1.00 73.65  ? 109 ASP B N   1 
ATOM 796  C CA  . ASP B 1 109 ? 13.274  6.462   3.908   1.00 73.65  ? 109 ASP B CA  1 
ATOM 797  C C   . ASP B 1 109 ? 12.224  5.523   3.320   1.00 73.65  ? 109 ASP B C   1 
ATOM 798  O O   . ASP B 1 109 ? 12.516  4.755   2.397   1.00 73.65  ? 109 ASP B O   1 
ATOM 799  C CB  . ASP B 1 109 ? 14.454  6.629   2.945   1.00 73.65  ? 109 ASP B CB  1 
ATOM 800  C CG  . ASP B 1 109 ? 14.040  7.259   1.621   1.00 73.65  ? 109 ASP B CG  1 
ATOM 801  O OD1 . ASP B 1 109 ? 13.196  8.176   1.644   1.00 73.65  ? 109 ASP B OD1 1 
ATOM 802  O OD2 . ASP B 1 109 ? 14.558  6.830   0.571   1.00 73.65  ? 109 ASP B OD2 1 
ATOM 803  N N   . ILE B 1 110 ? 11.018  5.528   3.888   1.00 63.12  ? 110 ILE B N   1 
ATOM 804  C CA  . ILE B 1 110 ? 9.970   4.575   3.539   1.00 63.12  ? 110 ILE B CA  1 
ATOM 805  C C   . ILE B 1 110 ? 9.481   4.764   2.104   1.00 63.12  ? 110 ILE B C   1 
ATOM 806  O O   . ILE B 1 110 ? 9.153   3.786   1.424   1.00 63.12  ? 110 ILE B O   1 
ATOM 807  C CB  . ILE B 1 110 ? 8.809   4.680   4.548   1.00 63.12  ? 110 ILE B CB  1 
ATOM 808  C CG1 . ILE B 1 110 ? 9.327   4.426   5.960   1.00 63.12  ? 110 ILE B CG1 1 
ATOM 809  C CG2 . ILE B 1 110 ? 7.708   3.674   4.263   1.00 63.12  ? 110 ILE B CG2 1 
ATOM 810  C CD1 . ILE B 1 110 ? 8.250   4.421   7.023   1.00 63.12  ? 110 ILE B CD1 1 
ATOM 811  N N   . ASN B 1 111 ? 9.481   6.006   1.610   1.00 76.76  ? 111 ASN B N   1 
ATOM 812  C CA  . ASN B 1 111 ? 8.781   6.305   0.359   1.00 76.76  ? 111 ASN B CA  1 
ATOM 813  C C   . ASN B 1 111 ? 9.467   5.698   -0.859  1.00 76.76  ? 111 ASN B C   1 
ATOM 814  O O   . ASN B 1 111 ? 8.813   5.391   -1.861  1.00 76.76  ? 111 ASN B O   1 
ATOM 815  C CB  . ASN B 1 111 ? 8.638   7.813   0.173   1.00 76.76  ? 111 ASN B CB  1 
ATOM 816  C CG  . ASN B 1 111 ? 7.590   8.167   -0.867  1.00 76.76  ? 111 ASN B CG  1 
ATOM 817  O OD1 . ASN B 1 111 ? 7.886   8.270   -2.058  1.00 76.76  ? 111 ASN B OD1 1 
ATOM 818  N ND2 . ASN B 1 111 ? 6.354   8.346   -0.421  1.00 76.76  ? 111 ASN B ND2 1 
ATOM 819  N N   . LYS B 1 112 ? 10.787  5.517   -0.791  1.00 75.51  ? 112 LYS B N   1 
ATOM 820  C CA  . LYS B 1 112 ? 11.484  4.815   -1.866  1.00 75.51  ? 112 LYS B CA  1 
ATOM 821  C C   . LYS B 1 112 ? 11.089  3.345   -1.879  1.00 75.51  ? 112 LYS B C   1 
ATOM 822  O O   . LYS B 1 112 ? 11.008  2.716   -2.940  1.00 75.51  ? 112 LYS B O   1 
ATOM 823  C CB  . LYS B 1 112 ? 13.002  4.979   -1.705  1.00 75.51  ? 112 LYS B CB  1 
ATOM 824  C CG  . LYS B 1 112 ? 13.867  4.243   -2.747  1.00 75.51  ? 112 LYS B CG  1 
ATOM 825  C CD  . LYS B 1 112 ? 15.268  3.938   -2.220  1.00 75.51  ? 112 LYS B CD  1 
ATOM 826  C CE  . LYS B 1 112 ? 15.925  2.787   -2.976  1.00 75.51  ? 112 LYS B CE  1 
ATOM 827  N NZ  . LYS B 1 112 ? 16.115  3.094   -4.416  1.00 75.51  ? 112 LYS B NZ  1 
ATOM 828  N N   . ILE B 1 113 ? 10.806  2.793   -0.701  1.00 68.54  ? 113 ILE B N   1 
ATOM 829  C CA  . ILE B 1 113 ? 10.495  1.374   -0.598  1.00 68.54  ? 113 ILE B CA  1 
ATOM 830  C C   . ILE B 1 113 ? 9.132   1.090   -1.208  1.00 68.54  ? 113 ILE B C   1 
ATOM 831  O O   . ILE B 1 113 ? 8.946   0.091   -1.908  1.00 68.54  ? 113 ILE B O   1 
ATOM 832  C CB  . ILE B 1 113 ? 10.573  0.917   0.865   1.00 68.54  ? 113 ILE B CB  1 
ATOM 833  C CG1 . ILE B 1 113 ? 11.725  1.636   1.556   1.00 68.54  ? 113 ILE B CG1 1 
ATOM 834  C CG2 . ILE B 1 113 ? 10.766  -0.571  0.941   1.00 68.54  ? 113 ILE B CG2 1 
ATOM 835  C CD1 . ILE B 1 113 ? 11.917  1.239   2.986   1.00 68.54  ? 113 ILE B CD1 1 
ATOM 836  N N   . PHE B 1 114 ? 8.169   1.983   -0.984  1.00 76.27  ? 114 PHE B N   1 
ATOM 837  C CA  . PHE B 1 114 ? 6.895   1.860   -1.685  1.00 76.27  ? 114 PHE B CA  1 
ATOM 838  C C   . PHE B 1 114 ? 7.053   2.213   -3.154  1.00 76.27  ? 114 PHE B C   1 
ATOM 839  O O   . PHE B 1 114 ? 6.263   1.780   -3.999  1.00 76.27  ? 114 PHE B O   1 
ATOM 840  C CB  . PHE B 1 114 ? 5.829   2.740   -1.033  1.00 76.27  ? 114 PHE B CB  1 
ATOM 841  C CG  . PHE B 1 114 ? 5.143   2.101   0.140   1.00 76.27  ? 114 PHE B CG  1 
ATOM 842  C CD1 . PHE B 1 114 ? 5.268   0.745   0.381   1.00 76.27  ? 114 PHE B CD1 1 
ATOM 843  C CD2 . PHE B 1 114 ? 4.363   2.861   0.996   1.00 76.27  ? 114 PHE B CD2 1 
ATOM 844  C CE1 . PHE B 1 114 ? 4.636   0.161   1.459   1.00 76.27  ? 114 PHE B CE1 1 
ATOM 845  C CE2 . PHE B 1 114 ? 3.729   2.284   2.076   1.00 76.27  ? 114 PHE B CE2 1 
ATOM 846  C CZ  . PHE B 1 114 ? 3.865   0.931   2.306   1.00 76.27  ? 114 PHE B CZ  1 
ATOM 847  N N   . ASN B 1 115 ? 8.072   3.007   -3.481  1.00 73.82  ? 115 ASN B N   1 
ATOM 848  C CA  . ASN B 1 115 ? 8.352   3.270   -4.885  1.00 73.82  ? 115 ASN B CA  1 
ATOM 849  C C   . ASN B 1 115 ? 8.998   2.062   -5.547  1.00 73.82  ? 115 ASN B C   1 
ATOM 850  O O   . ASN B 1 115 ? 8.716   1.758   -6.711  1.00 73.82  ? 115 ASN B O   1 
ATOM 851  C CB  . ASN B 1 115 ? 9.248   4.495   -5.021  1.00 73.82  ? 115 ASN B CB  1 
ATOM 852  C CG  . ASN B 1 115 ? 9.273   5.041   -6.430  1.00 73.82  ? 115 ASN B CG  1 
ATOM 853  O OD1 . ASN B 1 115 ? 8.542   4.578   -7.305  1.00 73.82  ? 115 ASN B OD1 1 
ATOM 854  N ND2 . ASN B 1 115 ? 10.124  6.031   -6.660  1.00 73.82  ? 115 ASN B ND2 1 
ATOM 855  N N   . ALA B 1 116 ? 9.856   1.350   -4.817  1.00 77.02  ? 116 ALA B N   1 
ATOM 856  C CA  . ALA B 1 116 ? 10.632  0.279   -5.435  1.00 77.02  ? 116 ALA B CA  1 
ATOM 857  C C   . ALA B 1 116 ? 9.789   -0.973  -5.647  1.00 77.02  ? 116 ALA B C   1 
ATOM 858  O O   . ALA B 1 116 ? 10.023  -1.736  -6.590  1.00 77.02  ? 116 ALA B O   1 
ATOM 859  C CB  . ALA B 1 116 ? 11.857  -0.035  -4.582  1.00 77.02  ? 116 ALA B CB  1 
ATOM 860  N N   . ILE B 1 117 ? 8.803   -1.200  -4.776  1.00 79.64  ? 117 ILE B N   1 
ATOM 861  C CA  . ILE B 1 117 ? 7.928   -2.364  -4.913  1.00 79.64  ? 117 ILE B CA  1 
ATOM 862  C C   . ILE B 1 117 ? 6.998   -2.179  -6.109  1.00 79.64  ? 117 ILE B C   1 
ATOM 863  O O   . ILE B 1 117 ? 6.613   -3.143  -6.783  1.00 79.64  ? 117 ILE B O   1 
ATOM 864  C CB  . ILE B 1 117 ? 7.160   -2.594  -3.597  1.00 79.64  ? 117 ILE B CB  1 
ATOM 865  C CG1 . ILE B 1 117 ? 8.131   -2.989  -2.493  1.00 79.64  ? 117 ILE B CG1 1 
ATOM 866  C CG2 . ILE B 1 117 ? 6.146   -3.708  -3.695  1.00 79.64  ? 117 ILE B CG2 1 
ATOM 867  C CD1 . ILE B 1 117 ? 7.519   -2.950  -1.121  1.00 79.64  ? 117 ILE B CD1 1 
ATOM 868  N N   . THR B 1 118 ? 6.702   -0.923  -6.438  1.00 82.13  ? 118 THR B N   1 
ATOM 869  C CA  . THR B 1 118 ? 5.788   -0.611  -7.529  1.00 82.13  ? 118 THR B CA  1 
ATOM 870  C C   . THR B 1 118 ? 6.359   -1.008  -8.888  1.00 82.13  ? 118 THR B C   1 
ATOM 871  O O   . THR B 1 118 ? 5.608   -1.254  -9.838  1.00 82.13  ? 118 THR B O   1 
ATOM 872  C CB  . THR B 1 118 ? 5.482   0.881   -7.496  1.00 82.13  ? 118 THR B CB  1 
ATOM 873  O OG1 . THR B 1 118 ? 5.387   1.301   -6.130  1.00 82.13  ? 118 THR B OG1 1 
ATOM 874  C CG2 . THR B 1 118 ? 4.169   1.173   -8.186  1.00 82.13  ? 118 THR B CG2 1 
ATOM 875  N N   . GLN B 1 119 ? 7.686   -1.097  -8.995  1.00 88.49  ? 119 GLN B N   1 
ATOM 876  C CA  . GLN B 1 119 ? 8.305   -1.464  -10.265 1.00 88.49  ? 119 GLN B CA  1 
ATOM 877  C C   . GLN B 1 119 ? 8.092   -2.932  -10.607 1.00 88.49  ? 119 GLN B C   1 
ATOM 878  O O   . GLN B 1 119 ? 8.085   -3.304  -11.785 1.00 88.49  ? 119 GLN B O   1 
ATOM 879  C CB  . GLN B 1 119 ? 9.800   -1.174  -10.230 1.00 88.49  ? 119 GLN B CB  1 
ATOM 880  C CG  . GLN B 1 119 ? 10.170  0.276   -10.215 1.00 88.49  ? 119 GLN B CG  1 
ATOM 881  C CD  . GLN B 1 119 ? 11.667  0.460   -10.201 1.00 88.49  ? 119 GLN B CD  1 
ATOM 882  O OE1 . GLN B 1 119 ? 12.419  -0.509  -10.087 1.00 88.49  ? 119 GLN B OE1 1 
ATOM 883  N NE2 . GLN B 1 119 ? 12.114  1.701   -10.337 1.00 88.49  ? 119 GLN B NE2 1 
ATOM 884  N N   . LEU B 1 120 ? 7.952   -3.782  -9.591  1.00 88.70  ? 120 LEU B N   1 
ATOM 885  C CA  . LEU B 1 120 ? 7.865   -5.219  -9.813  1.00 88.70  ? 120 LEU B CA  1 
ATOM 886  C C   . LEU B 1 120 ? 6.542   -5.575  -10.475 1.00 88.70  ? 120 LEU B C   1 
ATOM 887  O O   . LEU B 1 120 ? 5.522   -4.923  -10.245 1.00 88.70  ? 120 LEU B O   1 
ATOM 888  C CB  . LEU B 1 120 ? 8.004   -5.974  -8.493  1.00 88.70  ? 120 LEU B CB  1 
ATOM 889  C CG  . LEU B 1 120 ? 9.414   -6.286  -7.996  1.00 88.70  ? 120 LEU B CG  1 
ATOM 890  C CD1 . LEU B 1 120 ? 10.010  -5.103  -7.273  1.00 88.70  ? 120 LEU B CD1 1 
ATOM 891  C CD2 . LEU B 1 120 ? 9.398   -7.491  -7.082  1.00 88.70  ? 120 LEU B CD2 1 
ATOM 892  N N   . SER B 1 121 ? 6.569   -6.605  -11.321 1.00 100.62 ? 121 SER B N   1 
ATOM 893  C CA  . SER B 1 121 ? 5.387   -6.964  -12.096 1.00 100.62 ? 121 SER B CA  1 
ATOM 894  C C   . SER B 1 121 ? 5.391   -8.428  -12.508 1.00 100.62 ? 121 SER B C   1 
ATOM 895  O O   . SER B 1 121 ? 6.164   -9.236  -11.987 1.00 100.62 ? 121 SER B O   1 
ATOM 896  C CB  . SER B 1 121 ? 5.281   -6.085  -13.342 1.00 100.62 ? 121 SER B CB  1 
ATOM 897  O OG  . SER B 1 121 ? 6.063   -6.613  -14.399 1.00 100.62 ? 121 SER B OG  1 
ATOM 898  N N   . GLU B 1 122 ? 4.516   -8.778  -13.448 1.00 99.15  ? 122 GLU B N   1 
ATOM 899  C CA  . GLU B 1 122 ? 4.498   -10.110 -14.032 1.00 99.15  ? 122 GLU B CA  1 
ATOM 900  C C   . GLU B 1 122 ? 5.272   -10.161 -15.341 1.00 99.15  ? 122 GLU B C   1 
ATOM 901  O O   . GLU B 1 122 ? 5.384   -11.225 -15.953 1.00 99.15  ? 122 GLU B O   1 
ATOM 902  C CB  . GLU B 1 122 ? 3.061   -10.583 -14.227 1.00 99.15  ? 122 GLU B CB  1 
ATOM 903  C CG  . GLU B 1 122 ? 2.298   -10.656 -12.924 1.00 99.15  ? 122 GLU B CG  1 
ATOM 904  C CD  . GLU B 1 122 ? 3.157   -11.180 -11.789 1.00 99.15  ? 122 GLU B CD  1 
ATOM 905  O OE1 . GLU B 1 122 ? 3.533   -10.380 -10.905 1.00 99.15  ? 122 GLU B OE1 1 
ATOM 906  O OE2 . GLU B 1 122 ? 3.459   -12.391 -11.782 1.00 99.15  ? 122 GLU B OE2 1 
ATOM 907  N N   . ALA B 1 123 ? 5.826   -9.028  -15.773 1.00 99.49  ? 123 ALA B N   1 
ATOM 908  C CA  . ALA B 1 123 ? 6.780   -9.043  -16.870 1.00 99.49  ? 123 ALA B CA  1 
ATOM 909  C C   . ALA B 1 123 ? 8.121   -9.613  -16.443 1.00 99.49  ? 123 ALA B C   1 
ATOM 910  O O   . ALA B 1 123 ? 8.927   -9.972  -17.306 1.00 99.49  ? 123 ALA B O   1 
ATOM 911  C CB  . ALA B 1 123 ? 6.971   -7.636  -17.436 1.00 99.49  ? 123 ALA B CB  1 
ATOM 912  N N   . LYS B 1 124 ? 8.379   -9.686  -15.137 1.00 100.82 ? 124 LYS B N   1 
ATOM 913  C CA  . LYS B 1 124 ? 9.528   -10.420 -14.636 1.00 100.82 ? 124 LYS B CA  1 
ATOM 914  C C   . LYS B 1 124 ? 9.349   -11.896 -14.940 1.00 100.82 ? 124 LYS B C   1 
ATOM 915  O O   . LYS B 1 124 ? 8.311   -12.482 -14.616 1.00 100.82 ? 124 LYS B O   1 
ATOM 916  C CB  . LYS B 1 124 ? 9.702   -10.204 -13.139 1.00 100.82 ? 124 LYS B CB  1 
ATOM 917  C CG  . LYS B 1 124 ? 10.525  -8.986  -12.818 1.00 100.82 ? 124 LYS B CG  1 
ATOM 918  C CD  . LYS B 1 124 ? 11.860  -9.055  -13.535 1.00 100.82 ? 124 LYS B CD  1 
ATOM 919  C CE  . LYS B 1 124 ? 12.681  -7.801  -13.313 1.00 100.82 ? 124 LYS B CE  1 
ATOM 920  N NZ  . LYS B 1 124 ? 13.974  -7.839  -14.060 1.00 100.82 ? 124 LYS B NZ  1 
ATOM 921  N N   . LEU B 1 125 ? 10.359  -12.483 -15.570 1.00 110.25 ? 125 LEU B N   1 
ATOM 922  C CA  . LEU B 1 125 ? 10.268  -13.836 -16.098 1.00 110.25 ? 125 LEU B CA  1 
ATOM 923  C C   . LEU B 1 125 ? 10.249  -14.853 -14.968 1.00 110.25 ? 125 LEU B C   1 
ATOM 924  O O   . LEU B 1 125 ? 11.278  -15.106 -14.334 1.00 110.25 ? 125 LEU B O   1 
ATOM 925  C CB  . LEU B 1 125 ? 11.436  -14.118 -17.047 1.00 110.25 ? 125 LEU B CB  1 
ATOM 926  C CG  . LEU B 1 125 ? 11.584  -13.345 -18.368 1.00 110.25 ? 125 LEU B CG  1 
ATOM 927  C CD1 . LEU B 1 125 ? 12.882  -13.641 -19.134 1.00 110.25 ? 125 LEU B CD1 1 
ATOM 928  C CD2 . LEU B 1 125 ? 10.376  -13.620 -19.248 1.00 110.25 ? 125 LEU B CD2 1 
ATOM 929  N N   . GLY B 1 126 ? 9.081   -15.422 -14.699 1.00 108.50 ? 126 GLY B N   1 
ATOM 930  C CA  . GLY B 1 126 ? 8.956   -16.440 -13.678 1.00 108.50 ? 126 GLY B CA  1 
ATOM 931  C C   . GLY B 1 126 ? 8.867   -15.854 -12.283 1.00 108.50 ? 126 GLY B C   1 
ATOM 932  O O   . GLY B 1 126 ? 8.948   -14.647 -12.060 1.00 108.50 ? 126 GLY B O   1 
ATOM 933  N N   . ILE B 1 127 ? 8.716   -16.758 -11.319 1.00 98.20  ? 127 ILE B N   1 
ATOM 934  C CA  . ILE B 1 127 ? 8.493   -16.348 -9.940  1.00 98.20  ? 127 ILE B CA  1 
ATOM 935  C C   . ILE B 1 127 ? 9.810   -15.959 -9.285  1.00 98.20  ? 127 ILE B C   1 
ATOM 936  O O   . ILE B 1 127 ? 9.841   -15.131 -8.363  1.00 98.20  ? 127 ILE B O   1 
ATOM 937  C CB  . ILE B 1 127 ? 7.749   -17.474 -9.183  1.00 98.20  ? 127 ILE B CB  1 
ATOM 938  C CG1 . ILE B 1 127 ? 6.415   -17.852 -9.849  1.00 98.20  ? 127 ILE B CG1 1 
ATOM 939  C CG2 . ILE B 1 127 ? 7.534   -17.170 -7.704  1.00 98.20  ? 127 ILE B CG2 1 
ATOM 940  C CD1 . ILE B 1 127 ? 5.383   -16.742 -9.996  1.00 98.20  ? 127 ILE B CD1 1 
ATOM 941  N N   . GLU B 1 128 ? 10.921  -16.501 -9.795  1.00 96.65  ? 128 GLU B N   1 
ATOM 942  C CA  . GLU B 1 128 ? 12.212  -16.360 -9.129  1.00 96.65  ? 128 GLU B CA  1 
ATOM 943  C C   . GLU B 1 128 ? 12.722  -14.930 -9.192  1.00 96.65  ? 128 GLU B C   1 
ATOM 944  O O   . GLU B 1 128 ? 13.421  -14.473 -8.283  1.00 96.65  ? 128 GLU B O   1 
ATOM 945  C CB  . GLU B 1 128 ? 13.224  -17.313 -9.757  1.00 96.65  ? 128 GLU B CB  1 
ATOM 946  C CG  . GLU B 1 128 ? 12.820  -18.776 -9.690  1.00 96.65  ? 128 GLU B CG  1 
ATOM 947  C CD  . GLU B 1 128 ? 13.582  -19.642 -10.677 1.00 96.65  ? 128 GLU B CD  1 
ATOM 948  O OE1 . GLU B 1 128 ? 14.313  -19.086 -11.521 1.00 96.65  ? 128 GLU B OE1 1 
ATOM 949  O OE2 . GLU B 1 128 ? 13.455  -20.881 -10.606 1.00 96.65  ? 128 GLU B OE2 1 
ATOM 950  N N   . ARG B 1 129 ? 12.373  -14.204 -10.251 1.00 93.01  ? 129 ARG B N   1 
ATOM 951  C CA  . ARG B 1 129 ? 12.710  -12.790 -10.306 1.00 93.01  ? 129 ARG B CA  1 
ATOM 952  C C   . ARG B 1 129 ? 11.879  -12.004 -9.309  1.00 93.01  ? 129 ARG B C   1 
ATOM 953  O O   . ARG B 1 129 ? 12.378  -11.079 -8.658  1.00 93.01  ? 129 ARG B O   1 
ATOM 954  C CB  . ARG B 1 129 ? 12.490  -12.262 -11.715 1.00 93.01  ? 129 ARG B CB  1 
ATOM 955  C CG  . ARG B 1 129 ? 13.276  -13.004 -12.765 1.00 93.01  ? 129 ARG B CG  1 
ATOM 956  C CD  . ARG B 1 129 ? 14.742  -13.138 -12.394 1.00 93.01  ? 129 ARG B CD  1 
ATOM 957  N NE  . ARG B 1 129 ? 15.591  -13.087 -13.578 1.00 93.01  ? 129 ARG B NE  1 
ATOM 958  C CZ  . ARG B 1 129 ? 15.873  -14.137 -14.337 1.00 93.01  ? 129 ARG B CZ  1 
ATOM 959  N NH1 . ARG B 1 129 ? 15.379  -15.326 -14.037 1.00 93.01  ? 129 ARG B NH1 1 
ATOM 960  N NH2 . ARG B 1 129 ? 16.650  -13.996 -15.399 1.00 93.01  ? 129 ARG B NH2 1 
ATOM 961  N N   . LEU B 1 130 ? 10.605  -12.372 -9.175  1.00 83.72  ? 130 LEU B N   1 
ATOM 962  C CA  . LEU B 1 130 ? 9.717   -11.688 -8.244  1.00 83.72  ? 130 LEU B CA  1 
ATOM 963  C C   . LEU B 1 130 ? 10.140  -11.931 -6.807  1.00 83.72  ? 130 LEU B C   1 
ATOM 964  O O   . LEU B 1 130 ? 10.206  -10.999 -6.001  1.00 83.72  ? 130 LEU B O   1 
ATOM 965  C CB  . LEU B 1 130 ? 8.278   -12.153 -8.461  1.00 83.72  ? 130 LEU B CB  1 
ATOM 966  C CG  . LEU B 1 130 ? 7.435   -11.365 -9.461  1.00 83.72  ? 130 LEU B CG  1 
ATOM 967  C CD1 . LEU B 1 130 ? 6.122   -12.067 -9.713  1.00 83.72  ? 130 LEU B CD1 1 
ATOM 968  C CD2 . LEU B 1 130 ? 7.187   -9.965  -8.939  1.00 83.72  ? 130 LEU B CD2 1 
ATOM 969  N N   . ASN B 1 131 ? 10.460  -13.178 -6.474  1.00 80.56  ? 131 ASN B N   1 
ATOM 970  C CA  . ASN B 1 131 ? 10.742  -13.519 -5.087  1.00 80.56  ? 131 ASN B CA  1 
ATOM 971  C C   . ASN B 1 131 ? 12.106  -13.001 -4.657  1.00 80.56  ? 131 ASN B C   1 
ATOM 972  O O   . ASN B 1 131 ? 12.357  -12.797 -3.465  1.00 80.56  ? 131 ASN B O   1 
ATOM 973  C CB  . ASN B 1 131 ? 10.655  -15.027 -4.899  1.00 80.56  ? 131 ASN B CB  1 
ATOM 974  C CG  . ASN B 1 131 ? 10.067  -15.407 -3.568  1.00 80.56  ? 131 ASN B CG  1 
ATOM 975  O OD1 . ASN B 1 131 ? 10.477  -14.897 -2.529  1.00 80.56  ? 131 ASN B OD1 1 
ATOM 976  N ND2 . ASN B 1 131 ? 9.091   -16.301 -3.587  1.00 80.56  ? 131 ASN B ND2 1 
ATOM 977  N N   . GLN B 1 132 ? 13.003  -12.778 -5.613  1.00 84.55  ? 132 GLN B N   1 
ATOM 978  C CA  . GLN B 1 132 ? 14.342  -12.348 -5.235  1.00 84.55  ? 132 GLN B CA  1 
ATOM 979  C C   . GLN B 1 132 ? 14.374  -10.866 -4.902  1.00 84.55  ? 132 GLN B C   1 
ATOM 980  O O   . GLN B 1 132 ? 14.881  -10.480 -3.841  1.00 84.55  ? 132 GLN B O   1 
ATOM 981  C CB  . GLN B 1 132 ? 15.332  -12.664 -6.350  1.00 84.55  ? 132 GLN B CB  1 
ATOM 982  C CG  . GLN B 1 132 ? 16.775  -12.499 -5.935  1.00 84.55  ? 132 GLN B CG  1 
ATOM 983  C CD  . GLN B 1 132 ? 17.164  -13.453 -4.831  1.00 84.55  ? 132 GLN B CD  1 
ATOM 984  O OE1 . GLN B 1 132 ? 17.797  -13.061 -3.853  1.00 84.55  ? 132 GLN B OE1 1 
ATOM 985  N NE2 . GLN B 1 132 ? 16.788  -14.716 -4.979  1.00 84.55  ? 132 GLN B NE2 1 
ATOM 986  N N   . ARG B 1 133 ? 13.848  -10.025 -5.800  1.00 83.84  ? 133 ARG B N   1 
ATOM 987  C CA  . ARG B 1 133 ? 13.859  -8.580  -5.582  1.00 83.84  ? 133 ARG B CA  1 
ATOM 988  C C   . ARG B 1 133 ? 13.006  -8.205  -4.385  1.00 83.84  ? 133 ARG B C   1 
ATOM 989  O O   . ARG B 1 133 ? 13.335  -7.274  -3.641  1.00 83.84  ? 133 ARG B O   1 
ATOM 990  C CB  . ARG B 1 133 ? 13.349  -7.846  -6.822  1.00 83.84  ? 133 ARG B CB  1 
ATOM 991  C CG  . ARG B 1 133 ? 14.060  -8.187  -8.103  1.00 83.84  ? 133 ARG B CG  1 
ATOM 992  C CD  . ARG B 1 133 ? 15.446  -7.600  -8.133  1.00 83.84  ? 133 ARG B CD  1 
ATOM 993  N NE  . ARG B 1 133 ? 16.151  -7.987  -9.348  1.00 83.84  ? 133 ARG B NE  1 
ATOM 994  C CZ  . ARG B 1 133 ? 16.823  -9.126  -9.494  1.00 83.84  ? 133 ARG B CZ  1 
ATOM 995  N NH1 . ARG B 1 133 ? 16.884  -9.997  -8.496  1.00 83.84  ? 133 ARG B NH1 1 
ATOM 996  N NH2 . ARG B 1 133 ? 17.436  -9.395  -10.638 1.00 83.84  ? 133 ARG B NH2 1 
ATOM 997  N N   . PHE B 1 134 ? 11.909  -8.930  -4.183  1.00 81.12  ? 134 PHE B N   1 
ATOM 998  C CA  . PHE B 1 134 ? 11.048  -8.664  -3.042  1.00 81.12  ? 134 PHE B CA  1 
ATOM 999  C C   . PHE B 1 134 ? 11.737  -9.040  -1.744  1.00 81.12  ? 134 PHE B C   1 
ATOM 1000 O O   . PHE B 1 134 ? 11.481  -8.432  -0.701  1.00 81.12  ? 134 PHE B O   1 
ATOM 1001 C CB  . PHE B 1 134 ? 9.734   -9.421  -3.190  1.00 81.12  ? 134 PHE B CB  1 
ATOM 1002 C CG  . PHE B 1 134 ? 8.605   -8.796  -2.460  1.00 81.12  ? 134 PHE B CG  1 
ATOM 1003 C CD1 . PHE B 1 134 ? 8.314   -9.176  -1.165  1.00 81.12  ? 134 PHE B CD1 1 
ATOM 1004 C CD2 . PHE B 1 134 ? 7.834   -7.824  -3.067  1.00 81.12  ? 134 PHE B CD2 1 
ATOM 1005 C CE1 . PHE B 1 134 ? 7.279   -8.600  -0.488  1.00 81.12  ? 134 PHE B CE1 1 
ATOM 1006 C CE2 . PHE B 1 134 ? 6.794   -7.243  -2.399  1.00 81.12  ? 134 PHE B CE2 1 
ATOM 1007 C CZ  . PHE B 1 134 ? 6.514   -7.630  -1.105  1.00 81.12  ? 134 PHE B CZ  1 
ATOM 1008 N N   . ARG B 1 135 ? 12.620  -10.032 -1.786  1.00 76.17  ? 135 ARG B N   1 
ATOM 1009 C CA  . ARG B 1 135 ? 13.451  -10.289 -0.624  1.00 76.17  ? 135 ARG B CA  1 
ATOM 1010 C C   . ARG B 1 135 ? 14.441  -9.157  -0.424  1.00 76.17  ? 135 ARG B C   1 
ATOM 1011 O O   . ARG B 1 135 ? 14.787  -8.818  0.709   1.00 76.17  ? 135 ARG B O   1 
ATOM 1012 C CB  . ARG B 1 135 ? 14.171  -11.625 -0.778  1.00 76.17  ? 135 ARG B CB  1 
ATOM 1013 C CG  . ARG B 1 135 ? 14.991  -12.032 0.433   1.00 76.17  ? 135 ARG B CG  1 
ATOM 1014 C CD  . ARG B 1 135 ? 14.824  -13.499 0.708   1.00 76.17  ? 135 ARG B CD  1 
ATOM 1015 N NE  . ARG B 1 135 ? 13.440  -13.804 1.033   1.00 76.17  ? 135 ARG B NE  1 
ATOM 1016 C CZ  . ARG B 1 135 ? 12.801  -14.881 0.602   1.00 76.17  ? 135 ARG B CZ  1 
ATOM 1017 N NH1 . ARG B 1 135 ? 13.424  -15.747 -0.181  1.00 76.17  ? 135 ARG B NH1 1 
ATOM 1018 N NH2 . ARG B 1 135 ? 11.540  -15.086 0.947   1.00 76.17  ? 135 ARG B NH2 1 
ATOM 1019 N N   . LYS B 1 136 ? 14.877  -8.534  -1.515  1.00 88.86  ? 136 LYS B N   1 
ATOM 1020 C CA  . LYS B 1 136 ? 15.873  -7.479  -1.401  1.00 88.86  ? 136 LYS B CA  1 
ATOM 1021 C C   . LYS B 1 136 ? 15.265  -6.203  -0.836  1.00 88.86  ? 136 LYS B C   1 
ATOM 1022 O O   . LYS B 1 136 ? 15.832  -5.578  0.066   1.00 88.86  ? 136 LYS B O   1 
ATOM 1023 C CB  . LYS B 1 136 ? 16.517  -7.211  -2.762  1.00 88.86  ? 136 LYS B CB  1 
ATOM 1024 C CG  . LYS B 1 136 ? 17.413  -8.335  -3.250  1.00 88.86  ? 136 LYS B CG  1 
ATOM 1025 C CD  . LYS B 1 136 ? 18.615  -7.798  -4.005  1.00 88.86  ? 136 LYS B CD  1 
ATOM 1026 C CE  . LYS B 1 136 ? 19.649  -7.233  -3.051  1.00 88.86  ? 136 LYS B CE  1 
ATOM 1027 N NZ  . LYS B 1 136 ? 20.044  -8.225  -2.016  1.00 88.86  ? 136 LYS B NZ  1 
ATOM 1028 N N   . ILE B 1 137 ? 14.102  -5.811  -1.339  1.00 87.33  ? 137 ILE B N   1 
ATOM 1029 C CA  . ILE B 1 137 ? 13.586  -4.486  -1.026  1.00 87.33  ? 137 ILE B CA  1 
ATOM 1030 C C   . ILE B 1 137 ? 12.823  -4.509  0.287   1.00 87.33  ? 137 ILE B C   1 
ATOM 1031 O O   . ILE B 1 137 ? 13.046  -3.673  1.170   1.00 87.33  ? 137 ILE B O   1 
ATOM 1032 C CB  . ILE B 1 137 ? 12.715  -3.983  -2.183  1.00 87.33  ? 137 ILE B CB  1 
ATOM 1033 C CG1 . ILE B 1 137 ? 13.565  -3.873  -3.443  1.00 87.33  ? 137 ILE B CG1 1 
ATOM 1034 C CG2 . ILE B 1 137 ? 12.086  -2.659  -1.841  1.00 87.33  ? 137 ILE B CG2 1 
ATOM 1035 C CD1 . ILE B 1 137 ? 12.768  -3.618  -4.685  1.00 87.33  ? 137 ILE B CD1 1 
ATOM 1036 N N   . TRP B 1 138 ? 11.921  -5.478  0.435   1.00 84.82  ? 138 TRP B N   1 
ATOM 1037 C CA  . TRP B 1 138 ? 10.999  -5.479  1.563   1.00 84.82  ? 138 TRP B CA  1 
ATOM 1038 C C   . TRP B 1 138 ? 11.721  -5.805  2.858   1.00 84.82  ? 138 TRP B C   1 
ATOM 1039 O O   . TRP B 1 138 ? 11.343  -5.321  3.929   1.00 84.82  ? 138 TRP B O   1 
ATOM 1040 C CB  . TRP B 1 138 ? 9.871   -6.475  1.309   1.00 84.82  ? 138 TRP B CB  1 
ATOM 1041 C CG  . TRP B 1 138 ? 8.657   -6.269  2.129   1.00 84.82  ? 138 TRP B CG  1 
ATOM 1042 C CD1 . TRP B 1 138 ? 7.552   -5.556  1.787   1.00 84.82  ? 138 TRP B CD1 1 
ATOM 1043 C CD2 . TRP B 1 138 ? 8.403   -6.807  3.423   1.00 84.82  ? 138 TRP B CD2 1 
ATOM 1044 N NE1 . TRP B 1 138 ? 6.626   -5.604  2.794   1.00 84.82  ? 138 TRP B NE1 1 
ATOM 1045 C CE2 . TRP B 1 138 ? 7.126   -6.371  3.812   1.00 84.82  ? 138 TRP B CE2 1 
ATOM 1046 C CE3 . TRP B 1 138 ? 9.133   -7.614  4.294   1.00 84.82  ? 138 TRP B CE3 1 
ATOM 1047 C CZ2 . TRP B 1 138 ? 6.564   -6.711  5.036   1.00 84.82  ? 138 TRP B CZ2 1 
ATOM 1048 C CZ3 . TRP B 1 138 ? 8.576   -7.952  5.508   1.00 84.82  ? 138 TRP B CZ3 1 
ATOM 1049 C CH2 . TRP B 1 138 ? 7.304   -7.502  5.868   1.00 84.82  ? 138 TRP B CH2 1 
ATOM 1050 N N   . ASP B 1 139 ? 12.776  -6.608  2.780   1.00 91.58  ? 139 ASP B N   1 
ATOM 1051 C CA  . ASP B 1 139 ? 13.524  -6.905  3.991   1.00 91.58  ? 139 ASP B CA  1 
ATOM 1052 C C   . ASP B 1 139 ? 14.455  -5.766  4.368   1.00 91.58  ? 139 ASP B C   1 
ATOM 1053 O O   . ASP B 1 139 ? 14.971  -5.741  5.489   1.00 91.58  ? 139 ASP B O   1 
ATOM 1054 C CB  . ASP B 1 139 ? 14.311  -8.199  3.824   1.00 91.58  ? 139 ASP B CB  1 
ATOM 1055 C CG  . ASP B 1 139 ? 13.454  -9.425  4.040   1.00 91.58  ? 139 ASP B CG  1 
ATOM 1056 O OD1 . ASP B 1 139 ? 12.319  -9.272  4.537   1.00 91.58  ? 139 ASP B OD1 1 
ATOM 1057 O OD2 . ASP B 1 139 ? 13.911  -10.538 3.703   1.00 91.58  ? 139 ASP B OD2 1 
ATOM 1058 N N   . ARG B 1 140 ? 14.696  -4.825  3.461   1.00 103.06 ? 140 ARG B N   1 
ATOM 1059 C CA  . ARG B 1 140 ? 15.573  -3.715  3.782   1.00 103.06 ? 140 ARG B CA  1 
ATOM 1060 C C   . ARG B 1 140 ? 14.818  -2.689  4.609   1.00 103.06 ? 140 ARG B C   1 
ATOM 1061 O O   . ARG B 1 140 ? 14.018  -1.906  4.087   1.00 103.06 ? 140 ARG B O   1 
ATOM 1062 C CB  . ARG B 1 140 ? 16.157  -3.067  2.528   1.00 103.06 ? 140 ARG B CB  1 
ATOM 1063 C CG  . ARG B 1 140 ? 17.428  -2.282  2.834   1.00 103.06 ? 140 ARG B CG  1 
ATOM 1064 C CD  . ARG B 1 140 ? 18.429  -2.361  1.704   1.00 103.06 ? 140 ARG B CD  1 
ATOM 1065 N NE  . ARG B 1 140 ? 17.905  -1.821  0.458   1.00 103.06 ? 140 ARG B NE  1 
ATOM 1066 C CZ  . ARG B 1 140 ? 18.528  -1.923  -0.710  1.00 103.06 ? 140 ARG B CZ  1 
ATOM 1067 N NH1 . ARG B 1 140 ? 19.693  -2.550  -0.787  1.00 103.06 ? 140 ARG B NH1 1 
ATOM 1068 N NH2 . ARG B 1 140 ? 17.985  -1.404  -1.801  1.00 103.06 ? 140 ARG B NH2 1 
ATOM 1069 N N   . MET B 1 141 ? 15.111  -2.700  5.904   1.00 104.79 ? 141 MET B N   1 
ATOM 1070 C CA  . MET B 1 141 ? 14.531  -1.928  6.999   1.00 104.79 ? 141 MET B CA  1 
ATOM 1071 C C   . MET B 1 141 ? 13.010  -1.778  6.968   1.00 104.79 ? 141 MET B C   1 
ATOM 1072 O O   . MET B 1 141 ? 12.503  -0.706  6.618   1.00 104.79 ? 141 MET B O   1 
ATOM 1073 C CB  . MET B 1 141 ? 15.185  -0.545  7.077   1.00 104.79 ? 141 MET B CB  1 
ATOM 1074 C CG  . MET B 1 141 ? 16.546  -0.571  7.754   1.00 104.79 ? 141 MET B CG  1 
ATOM 1075 S SD  . MET B 1 141 ? 17.702  0.693   7.210   1.00 104.79 ? 141 MET B SD  1 
ATOM 1076 C CE  . MET B 1 141 ? 17.058  2.093   8.125   1.00 104.79 ? 141 MET B CE  1 
ATOM 1077 N N   . PRO B 1 142 ? 12.248  -2.819  7.285   1.00 101.87 ? 142 PRO B N   1 
ATOM 1078 C CA  . PRO B 1 142 ? 10.953  -2.593  7.900   1.00 101.87 ? 142 PRO B CA  1 
ATOM 1079 C C   . PRO B 1 142 ? 11.115  -2.473  9.402   1.00 101.87 ? 142 PRO B C   1 
ATOM 1080 O O   . PRO B 1 142 ? 11.448  -3.459  10.076  1.00 101.87 ? 142 PRO B O   1 
ATOM 1081 C CB  . PRO B 1 142 ? 10.155  -3.848  7.523   1.00 101.87 ? 142 PRO B CB  1 
ATOM 1082 C CG  . PRO B 1 142 ? 11.175  -4.887  7.176   1.00 101.87 ? 142 PRO B CG  1 
ATOM 1083 C CD  . PRO B 1 142 ? 12.536  -4.258  7.145   1.00 101.87 ? 142 PRO B CD  1 
ATOM 1084 N N   . PRO B 1 143 ? 10.914  -1.310  9.963   1.00 93.82  ? 143 PRO B N   1 
ATOM 1085 C CA  . PRO B 1 143 ? 10.925  -1.227  11.423  1.00 93.82  ? 143 PRO B CA  1 
ATOM 1086 C C   . PRO B 1 143 ? 9.690   -1.882  12.020  1.00 93.82  ? 143 PRO B C   1 
ATOM 1087 O O   . PRO B 1 143 ? 9.806   -2.760  12.881  1.00 93.82  ? 143 PRO B O   1 
ATOM 1088 C CB  . PRO B 1 143 ? 10.973  0.278   11.698  1.00 93.82  ? 143 PRO B CB  1 
ATOM 1089 C CG  . PRO B 1 143 ? 10.528  0.927   10.446  1.00 93.82  ? 143 PRO B CG  1 
ATOM 1090 C CD  . PRO B 1 143 ? 10.845  0.008   9.322   1.00 93.82  ? 143 PRO B CD  1 
ATOM 1091 N N   . ASP B 1 144 ? 8.504   -1.480  11.561  1.00 93.99  ? 144 ASP B N   1 
ATOM 1092 C CA  . ASP B 1 144 ? 7.268   -2.130  11.977  1.00 93.99  ? 144 ASP B CA  1 
ATOM 1093 C C   . ASP B 1 144 ? 6.180   -2.100  10.911  1.00 93.99  ? 144 ASP B C   1 
ATOM 1094 O O   . ASP B 1 144 ? 5.009   -2.252  11.275  1.00 93.99  ? 144 ASP B O   1 
ATOM 1095 C CB  . ASP B 1 144 ? 6.741   -1.501  13.260  1.00 93.99  ? 144 ASP B CB  1 
ATOM 1096 C CG  . ASP B 1 144 ? 6.343   -0.068  13.069  1.00 93.99  ? 144 ASP B CG  1 
ATOM 1097 O OD1 . ASP B 1 144 ? 7.210   0.731   12.668  1.00 93.99  ? 144 ASP B OD1 1 
ATOM 1098 O OD2 . ASP B 1 144 ? 5.162   0.254   13.299  1.00 93.99  ? 144 ASP B OD2 1 
ATOM 1099 N N   . PHE B 1 145 ? 6.560   -2.000  9.620   1.00 99.42  ? 145 PHE B N   1 
ATOM 1100 C CA  . PHE B 1 145 ? 5.812   -1.395  8.505   1.00 99.42  ? 145 PHE B CA  1 
ATOM 1101 C C   . PHE B 1 145 ? 4.296   -1.476  8.574   1.00 99.42  ? 145 PHE B C   1 
ATOM 1102 O O   . PHE B 1 145 ? 3.606   -0.456  8.509   1.00 99.42  ? 145 PHE B O   1 
ATOM 1103 C CB  . PHE B 1 145 ? 6.181   -2.063  7.173   1.00 99.42  ? 145 PHE B CB  1 
ATOM 1104 C CG  . PHE B 1 145 ? 7.410   -1.519  6.499   1.00 99.42  ? 145 PHE B CG  1 
ATOM 1105 C CD1 . PHE B 1 145 ? 8.014   -0.346  6.915   1.00 99.42  ? 145 PHE B CD1 1 
ATOM 1106 C CD2 . PHE B 1 145 ? 7.909   -2.160  5.378   1.00 99.42  ? 145 PHE B CD2 1 
ATOM 1107 C CE1 . PHE B 1 145 ? 9.124   0.142   6.247   1.00 99.42  ? 145 PHE B CE1 1 
ATOM 1108 C CE2 . PHE B 1 145 ? 9.015   -1.681  4.720   1.00 99.42  ? 145 PHE B CE2 1 
ATOM 1109 C CZ  . PHE B 1 145 ? 9.622   -0.532  5.155   1.00 99.42  ? 145 PHE B CZ  1 
ATOM 1110 N N   . MET B 1 146 ? 3.788   -2.689  8.741   1.00 91.86  ? 146 MET B N   1 
ATOM 1111 C CA  . MET B 1 146 ? 2.362   -2.930  8.820   1.00 91.86  ? 146 MET B CA  1 
ATOM 1112 C C   . MET B 1 146 ? 2.126   -4.235  9.557   1.00 91.86  ? 146 MET B C   1 
ATOM 1113 O O   . MET B 1 146 ? 3.062   -4.898  10.001  1.00 91.86  ? 146 MET B O   1 
ATOM 1114 C CB  . MET B 1 146 ? 1.732   -2.994  7.433   1.00 91.86  ? 146 MET B CB  1 
ATOM 1115 C CG  . MET B 1 146 ? 2.541   -3.779  6.439   1.00 91.86  ? 146 MET B CG  1 
ATOM 1116 S SD  . MET B 1 146 ? 1.998   -3.427  4.765   1.00 91.86  ? 146 MET B SD  1 
ATOM 1117 C CE  . MET B 1 146 ? 2.127   -1.643  4.751   1.00 91.86  ? 146 MET B CE  1 
ATOM 1118 N N   . THR B 1 147 ? 0.856   -4.600  9.674   1.00 79.91  ? 147 THR B N   1 
ATOM 1119 C CA  . THR B 1 147 ? 0.517   -5.852  10.314  1.00 79.91  ? 147 THR B CA  1 
ATOM 1120 C C   . THR B 1 147 ? 0.748   -7.022  9.365   1.00 79.91  ? 147 THR B C   1 
ATOM 1121 O O   . THR B 1 147 ? 1.153   -6.860  8.210   1.00 79.91  ? 147 THR B O   1 
ATOM 1122 C CB  . THR B 1 147 ? -0.932  -5.857  10.777  1.00 79.91  ? 147 THR B CB  1 
ATOM 1123 O OG1 . THR B 1 147 ? -1.241  -7.151  11.304  1.00 79.91  ? 147 THR B OG1 1 
ATOM 1124 C CG2 . THR B 1 147 ? -1.860  -5.555  9.605   1.00 79.91  ? 147 THR B CG2 1 
ATOM 1125 N N   . GLU B 1 148 ? 0.463   -8.220  9.876   1.00 69.91  ? 148 GLU B N   1 
ATOM 1126 C CA  . GLU B 1 148 ? 0.757   -9.441  9.141   1.00 69.91  ? 148 GLU B CA  1 
ATOM 1127 C C   . GLU B 1 148 ? -0.154  -9.588  7.933   1.00 69.91  ? 148 GLU B C   1 
ATOM 1128 O O   . GLU B 1 148 ? 0.294   -9.953  6.840   1.00 69.91  ? 148 GLU B O   1 
ATOM 1129 C CB  . GLU B 1 148 ? 0.604   -10.646 10.064  1.00 69.91  ? 148 GLU B CB  1 
ATOM 1130 C CG  . GLU B 1 148 ? 1.619   -10.755 11.205  1.00 69.91  ? 148 GLU B CG  1 
ATOM 1131 C CD  . GLU B 1 148 ? 1.388   -11.929 12.145  1.00 69.91  ? 148 GLU B CD  1 
ATOM 1132 O OE1 . GLU B 1 148 ? 0.319   -12.562 12.027  1.00 69.91  ? 148 GLU B OE1 1 
ATOM 1133 O OE2 . GLU B 1 148 ? 2.295   -12.271 12.937  1.00 69.91  ? 148 GLU B OE2 1 
ATOM 1134 N N   . LYS B 1 149 ? -1.442  -9.307  8.122   1.00 65.96  ? 149 LYS B N   1 
ATOM 1135 C CA  . LYS B 1 149 ? -2.418  -9.485  7.057   1.00 65.96  ? 149 LYS B CA  1 
ATOM 1136 C C   . LYS B 1 149 ? -2.206  -8.476  5.940   1.00 65.96  ? 149 LYS B C   1 
ATOM 1137 O O   . LYS B 1 149 ? -2.369  -8.800  4.760   1.00 65.96  ? 149 LYS B O   1 
ATOM 1138 C CB  . LYS B 1 149 ? -3.825  -9.356  7.632   1.00 65.96  ? 149 LYS B CB  1 
ATOM 1139 C CG  . LYS B 1 149 ? -4.923  -9.782  6.695   1.00 65.96  ? 149 LYS B CG  1 
ATOM 1140 C CD  . LYS B 1 149 ? -5.028  -11.281 6.654   1.00 65.96  ? 149 LYS B CD  1 
ATOM 1141 C CE  . LYS B 1 149 ? -6.221  -11.697 5.837   1.00 65.96  ? 149 LYS B CE  1 
ATOM 1142 N NZ  . LYS B 1 149 ? -6.479  -13.155 5.930   1.00 65.96  ? 149 LYS B NZ  1 
ATOM 1143 N N   . ALA B 1 150 ? -1.841  -7.247  6.298   1.00 71.89  ? 150 ALA B N   1 
ATOM 1144 C CA  . ALA B 1 150 ? -1.604  -6.233  5.281   1.00 71.89  ? 150 ALA B CA  1 
ATOM 1145 C C   . ALA B 1 150 ? -0.328  -6.524  4.513   1.00 71.89  ? 150 ALA B C   1 
ATOM 1146 O O   . ALA B 1 150 ? -0.210  -6.185  3.330   1.00 71.89  ? 150 ALA B O   1 
ATOM 1147 C CB  . ALA B 1 150 ? -1.539  -4.853  5.927   1.00 71.89  ? 150 ALA B CB  1 
ATOM 1148 N N   . ALA B 1 151 ? 0.635   -7.167  5.169   1.00 73.87  ? 151 ALA B N   1 
ATOM 1149 C CA  . ALA B 1 151 ? 1.872   -7.523  4.490   1.00 73.87  ? 151 ALA B CA  1 
ATOM 1150 C C   . ALA B 1 151 ? 1.635   -8.633  3.481   1.00 73.87  ? 151 ALA B C   1 
ATOM 1151 O O   . ALA B 1 151 ? 2.368   -8.756  2.493   1.00 73.87  ? 151 ALA B O   1 
ATOM 1152 C CB  . ALA B 1 151 ? 2.924   -7.932  5.514   1.00 73.87  ? 151 ALA B CB  1 
ATOM 1153 N N   . ILE B 1 152 ? 0.618   -9.456  3.722   1.00 68.25  ? 152 ILE B N   1 
ATOM 1154 C CA  . ILE B 1 152 ? 0.171   -10.406 2.713   1.00 68.25  ? 152 ILE B CA  1 
ATOM 1155 C C   . ILE B 1 152 ? -0.381  -9.661  1.511   1.00 68.25  ? 152 ILE B C   1 
ATOM 1156 O O   . ILE B 1 152 ? -0.121  -10.027 0.357   1.00 68.25  ? 152 ILE B O   1 
ATOM 1157 C CB  . ILE B 1 152 ? -0.874  -11.354 3.326   1.00 68.25  ? 152 ILE B CB  1 
ATOM 1158 C CG1 . ILE B 1 152 ? -0.259  -12.173 4.460   1.00 68.25  ? 152 ILE B CG1 1 
ATOM 1159 C CG2 . ILE B 1 152 ? -1.471  -12.270 2.283   1.00 68.25  ? 152 ILE B CG2 1 
ATOM 1160 C CD1 . ILE B 1 152 ? 0.745   -13.201 4.002   1.00 68.25  ? 152 ILE B CD1 1 
ATOM 1161 N N   . MET B 1 153 ? -1.084  -8.556  1.771   1.00 78.71  ? 153 MET B N   1 
ATOM 1162 C CA  . MET B 1 153 ? -1.951  -7.938  0.775   1.00 78.71  ? 153 MET B CA  1 
ATOM 1163 C C   . MET B 1 153 ? -1.160  -7.301  -0.356  1.00 78.71  ? 153 MET B C   1 
ATOM 1164 O O   . MET B 1 153 ? -1.472  -7.501  -1.533  1.00 78.71  ? 153 MET B O   1 
ATOM 1165 C CB  . MET B 1 153 ? -2.845  -6.896  1.437   1.00 78.71  ? 153 MET B CB  1 
ATOM 1166 C CG  . MET B 1 153 ? -4.073  -6.605  0.624   1.00 78.71  ? 153 MET B CG  1 
ATOM 1167 S SD  . MET B 1 153 ? -4.788  -8.167  0.087   1.00 78.71  ? 153 MET B SD  1 
ATOM 1168 C CE  . MET B 1 153 ? -6.399  -7.637  -0.451  1.00 78.71  ? 153 MET B CE  1 
ATOM 1169 N N   . THR B 1 154 ? -0.134  -6.523  -0.015  1.00 71.22  ? 154 THR B N   1 
ATOM 1170 C CA  . THR B 1 154 ? 0.669   -5.892  -1.051  1.00 71.22  ? 154 THR B CA  1 
ATOM 1171 C C   . THR B 1 154 ? 1.502   -6.918  -1.802  1.00 71.22  ? 154 THR B C   1 
ATOM 1172 O O   . THR B 1 154 ? 1.873   -6.699  -2.959  1.00 71.22  ? 154 THR B O   1 
ATOM 1173 C CB  . THR B 1 154 ? 1.555   -4.813  -0.440  1.00 71.22  ? 154 THR B CB  1 
ATOM 1174 O OG1 . THR B 1 154 ? 2.452   -4.317  -1.438  1.00 71.22  ? 154 THR B OG1 1 
ATOM 1175 C CG2 . THR B 1 154 ? 2.334   -5.357  0.742   1.00 71.22  ? 154 THR B CG2 1 
ATOM 1176 N N   . TYR B 1 155 ? 1.782   -8.055  -1.169  1.00 76.80  ? 155 TYR B N   1 
ATOM 1177 C CA  . TYR B 1 155 ? 2.455   -9.132  -1.876  1.00 76.80  ? 155 TYR B CA  1 
ATOM 1178 C C   . TYR B 1 155 ? 1.512   -9.802  -2.852  1.00 76.80  ? 155 TYR B C   1 
ATOM 1179 O O   . TYR B 1 155 ? 1.881   -10.081 -3.997  1.00 76.80  ? 155 TYR B O   1 
ATOM 1180 C CB  . TYR B 1 155 ? 2.981   -10.159 -0.882  1.00 76.80  ? 155 TYR B CB  1 
ATOM 1181 C CG  . TYR B 1 155 ? 3.813   -11.262 -1.500  1.00 76.80  ? 155 TYR B CG  1 
ATOM 1182 C CD1 . TYR B 1 155 ? 5.146   -11.051 -1.831  1.00 76.80  ? 155 TYR B CD1 1 
ATOM 1183 C CD2 . TYR B 1 155 ? 3.269   -12.515 -1.746  1.00 76.80  ? 155 TYR B CD2 1 
ATOM 1184 C CE1 . TYR B 1 155 ? 5.913   -12.061 -2.390  1.00 76.80  ? 155 TYR B CE1 1 
ATOM 1185 C CE2 . TYR B 1 155 ? 4.027   -13.529 -2.310  1.00 76.80  ? 155 TYR B CE2 1 
ATOM 1186 C CZ  . TYR B 1 155 ? 5.346   -13.295 -2.628  1.00 76.80  ? 155 TYR B CZ  1 
ATOM 1187 O OH  . TYR B 1 155 ? 6.103   -14.299 -3.185  1.00 76.80  ? 155 TYR B OH  1 
ATOM 1188 N N   . THR B 1 156 ? 0.282   -10.046 -2.417  1.00 76.58  ? 156 THR B N   1 
ATOM 1189 C CA  . THR B 1 156 ? -0.566  -10.992 -3.121  1.00 76.58  ? 156 THR B CA  1 
ATOM 1190 C C   . THR B 1 156 ? -1.183  -10.372 -4.361  1.00 76.58  ? 156 THR B C   1 
ATOM 1191 O O   . THR B 1 156 ? -1.255  -11.019 -5.410  1.00 76.58  ? 156 THR B O   1 
ATOM 1192 C CB  . THR B 1 156 ? -1.644  -11.495 -2.181  1.00 76.58  ? 156 THR B CB  1 
ATOM 1193 O OG1 . THR B 1 156 ? -1.049  -11.753 -0.908  1.00 76.58  ? 156 THR B OG1 1 
ATOM 1194 C CG2 . THR B 1 156 ? -2.213  -12.776 -2.714  1.00 76.58  ? 156 THR B CG2 1 
ATOM 1195 N N   . ARG B 1 157 ? -1.608  -9.112  -4.267  1.00 79.85  ? 157 ARG B N   1 
ATOM 1196 C CA  . ARG B 1 157 ? -2.219  -8.448  -5.412  1.00 79.85  ? 157 ARG B CA  1 
ATOM 1197 C C   . ARG B 1 157 ? -1.203  -8.185  -6.513  1.00 79.85  ? 157 ARG B C   1 
ATOM 1198 O O   . ARG B 1 157 ? -1.580  -7.954  -7.666  1.00 79.85  ? 157 ARG B O   1 
ATOM 1199 C CB  . ARG B 1 157 ? -2.880  -7.142  -4.971  1.00 79.85  ? 157 ARG B CB  1 
ATOM 1200 C CG  . ARG B 1 157 ? -1.906  -6.074  -4.515  1.00 79.85  ? 157 ARG B CG  1 
ATOM 1201 C CD  . ARG B 1 157 ? -2.574  -5.077  -3.593  1.00 79.85  ? 157 ARG B CD  1 
ATOM 1202 N NE  . ARG B 1 157 ? -3.804  -4.541  -4.165  1.00 79.85  ? 157 ARG B NE  1 
ATOM 1203 C CZ  . ARG B 1 157 ? -3.854  -3.471  -4.949  1.00 79.85  ? 157 ARG B CZ  1 
ATOM 1204 N NH1 . ARG B 1 157 ? -2.742  -2.826  -5.263  1.00 79.85  ? 157 ARG B NH1 1 
ATOM 1205 N NH2 . ARG B 1 157 ? -5.017  -3.050  -5.420  1.00 79.85  ? 157 ARG B NH2 1 
ATOM 1206 N N   . LEU B 1 158 ? 0.084   -8.215  -6.178  1.00 66.87  ? 158 LEU B N   1 
ATOM 1207 C CA  . LEU B 1 158 ? 1.110   -8.144  -7.202  1.00 66.87  ? 158 LEU B CA  1 
ATOM 1208 C C   . LEU B 1 158 ? 1.110   -9.389  -8.072  1.00 66.87  ? 158 LEU B C   1 
ATOM 1209 O O   . LEU B 1 158 ? 1.387   -9.301  -9.272  1.00 66.87  ? 158 LEU B O   1 
ATOM 1210 C CB  . LEU B 1 158 ? 2.473   -7.955  -6.544  1.00 66.87  ? 158 LEU B CB  1 
ATOM 1211 C CG  . LEU B 1 158 ? 3.642   -7.668  -7.477  1.00 66.87  ? 158 LEU B CG  1 
ATOM 1212 C CD1 . LEU B 1 158 ? 3.288   -6.536  -8.412  1.00 66.87  ? 158 LEU B CD1 1 
ATOM 1213 C CD2 . LEU B 1 158 ? 4.882   -7.338  -6.679  1.00 66.87  ? 158 LEU B CD2 1 
ATOM 1214 N N   . LEU B 1 159 ? 0.764   -10.540 -7.502  1.00 74.39  ? 159 LEU B N   1 
ATOM 1215 C CA  . LEU B 1 159 ? 1.023   -11.820 -8.143  1.00 74.39  ? 159 LEU B CA  1 
ATOM 1216 C C   . LEU B 1 159 ? 0.087   -12.070 -9.318  1.00 74.39  ? 159 LEU B C   1 
ATOM 1217 O O   . LEU B 1 159 ? -0.884  -11.346 -9.545  1.00 74.39  ? 159 LEU B O   1 
ATOM 1218 C CB  . LEU B 1 159 ? 0.888   -12.960 -7.140  1.00 74.39  ? 159 LEU B CB  1 
ATOM 1219 C CG  . LEU B 1 159 ? 1.662   -12.821 -5.831  1.00 74.39  ? 159 LEU B CG  1 
ATOM 1220 C CD1 . LEU B 1 159 ? 1.191   -13.851 -4.836  1.00 74.39  ? 159 LEU B CD1 1 
ATOM 1221 C CD2 . LEU B 1 159 ? 3.151   -12.960 -6.060  1.00 74.39  ? 159 LEU B CD2 1 
ATOM 1222 N N   . THR B 1 160 ? 0.408   -13.116 -10.075 1.00 83.26  ? 160 THR B N   1 
ATOM 1223 C CA  . THR B 1 160 ? -0.385  -13.496 -11.232 1.00 83.26  ? 160 THR B CA  1 
ATOM 1224 C C   . THR B 1 160 ? -1.708  -14.092 -10.758 1.00 83.26  ? 160 THR B C   1 
ATOM 1225 O O   . THR B 1 160 ? -1.806  -14.613 -9.646  1.00 83.26  ? 160 THR B O   1 
ATOM 1226 C CB  . THR B 1 160 ? 0.411   -14.495 -12.082 1.00 83.26  ? 160 THR B CB  1 
ATOM 1227 O OG1 . THR B 1 160 ? 1.742   -13.996 -12.246 1.00 83.26  ? 160 THR B OG1 1 
ATOM 1228 C CG2 . THR B 1 160 ? -0.176  -14.660 -13.487 1.00 83.26  ? 160 THR B CG2 1 
ATOM 1229 N N   . LYS B 1 161 ? -2.738  -13.978 -11.606 1.00 94.49  ? 161 LYS B N   1 
ATOM 1230 C CA  . LYS B 1 161 ? -4.088  -14.387 -11.234 1.00 94.49  ? 161 LYS B CA  1 
ATOM 1231 C C   . LYS B 1 161 ? -4.178  -15.886 -10.981 1.00 94.49  ? 161 LYS B C   1 
ATOM 1232 O O   . LYS B 1 161 ? -4.832  -16.321 -10.026 1.00 94.49  ? 161 LYS B O   1 
ATOM 1233 C CB  . LYS B 1 161 ? -5.068  -13.982 -12.333 1.00 94.49  ? 161 LYS B CB  1 
ATOM 1234 C CG  . LYS B 1 161 ? -6.448  -13.605 -11.831 1.00 94.49  ? 161 LYS B CG  1 
ATOM 1235 C CD  . LYS B 1 161 ? -7.464  -13.580 -12.962 1.00 94.49  ? 161 LYS B CD  1 
ATOM 1236 C CE  . LYS B 1 161 ? -8.074  -14.951 -13.184 1.00 94.49  ? 161 LYS B CE  1 
ATOM 1237 N NZ  . LYS B 1 161 ? -8.987  -15.335 -12.071 1.00 94.49  ? 161 LYS B NZ  1 
ATOM 1238 N N   . GLU B 1 162 ? -3.520  -16.689 -11.821 1.00 97.09  ? 162 GLU B N   1 
ATOM 1239 C CA  . GLU B 1 162 ? -3.593  -18.138 -11.675 1.00 97.09  ? 162 GLU B CA  1 
ATOM 1240 C C   . GLU B 1 162 ? -2.871  -18.603 -10.421 1.00 97.09  ? 162 GLU B C   1 
ATOM 1241 O O   . GLU B 1 162 ? -3.274  -19.587 -9.790  1.00 97.09  ? 162 GLU B O   1 
ATOM 1242 C CB  . GLU B 1 162 ? -3.011  -18.817 -12.914 1.00 97.09  ? 162 GLU B CB  1 
ATOM 1243 C CG  . GLU B 1 162 ? -1.639  -18.310 -13.341 1.00 97.09  ? 162 GLU B CG  1 
ATOM 1244 C CD  . GLU B 1 162 ? -0.504  -19.051 -12.660 1.00 97.09  ? 162 GLU B CD  1 
ATOM 1245 O OE1 . GLU B 1 162 ? -0.742  -20.166 -12.155 1.00 97.09  ? 162 GLU B OE1 1 
ATOM 1246 O OE2 . GLU B 1 162 ? 0.615   -18.507 -12.599 1.00 97.09  ? 162 GLU B OE2 1 
ATOM 1247 N N   . THR B 1 163 ? -1.807  -17.900 -10.042 1.00 93.70  ? 163 THR B N   1 
ATOM 1248 C CA  . THR B 1 163 ? -1.053  -18.281 -8.864  1.00 93.70  ? 163 THR B CA  1 
ATOM 1249 C C   . THR B 1 163 ? -1.838  -17.954 -7.606  1.00 93.70  ? 163 THR B C   1 
ATOM 1250 O O   . THR B 1 163 ? -1.704  -18.642 -6.590  1.00 93.70  ? 163 THR B O   1 
ATOM 1251 C CB  . THR B 1 163 ? 0.303   -17.580 -8.880  1.00 93.70  ? 163 THR B CB  1 
ATOM 1252 O OG1 . THR B 1 163 ? 0.922   -17.812 -10.149 1.00 93.70  ? 163 THR B OG1 1 
ATOM 1253 C CG2 . THR B 1 163 ? 1.225   -18.130 -7.806  1.00 93.70  ? 163 THR B CG2 1 
ATOM 1254 N N   . TYR B 1 164 ? -2.706  -16.942 -7.681  1.00 98.34  ? 164 TYR B N   1 
ATOM 1255 C CA  . TYR B 1 164 ? -3.606  -16.666 -6.571  1.00 98.34  ? 164 TYR B CA  1 
ATOM 1256 C C   . TYR B 1 164 ? -4.618  -17.786 -6.400  1.00 98.34  ? 164 TYR B C   1 
ATOM 1257 O O   . TYR B 1 164 ? -5.043  -18.084 -5.279  1.00 98.34  ? 164 TYR B O   1 
ATOM 1258 C CB  . TYR B 1 164 ? -4.305  -15.328 -6.785  1.00 98.34  ? 164 TYR B CB  1 
ATOM 1259 C CG  . TYR B 1 164 ? -4.990  -14.811 -5.545  1.00 98.34  ? 164 TYR B CG  1 
ATOM 1260 C CD1 . TYR B 1 164 ? -4.538  -15.169 -4.278  1.00 98.34  ? 164 TYR B CD1 1 
ATOM 1261 C CD2 . TYR B 1 164 ? -6.076  -13.959 -5.638  1.00 98.34  ? 164 TYR B CD2 1 
ATOM 1262 C CE1 . TYR B 1 164 ? -5.167  -14.717 -3.142  1.00 98.34  ? 164 TYR B CE1 1 
ATOM 1263 C CE2 . TYR B 1 164 ? -6.707  -13.487 -4.501  1.00 98.34  ? 164 TYR B CE2 1 
ATOM 1264 C CZ  . TYR B 1 164 ? -6.243  -13.869 -3.256  1.00 98.34  ? 164 TYR B CZ  1 
ATOM 1265 O OH  . TYR B 1 164 ? -6.859  -13.408 -2.117  1.00 98.34  ? 164 TYR B OH  1 
ATOM 1266 N N   . ASN B 1 165 ? -4.992  -18.438 -7.497  1.00 95.82  ? 165 ASN B N   1 
ATOM 1267 C CA  . ASN B 1 165 ? -5.987  -19.497 -7.419  1.00 95.82  ? 165 ASN B CA  1 
ATOM 1268 C C   . ASN B 1 165 ? -5.422  -20.739 -6.742  1.00 95.82  ? 165 ASN B C   1 
ATOM 1269 O O   . ASN B 1 165 ? -6.100  -21.378 -5.929  1.00 95.82  ? 165 ASN B O   1 
ATOM 1270 C CB  . ASN B 1 165 ? -6.500  -19.815 -8.817  1.00 95.82  ? 165 ASN B CB  1 
ATOM 1271 C CG  . ASN B 1 165 ? -7.010  -18.588 -9.529  1.00 95.82  ? 165 ASN B CG  1 
ATOM 1272 O OD1 . ASN B 1 165 ? -6.760  -18.395 -10.715 1.00 95.82  ? 165 ASN B OD1 1 
ATOM 1273 N ND2 . ASN B 1 165 ? -7.726  -17.741 -8.803  1.00 95.82  ? 165 ASN B ND2 1 
ATOM 1274 N N   . ILE B 1 166 ? -4.173  -21.090 -7.047  1.00 95.51  ? 166 ILE B N   1 
ATOM 1275 C CA  . ILE B 1 166 ? -3.582  -22.257 -6.401  1.00 95.51  ? 166 ILE B CA  1 
ATOM 1276 C C   . ILE B 1 166 ? -3.142  -21.911 -4.982  1.00 95.51  ? 166 ILE B C   1 
ATOM 1277 O O   . ILE B 1 166 ? -3.247  -22.738 -4.069  1.00 95.51  ? 166 ILE B O   1 
ATOM 1278 C CB  . ILE B 1 166 ? -2.437  -22.824 -7.267  1.00 95.51  ? 166 ILE B CB  1 
ATOM 1279 C CG1 . ILE B 1 166 ? -1.731  -23.999 -6.583  1.00 95.51  ? 166 ILE B CG1 1 
ATOM 1280 C CG2 . ILE B 1 166 ? -1.449  -21.752 -7.643  1.00 95.51  ? 166 ILE B CG2 1 
ATOM 1281 C CD1 . ILE B 1 166 ? -1.029  -24.925 -7.539  1.00 95.51  ? 166 ILE B CD1 1 
ATOM 1282 N N   . VAL B 1 167 ? -2.734  -20.663 -4.742  1.00 97.42  ? 167 VAL B N   1 
ATOM 1283 C CA  . VAL B 1 167 ? -2.360  -20.311 -3.377  1.00 97.42  ? 167 VAL B CA  1 
ATOM 1284 C C   . VAL B 1 167 ? -3.608  -20.033 -2.551  1.00 97.42  ? 167 VAL B C   1 
ATOM 1285 O O   . VAL B 1 167 ? -3.530  -19.842 -1.336  1.00 97.42  ? 167 VAL B O   1 
ATOM 1286 C CB  . VAL B 1 167 ? -1.383  -19.119 -3.353  1.00 97.42  ? 167 VAL B CB  1 
ATOM 1287 C CG1 . VAL B 1 167 ? -2.120  -17.798 -3.450  1.00 97.42  ? 167 VAL B CG1 1 
ATOM 1288 C CG2 . VAL B 1 167 ? -0.459  -19.170 -2.137  1.00 97.42  ? 167 VAL B CG2 1 
ATOM 1289 N N   . ARG B 1 168 ? -4.778  -19.993 -3.184  1.00 92.66  ? 168 ARG B N   1 
ATOM 1290 C CA  . ARG B 1 168 ? -6.010  -20.014 -2.411  1.00 92.66  ? 168 ARG B CA  1 
ATOM 1291 C C   . ARG B 1 168 ? -6.196  -21.369 -1.741  1.00 92.66  ? 168 ARG B C   1 
ATOM 1292 O O   . ARG B 1 168 ? -6.760  -21.458 -0.645  1.00 92.66  ? 168 ARG B O   1 
ATOM 1293 C CB  . ARG B 1 168 ? -7.196  -19.663 -3.312  1.00 92.66  ? 168 ARG B CB  1 
ATOM 1294 C CG  . ARG B 1 168 ? -8.549  -19.595 -2.617  1.00 92.66  ? 168 ARG B CG  1 
ATOM 1295 C CD  . ARG B 1 168 ? -9.543  -18.717 -3.382  1.00 92.66  ? 168 ARG B CD  1 
ATOM 1296 N NE  . ARG B 1 168 ? -9.691  -17.384 -2.794  1.00 92.66  ? 168 ARG B NE  1 
ATOM 1297 C CZ  . ARG B 1 168 ? -10.462 -16.421 -3.293  1.00 92.66  ? 168 ARG B CZ  1 
ATOM 1298 N NH1 . ARG B 1 168 ? -11.157 -16.625 -4.402  1.00 92.66  ? 168 ARG B NH1 1 
ATOM 1299 N NH2 . ARG B 1 168 ? -10.535 -15.249 -2.683  1.00 92.66  ? 168 ARG B NH2 1 
ATOM 1300 N N   . MET B 1 169 ? -5.683  -22.431 -2.362  1.00 110.48 ? 169 MET B N   1 
ATOM 1301 C CA  . MET B 1 169 ? -5.851  -23.800 -1.870  1.00 110.48 ? 169 MET B CA  1 
ATOM 1302 C C   . MET B 1 169 ? -4.475  -24.435 -1.641  1.00 110.48 ? 169 MET B C   1 
ATOM 1303 O O   . MET B 1 169 ? -3.905  -25.069 -2.527  1.00 110.48 ? 169 MET B O   1 
ATOM 1304 C CB  . MET B 1 169 ? -6.710  -24.606 -2.842  1.00 110.48 ? 169 MET B CB  1 
ATOM 1305 C CG  . MET B 1 169 ? -6.461  -24.315 -4.322  1.00 110.48 ? 169 MET B CG  1 
ATOM 1306 S SD  . MET B 1 169 ? -7.832  -24.802 -5.387  1.00 110.48 ? 169 MET B SD  1 
ATOM 1307 C CE  . MET B 1 169 ? -9.085  -23.625 -4.886  1.00 110.48 ? 169 MET B CE  1 
ATOM 1308 N N   . HIS B 1 170 ? -3.946  -24.298 -0.425  1.00 105.98 ? 170 HIS B N   1 
ATOM 1309 C CA  . HIS B 1 170 ? -4.600  -23.618 0.685   1.00 105.98 ? 170 HIS B CA  1 
ATOM 1310 C C   . HIS B 1 170 ? -4.023  -22.234 0.834   1.00 105.98 ? 170 HIS B C   1 
ATOM 1311 O O   . HIS B 1 170 ? -2.916  -21.976 0.376   1.00 105.98 ? 170 HIS B O   1 
ATOM 1312 C CB  . HIS B 1 170 ? -4.416  -24.400 1.980   1.00 105.98 ? 170 HIS B CB  1 
ATOM 1313 C CG  . HIS B 1 170 ? -3.039  -24.292 2.557   1.00 105.98 ? 170 HIS B CG  1 
ATOM 1314 N ND1 . HIS B 1 170 ? -2.664  -23.284 3.420   1.00 105.98 ? 170 HIS B ND1 1 
ATOM 1315 C CD2 . HIS B 1 170 ? -1.937  -25.056 2.371   1.00 105.98 ? 170 HIS B CD2 1 
ATOM 1316 C CE1 . HIS B 1 170 ? -1.395  -23.441 3.750   1.00 105.98 ? 170 HIS B CE1 1 
ATOM 1317 N NE2 . HIS B 1 170 ? -0.932  -24.510 3.129   1.00 105.98 ? 170 HIS B NE2 1 
ATOM 1318 N N   . LYS B 1 171 ? -4.767  -21.364 1.507   1.00 103.50 ? 171 LYS B N   1 
ATOM 1319 C CA  . LYS B 1 171 ? -4.263  -20.038 1.812   1.00 103.50 ? 171 LYS B CA  1 
ATOM 1320 C C   . LYS B 1 171 ? -3.116  -20.117 2.819   1.00 103.50 ? 171 LYS B C   1 
ATOM 1321 O O   . LYS B 1 171 ? -3.182  -20.867 3.796   1.00 103.50 ? 171 LYS B O   1 
ATOM 1322 C CB  . LYS B 1 171 ? -5.378  -19.153 2.356   1.00 103.50 ? 171 LYS B CB  1 
ATOM 1323 C CG  . LYS B 1 171 ? -6.405  -18.758 1.314   1.00 103.50 ? 171 LYS B CG  1 
ATOM 1324 C CD  . LYS B 1 171 ? -5.887  -17.649 0.410   1.00 103.50 ? 171 LYS B CD  1 
ATOM 1325 C CE  . LYS B 1 171 ? -5.716  -16.337 1.147   1.00 103.50 ? 171 LYS B CE  1 
ATOM 1326 N NZ  . LYS B 1 171 ? -5.458  -15.227 0.189   1.00 103.50 ? 171 LYS B NZ  1 
ATOM 1327 N N   . PRO B 1 172 ? -2.052  -19.356 2.597   1.00 95.03  ? 172 PRO B N   1 
ATOM 1328 C CA  . PRO B 1 172 ? -0.949  -19.317 3.555   1.00 95.03  ? 172 PRO B CA  1 
ATOM 1329 C C   . PRO B 1 172 ? -1.160  -18.251 4.616   1.00 95.03  ? 172 PRO B C   1 
ATOM 1330 O O   . PRO B 1 172 ? -2.059  -17.415 4.535   1.00 95.03  ? 172 PRO B O   1 
ATOM 1331 C CB  . PRO B 1 172 ? 0.251   -18.971 2.668   1.00 95.03  ? 172 PRO B CB  1 
ATOM 1332 C CG  . PRO B 1 172 ? -0.333  -18.110 1.607   1.00 95.03  ? 172 PRO B CG  1 
ATOM 1333 C CD  . PRO B 1 172 ? -1.752  -18.575 1.386   1.00 95.03  ? 172 PRO B CD  1 
ATOM 1334 N N   . GLU B 1 173 ? -0.300  -18.296 5.631   1.00 97.43  ? 173 GLU B N   1 
ATOM 1335 C CA  . GLU B 1 173 ? -0.376  -17.350 6.732   1.00 97.43  ? 173 GLU B CA  1 
ATOM 1336 C C   . GLU B 1 173 ? 0.658   -16.238 6.659   1.00 97.43  ? 173 GLU B C   1 
ATOM 1337 O O   . GLU B 1 173 ? 0.275   -15.065 6.682   1.00 97.43  ? 173 GLU B O   1 
ATOM 1338 C CB  . GLU B 1 173 ? -0.220  -18.078 8.076   1.00 97.43  ? 173 GLU B CB  1 
ATOM 1339 C CG  . GLU B 1 173 ? -1.284  -19.128 8.340   1.00 97.43  ? 173 GLU B CG  1 
ATOM 1340 C CD  . GLU B 1 173 ? -2.640  -18.736 7.789   1.00 97.43  ? 173 GLU B CD  1 
ATOM 1341 O OE1 . GLU B 1 173 ? -3.095  -19.368 6.811   1.00 97.43  ? 173 GLU B OE1 1 
ATOM 1342 O OE2 . GLU B 1 173 ? -3.252  -17.794 8.334   1.00 97.43  ? 173 GLU B OE2 1 
ATOM 1343 N N   . THR B 1 174 ? 1.941   -16.569 6.564   1.00 87.20  ? 174 THR B N   1 
ATOM 1344 C CA  . THR B 1 174 ? 2.994   -15.570 6.574   1.00 87.20  ? 174 THR B CA  1 
ATOM 1345 C C   . THR B 1 174 ? 3.497   -15.361 5.159   1.00 87.20  ? 174 THR B C   1 
ATOM 1346 O O   . THR B 1 174 ? 3.091   -16.051 4.223   1.00 87.20  ? 174 THR B O   1 
ATOM 1347 C CB  . THR B 1 174 ? 4.167   -15.980 7.459   1.00 87.20  ? 174 THR B CB  1 
ATOM 1348 O OG1 . THR B 1 174 ? 4.856   -17.069 6.838   1.00 87.20  ? 174 THR B OG1 1 
ATOM 1349 C CG2 . THR B 1 174 ? 3.661   -16.436 8.811   1.00 87.20  ? 174 THR B CG2 1 
ATOM 1350 N N   . LEU B 1 175 ? 4.400   -14.390 5.023   1.00 86.26  ? 175 LEU B N   1 
ATOM 1351 C CA  . LEU B 1 175 ? 5.011   -14.117 3.729   1.00 86.26  ? 175 LEU B CA  1 
ATOM 1352 C C   . LEU B 1 175 ? 5.893   -15.267 3.284   1.00 86.26  ? 175 LEU B C   1 
ATOM 1353 O O   . LEU B 1 175 ? 5.964   -15.572 2.087   1.00 86.26  ? 175 LEU B O   1 
ATOM 1354 C CB  . LEU B 1 175 ? 5.840   -12.838 3.793   1.00 86.26  ? 175 LEU B CB  1 
ATOM 1355 C CG  . LEU B 1 175 ? 5.183   -11.537 3.346   1.00 86.26  ? 175 LEU B CG  1 
ATOM 1356 C CD1 . LEU B 1 175 ? 4.858   -11.644 1.876   1.00 86.26  ? 175 LEU B CD1 1 
ATOM 1357 C CD2 . LEU B 1 175 ? 3.948   -11.225 4.153   1.00 86.26  ? 175 LEU B CD2 1 
ATOM 1358 N N   . LYS B 1 176 ? 6.577   -15.899 4.242   1.00 90.20  ? 176 LYS B N   1 
ATOM 1359 C CA  . LYS B 1 176 ? 7.484   -17.002 3.945   1.00 90.20  ? 176 LYS B CA  1 
ATOM 1360 C C   . LYS B 1 176 ? 6.735   -18.170 3.334   1.00 90.20  ? 176 LYS B C   1 
ATOM 1361 O O   . LYS B 1 176 ? 7.206   -18.779 2.368   1.00 90.20  ? 176 LYS B O   1 
ATOM 1362 C CB  . LYS B 1 176 ? 8.214   -17.452 5.213   1.00 90.20  ? 176 LYS B CB  1 
ATOM 1363 C CG  . LYS B 1 176 ? 9.523   -16.727 5.518   1.00 90.20  ? 176 LYS B CG  1 
ATOM 1364 C CD  . LYS B 1 176 ? 9.288   -15.310 6.015   1.00 90.20  ? 176 LYS B CD  1 
ATOM 1365 C CE  . LYS B 1 176 ? 8.588   -15.307 7.358   1.00 90.20  ? 176 LYS B CE  1 
ATOM 1366 N NZ  . LYS B 1 176 ? 8.365   -13.920 7.843   1.00 90.20  ? 176 LYS B NZ  1 
ATOM 1367 N N   . ASP B 1 177 ? 5.561   -18.483 3.878   1.00 88.03  ? 177 ASP B N   1 
ATOM 1368 C CA  . ASP B 1 177 ? 4.714   -19.498 3.273   1.00 88.03  ? 177 ASP B CA  1 
ATOM 1369 C C   . ASP B 1 177 ? 4.239   -19.047 1.906   1.00 88.03  ? 177 ASP B C   1 
ATOM 1370 O O   . ASP B 1 177 ? 4.240   -19.832 0.953   1.00 88.03  ? 177 ASP B O   1 
ATOM 1371 C CB  . ASP B 1 177 ? 3.527   -19.778 4.181   1.00 88.03  ? 177 ASP B CB  1 
ATOM 1372 C CG  . ASP B 1 177 ? 3.925   -20.515 5.427   1.00 88.03  ? 177 ASP B CG  1 
ATOM 1373 O OD1 . ASP B 1 177 ? 5.050   -21.052 5.458   1.00 88.03  ? 177 ASP B OD1 1 
ATOM 1374 O OD2 . ASP B 1 177 ? 3.132   -20.532 6.389   1.00 88.03  ? 177 ASP B OD2 1 
ATOM 1375 N N   . ALA B 1 178 ? 3.875   -17.770 1.793   1.00 85.30  ? 178 ALA B N   1 
ATOM 1376 C CA  . ALA B 1 178 ? 3.387   -17.240 0.529   1.00 85.30  ? 178 ALA B CA  1 
ATOM 1377 C C   . ALA B 1 178 ? 4.492   -17.194 -0.510  1.00 85.30  ? 178 ALA B C   1 
ATOM 1378 O O   . ALA B 1 178 ? 4.257   -17.473 -1.690  1.00 85.30  ? 178 ALA B O   1 
ATOM 1379 C CB  . ALA B 1 178 ? 2.804   -15.848 0.743   1.00 85.30  ? 178 ALA B CB  1 
ATOM 1380 N N   . MET B 1 179 ? 5.705   -16.849 -0.088  1.00 88.60  ? 179 MET B N   1 
ATOM 1381 C CA  . MET B 1 179 ? 6.831   -16.890 -1.008  1.00 88.60  ? 179 MET B CA  1 
ATOM 1382 C C   . MET B 1 179 ? 7.189   -18.325 -1.369  1.00 88.60  ? 179 MET B C   1 
ATOM 1383 O O   . MET B 1 179 ? 7.595   -18.602 -2.502  1.00 88.60  ? 179 MET B O   1 
ATOM 1384 C CB  . MET B 1 179 ? 8.030   -16.174 -0.399  1.00 88.60  ? 179 MET B CB  1 
ATOM 1385 C CG  . MET B 1 179 ? 7.919   -14.666 -0.432  1.00 88.60  ? 179 MET B CG  1 
ATOM 1386 S SD  . MET B 1 179 ? 9.098   -13.886 0.680   1.00 88.60  ? 179 MET B SD  1 
ATOM 1387 C CE  . MET B 1 179 ? 8.427   -12.233 0.775   1.00 88.60  ? 179 MET B CE  1 
ATOM 1388 N N   . GLU B 1 180 ? 7.031   -19.250 -0.424  1.00 94.29  ? 180 GLU B N   1 
ATOM 1389 C CA  . GLU B 1 180 ? 7.350   -20.641 -0.714  1.00 94.29  ? 180 GLU B CA  1 
ATOM 1390 C C   . GLU B 1 180 ? 6.297   -21.273 -1.607  1.00 94.29  ? 180 GLU B C   1 
ATOM 1391 O O   . GLU B 1 180 ? 6.634   -21.962 -2.576  1.00 94.29  ? 180 GLU B O   1 
ATOM 1392 C CB  . GLU B 1 180 ? 7.491   -21.435 0.580   1.00 94.29  ? 180 GLU B CB  1 
ATOM 1393 C CG  . GLU B 1 180 ? 8.091   -22.811 0.397   1.00 94.29  ? 180 GLU B CG  1 
ATOM 1394 C CD  . GLU B 1 180 ? 7.038   -23.891 0.351   1.00 94.29  ? 180 GLU B CD  1 
ATOM 1395 O OE1 . GLU B 1 180 ? 5.890   -23.608 0.753   1.00 94.29  ? 180 GLU B OE1 1 
ATOM 1396 O OE2 . GLU B 1 180 ? 7.354   -25.015 -0.093  1.00 94.29  ? 180 GLU B OE2 1 
ATOM 1397 N N   . GLU B 1 181 ? 5.018   -21.054 -1.288  1.00 96.11  ? 181 GLU B N   1 
ATOM 1398 C CA  . GLU B 1 181 ? 3.944   -21.758 -1.983  1.00 96.11  ? 181 GLU B CA  1 
ATOM 1399 C C   . GLU B 1 181 ? 3.833   -21.311 -3.428  1.00 96.11  ? 181 GLU B C   1 
ATOM 1400 O O   . GLU B 1 181 ? 3.636   -22.136 -4.324  1.00 96.11  ? 181 GLU B O   1 
ATOM 1401 C CB  . GLU B 1 181 ? 2.619   -21.547 -1.259  1.00 96.11  ? 181 GLU B CB  1 
ATOM 1402 C CG  . GLU B 1 181 ? 1.468   -22.339 -1.835  1.00 96.11  ? 181 GLU B CG  1 
ATOM 1403 C CD  . GLU B 1 181 ? 1.657   -23.831 -1.683  1.00 96.11  ? 181 GLU B CD  1 
ATOM 1404 O OE1 . GLU B 1 181 ? 2.124   -24.472 -2.646  1.00 96.11  ? 181 GLU B OE1 1 
ATOM 1405 O OE2 . GLU B 1 181 ? 1.336   -24.361 -0.600  1.00 96.11  ? 181 GLU B OE2 1 
ATOM 1406 N N   . ALA B 1 182 ? 4.016   -20.017 -3.681  1.00 92.63  ? 182 ALA B N   1 
ATOM 1407 C CA  . ALA B 1 182 ? 3.948   -19.520 -5.049  1.00 92.63  ? 182 ALA B CA  1 
ATOM 1408 C C   . ALA B 1 182 ? 5.182   -19.919 -5.841  1.00 92.63  ? 182 ALA B C   1 
ATOM 1409 O O   . ALA B 1 182 ? 5.189   -19.849 -7.074  1.00 92.63  ? 182 ALA B O   1 
ATOM 1410 C CB  . ALA B 1 182 ? 3.783   -18.003 -5.047  1.00 92.63  ? 182 ALA B CB  1 
ATOM 1411 N N   . TYR B 1 183 ? 6.241   -20.328 -5.147  1.00 107.46 ? 183 TYR B N   1 
ATOM 1412 C CA  . TYR B 1 183 ? 7.408   -20.855 -5.836  1.00 107.46 ? 183 TYR B CA  1 
ATOM 1413 C C   . TYR B 1 183 ? 7.210   -22.317 -6.203  1.00 107.46 ? 183 TYR B C   1 
ATOM 1414 O O   . TYR B 1 183 ? 7.625   -22.755 -7.281  1.00 107.46 ? 183 TYR B O   1 
ATOM 1415 C CB  . TYR B 1 183 ? 8.647   -20.678 -4.961  1.00 107.46 ? 183 TYR B CB  1 
ATOM 1416 C CG  . TYR B 1 183 ? 9.915   -21.249 -5.550  1.00 107.46 ? 183 TYR B CG  1 
ATOM 1417 C CD1 . TYR B 1 183 ? 10.732  -22.087 -4.806  1.00 107.46 ? 183 TYR B CD1 1 
ATOM 1418 C CD2 . TYR B 1 183 ? 10.297  -20.944 -6.848  1.00 107.46 ? 183 TYR B CD2 1 
ATOM 1419 C CE1 . TYR B 1 183 ? 11.897  -22.601 -5.341  1.00 107.46 ? 183 TYR B CE1 1 
ATOM 1420 C CE2 . TYR B 1 183 ? 11.450  -21.455 -7.391  1.00 107.46 ? 183 TYR B CE2 1 
ATOM 1421 C CZ  . TYR B 1 183 ? 12.248  -22.280 -6.636  1.00 107.46 ? 183 TYR B CZ  1 
ATOM 1422 O OH  . TYR B 1 183 ? 13.401  -22.788 -7.185  1.00 107.46 ? 183 TYR B OH  1 
ATOM 1423 N N   . GLN B 1 184 ? 6.546   -23.072 -5.324  1.00 107.90 ? 184 GLN B N   1 
ATOM 1424 C CA  . GLN B 1 184 ? 6.496   -24.527 -5.447  1.00 107.90 ? 184 GLN B CA  1 
ATOM 1425 C C   . GLN B 1 184 ? 5.650   -24.958 -6.641  1.00 107.90 ? 184 GLN B C   1 
ATOM 1426 O O   . GLN B 1 184 ? 5.870   -26.028 -7.221  1.00 107.90 ? 184 GLN B O   1 
ATOM 1427 C CB  . GLN B 1 184 ? 5.972   -25.123 -4.137  1.00 107.90 ? 184 GLN B CB  1 
ATOM 1428 C CG  . GLN B 1 184 ? 5.879   -26.635 -4.090  1.00 107.90 ? 184 GLN B CG  1 
ATOM 1429 C CD  . GLN B 1 184 ? 5.134   -27.129 -2.878  1.00 107.90 ? 184 GLN B CD  1 
ATOM 1430 O OE1 . GLN B 1 184 ? 5.161   -26.499 -1.825  1.00 107.90 ? 184 GLN B OE1 1 
ATOM 1431 N NE2 . GLN B 1 184 ? 4.455   -28.259 -3.019  1.00 107.90 ? 184 GLN B NE2 1 
ATOM 1432 N N   . THR B 1 185 ? 4.714   -24.107 -7.067  1.00 101.91 ? 185 THR B N   1 
ATOM 1433 C CA  . THR B 1 185 ? 3.883   -24.440 -8.221  1.00 101.91 ? 185 THR B CA  1 
ATOM 1434 C C   . THR B 1 185 ? 4.682   -24.389 -9.513  1.00 101.91 ? 185 THR B C   1 
ATOM 1435 O O   . THR B 1 185 ? 4.253   -24.924 -10.540 1.00 101.91 ? 185 THR B O   1 
ATOM 1436 C CB  . THR B 1 185 ? 2.703   -23.485 -8.344  1.00 101.91 ? 185 THR B CB  1 
ATOM 1437 O OG1 . THR B 1 185 ? 3.209   -22.152 -8.476  1.00 101.91 ? 185 THR B OG1 1 
ATOM 1438 C CG2 . THR B 1 185 ? 1.857   -23.520 -7.102  1.00 101.91 ? 185 THR B CG2 1 
ATOM 1439 N N   . THR B 1 186 ? 5.831   -23.723 -9.494  1.00 107.06 ? 186 THR B N   1 
ATOM 1440 C CA  . THR B 1 186 ? 6.656   -23.677 -10.690 1.00 107.06 ? 186 THR B CA  1 
ATOM 1441 C C   . THR B 1 186 ? 7.990   -24.378 -10.446 1.00 107.06 ? 186 THR B C   1 
ATOM 1442 O O   . THR B 1 186 ? 8.656   -24.825 -11.390 1.00 107.06 ? 186 THR B O   1 
ATOM 1443 C CB  . THR B 1 186 ? 6.825   -22.219 -11.114 1.00 107.06 ? 186 THR B CB  1 
ATOM 1444 O OG1 . THR B 1 186 ? 5.531   -21.609 -11.130 1.00 107.06 ? 186 THR B OG1 1 
ATOM 1445 C CG2 . THR B 1 186 ? 7.392   -22.110 -12.523 1.00 107.06 ? 186 THR B CG2 1 
ATOM 1446 N N   . ALA B 1 187 ? 8.363   -24.548 -9.175  1.00 117.86 ? 187 ALA B N   1 
ATOM 1447 C CA  . ALA B 1 187 ? 9.609   -25.241 -8.858  1.00 117.86 ? 187 ALA B CA  1 
ATOM 1448 C C   . ALA B 1 187 ? 9.493   -26.747 -9.076  1.00 117.86 ? 187 ALA B C   1 
ATOM 1449 O O   . ALA B 1 187 ? 10.511  -27.448 -9.129  1.00 117.86 ? 187 ALA B O   1 
ATOM 1450 C CB  . ALA B 1 187 ? 10.017  -24.950 -7.416  1.00 117.86 ? 187 ALA B CB  1 
ATOM 1451 N N   . LEU B 1 188 ? 8.267   -27.266 -9.196  1.00 125.38 ? 188 LEU B N   1 
ATOM 1452 C CA  . LEU B 1 188 ? 8.077   -28.709 -9.304  1.00 125.38 ? 188 LEU B CA  1 
ATOM 1453 C C   . LEU B 1 188 ? 8.472   -29.226 -10.678 1.00 125.38 ? 188 LEU B C   1 
ATOM 1454 O O   . LEU B 1 188 ? 9.376   -30.060 -10.799 1.00 125.38 ? 188 LEU B O   1 
ATOM 1455 C CB  . LEU B 1 188 ? 6.623   -29.073 -9.008  1.00 125.38 ? 188 LEU B CB  1 
ATOM 1456 C CG  . LEU B 1 188 ? 6.331   -30.556 -8.764  1.00 125.38 ? 188 LEU B CG  1 
ATOM 1457 C CD1 . LEU B 1 188 ? 7.079   -31.067 -7.539  1.00 125.38 ? 188 LEU B CD1 1 
ATOM 1458 C CD2 . LEU B 1 188 ? 4.836   -30.800 -8.627  1.00 125.38 ? 188 LEU B CD2 1 
ATOM 1459 N N   . THR B 1 189 ? 7.820   -28.730 -11.724 1.00 129.64 ? 189 THR B N   1 
ATOM 1460 C CA  . THR B 1 189 ? 7.956   -29.286 -13.062 1.00 129.64 ? 189 THR B CA  1 
ATOM 1461 C C   . THR B 1 189 ? 8.926   -28.429 -13.870 1.00 129.64 ? 189 THR B C   1 
ATOM 1462 O O   . THR B 1 189 ? 8.884   -28.392 -15.105 1.00 129.64 ? 189 THR B O   1 
ATOM 1463 C CB  . THR B 1 189 ? 6.582   -29.371 -13.753 1.00 129.64 ? 189 THR B CB  1 
ATOM 1464 O OG1 . THR B 1 189 ? 6.006   -28.062 -13.826 1.00 129.64 ? 189 THR B OG1 1 
ATOM 1465 C CG2 . THR B 1 189 ? 5.631   -30.298 -12.993 1.00 129.64 ? 189 THR B CG2 1 
ATOM 1466 N N   . GLU B 1 190 ? 9.845   -27.783 -13.151 1.00 130.95 ? 190 GLU B N   1 
ATOM 1467 C CA  . GLU B 1 190 ? 10.892  -26.957 -13.740 1.00 130.95 ? 190 GLU B CA  1 
ATOM 1468 C C   . GLU B 1 190 ? 11.959  -26.642 -12.707 1.00 130.95 ? 190 GLU B C   1 
ATOM 1469 O O   . GLU B 1 190 ? 11.639  -26.259 -11.577 1.00 130.95 ? 190 GLU B O   1 
ATOM 1470 C CB  . GLU B 1 190 ? 10.310  -25.657 -14.302 1.00 130.95 ? 190 GLU B CB  1 
ATOM 1471 C CG  . GLU B 1 190 ? 11.346  -24.662 -14.796 1.00 130.95 ? 190 GLU B CG  1 
ATOM 1472 C CD  . GLU B 1 190 ? 12.232  -25.205 -15.901 1.00 130.95 ? 190 GLU B CD  1 
ATOM 1473 O OE1 . GLU B 1 190 ? 11.748  -25.989 -16.745 1.00 130.95 ? 190 GLU B OE1 1 
ATOM 1474 O OE2 . GLU B 1 190 ? 13.428  -24.851 -15.915 1.00 130.95 ? 190 GLU B OE2 1 
ATOM 1475 N N   . ARG B 1 191 ? 13.226  -26.766 -13.108 1.00 146.67 ? 191 ARG B N   1 
ATOM 1476 C CA  . ARG B 1 191 ? 14.377  -26.460 -12.270 1.00 146.67 ? 191 ARG B CA  1 
ATOM 1477 C C   . ARG B 1 191 ? 15.624  -26.342 -13.138 1.00 146.67 ? 191 ARG B C   1 
ATOM 1478 O O   . ARG B 1 191 ? 15.737  -27.010 -14.170 1.00 146.67 ? 191 ARG B O   1 
ATOM 1479 C CB  . ARG B 1 191 ? 14.562  -27.548 -11.187 1.00 146.67 ? 191 ARG B CB  1 
ATOM 1480 C CG  . ARG B 1 191 ? 13.468  -27.642 -10.103 1.00 146.67 ? 191 ARG B CG  1 
ATOM 1481 C CD  . ARG B 1 191 ? 13.729  -28.704 -9.031  1.00 146.67 ? 191 ARG B CD  1 
ATOM 1482 N NE  . ARG B 1 191 ? 12.634  -28.806 -8.067  1.00 146.67 ? 191 ARG B NE  1 
ATOM 1483 C CZ  . ARG B 1 191 ? 12.561  -29.725 -7.109  1.00 146.67 ? 191 ARG B CZ  1 
ATOM 1484 N NH1 . ARG B 1 191 ? 13.517  -30.636 -6.990  1.00 146.67 ? 191 ARG B NH1 1 
ATOM 1485 N NH2 . ARG B 1 191 ? 11.524  -29.742 -6.280  1.00 146.67 ? 191 ARG B NH2 1 
ATOM 1486 N N   . PHE B 1 192 ? 16.542  -25.458 -12.761 1.00 154.45 ? 192 PHE B N   1 
ATOM 1487 C CA  . PHE B 1 192 ? 17.953  -25.754 -12.909 1.00 154.45 ? 192 PHE B CA  1 
ATOM 1488 C C   . PHE B 1 192 ? 18.508  -25.731 -11.491 1.00 154.45 ? 192 PHE B C   1 
ATOM 1489 O O   . PHE B 1 192 ? 18.302  -24.779 -10.734 1.00 154.45 ? 192 PHE B O   1 
ATOM 1490 C CB  . PHE B 1 192 ? 18.654  -24.808 -13.904 1.00 154.45 ? 192 PHE B CB  1 
ATOM 1491 C CG  . PHE B 1 192 ? 19.029  -23.465 -13.342 1.00 154.45 ? 192 PHE B CG  1 
ATOM 1492 C CD1 . PHE B 1 192 ? 18.105  -22.439 -13.289 1.00 154.45 ? 192 PHE B CD1 1 
ATOM 1493 C CD2 . PHE B 1 192 ? 20.320  -23.226 -12.886 1.00 154.45 ? 192 PHE B CD2 1 
ATOM 1494 C CE1 . PHE B 1 192 ? 18.451  -21.202 -12.778 1.00 154.45 ? 192 PHE B CE1 1 
ATOM 1495 C CE2 . PHE B 1 192 ? 20.671  -21.996 -12.373 1.00 154.45 ? 192 PHE B CE2 1 
ATOM 1496 C CZ  . PHE B 1 192 ? 19.736  -20.982 -12.319 1.00 154.45 ? 192 PHE B CZ  1 
ATOM 1497 N N   . PHE B 1 193 ? 19.146  -26.823 -11.096 1.00 165.41 ? 193 PHE B N   1 
ATOM 1498 C CA  . PHE B 1 193 ? 19.538  -26.976 -9.704  1.00 165.41 ? 193 PHE B CA  1 
ATOM 1499 C C   . PHE B 1 193 ? 20.847  -26.236 -9.490  1.00 165.41 ? 193 PHE B C   1 
ATOM 1500 O O   . PHE B 1 193 ? 21.845  -26.523 -10.160 1.00 165.41 ? 193 PHE B O   1 
ATOM 1501 C CB  . PHE B 1 193 ? 19.633  -28.453 -9.277  1.00 165.41 ? 193 PHE B CB  1 
ATOM 1502 C CG  . PHE B 1 193 ? 20.279  -29.371 -10.288 1.00 165.41 ? 193 PHE B CG  1 
ATOM 1503 C CD1 . PHE B 1 193 ? 19.518  -29.999 -11.264 1.00 165.41 ? 193 PHE B CD1 1 
ATOM 1504 C CD2 . PHE B 1 193 ? 21.632  -29.664 -10.219 1.00 165.41 ? 193 PHE B CD2 1 
ATOM 1505 C CE1 . PHE B 1 193 ? 20.100  -30.856 -12.179 1.00 165.41 ? 193 PHE B CE1 1 
ATOM 1506 C CE2 . PHE B 1 193 ? 22.224  -30.523 -11.132 1.00 165.41 ? 193 PHE B CE2 1 
ATOM 1507 C CZ  . PHE B 1 193 ? 21.455  -31.122 -12.112 1.00 165.41 ? 193 PHE B CZ  1 
ATOM 1508 N N   . PRO B 1 194 ? 20.866  -25.248 -8.596  1.00 163.03 ? 194 PRO B N   1 
ATOM 1509 C CA  . PRO B 1 194 ? 22.058  -24.411 -8.457  1.00 163.03 ? 194 PRO B CA  1 
ATOM 1510 C C   . PRO B 1 194 ? 23.007  -24.897 -7.377  1.00 163.03 ? 194 PRO B C   1 
ATOM 1511 O O   . PRO B 1 194 ? 22.659  -25.736 -6.541  1.00 163.03 ? 194 PRO B O   1 
ATOM 1512 C CB  . PRO B 1 194 ? 21.480  -23.031 -8.107  1.00 163.03 ? 194 PRO B CB  1 
ATOM 1513 C CG  . PRO B 1 194 ? 19.990  -23.242 -7.882  1.00 163.03 ? 194 PRO B CG  1 
ATOM 1514 C CD  . PRO B 1 194 ? 19.753  -24.713 -7.803  1.00 163.03 ? 194 PRO B CD  1 
ATOM 1515 N N   . GLY B 1 195 ? 24.220  -24.358 -7.399  1.00 165.47 ? 195 GLY B N   1 
ATOM 1516 C CA  . GLY B 1 195 ? 25.230  -24.663 -6.409  1.00 165.47 ? 195 GLY B CA  1 
ATOM 1517 C C   . GLY B 1 195 ? 26.308  -23.599 -6.444  1.00 165.47 ? 195 GLY B C   1 
ATOM 1518 O O   . GLY B 1 195 ? 26.876  -23.229 -5.418  1.00 165.47 ? 195 GLY B O   1 
# 
